data_7M5A
# 
_entry.id   7M5A 
# 
_audit_conform.dict_name       mmcif_pdbx.dic 
_audit_conform.dict_version    5.397 
_audit_conform.dict_location   http://mmcif.pdb.org/dictionaries/ascii/mmcif_pdbx.dic 
# 
loop_
_database_2.database_id 
_database_2.database_code 
_database_2.pdbx_database_accession 
_database_2.pdbx_DOI 
PDB   7M5A         pdb_00007m5a 10.2210/pdb7m5a/pdb 
WWPDB D_1000255635 ?            ?                   
# 
loop_
_pdbx_audit_revision_history.ordinal 
_pdbx_audit_revision_history.data_content_type 
_pdbx_audit_revision_history.major_revision 
_pdbx_audit_revision_history.minor_revision 
_pdbx_audit_revision_history.revision_date 
1 'Structure model' 1 0 2022-01-12 
2 'Structure model' 1 1 2022-08-03 
3 'Structure model' 1 2 2023-10-18 
4 'Structure model' 1 3 2024-10-09 
# 
_pdbx_audit_revision_details.ordinal             1 
_pdbx_audit_revision_details.revision_ordinal    1 
_pdbx_audit_revision_details.data_content_type   'Structure model' 
_pdbx_audit_revision_details.provider            repository 
_pdbx_audit_revision_details.type                'Initial release' 
_pdbx_audit_revision_details.description         ? 
_pdbx_audit_revision_details.details             ? 
# 
loop_
_pdbx_audit_revision_group.ordinal 
_pdbx_audit_revision_group.revision_ordinal 
_pdbx_audit_revision_group.data_content_type 
_pdbx_audit_revision_group.group 
1 2 'Structure model' 'Database references'    
2 3 'Structure model' 'Data collection'        
3 3 'Structure model' 'Refinement description' 
4 4 'Structure model' 'Structure summary'      
# 
loop_
_pdbx_audit_revision_category.ordinal 
_pdbx_audit_revision_category.revision_ordinal 
_pdbx_audit_revision_category.data_content_type 
_pdbx_audit_revision_category.category 
1 2 'Structure model' citation                      
2 2 'Structure model' citation_author               
3 3 'Structure model' chem_comp_atom                
4 3 'Structure model' chem_comp_bond                
5 3 'Structure model' pdbx_initial_refinement_model 
6 4 'Structure model' pdbx_entry_details            
7 4 'Structure model' pdbx_modification_feature     
# 
loop_
_pdbx_audit_revision_item.ordinal 
_pdbx_audit_revision_item.revision_ordinal 
_pdbx_audit_revision_item.data_content_type 
_pdbx_audit_revision_item.item 
1  2 'Structure model' '_citation.country'                 
2  2 'Structure model' '_citation.journal_abbrev'          
3  2 'Structure model' '_citation.journal_id_CSD'          
4  2 'Structure model' '_citation.journal_id_ISSN'         
5  2 'Structure model' '_citation.journal_volume'          
6  2 'Structure model' '_citation.page_first'              
7  2 'Structure model' '_citation.page_last'               
8  2 'Structure model' '_citation.pdbx_database_id_DOI'    
9  2 'Structure model' '_citation.pdbx_database_id_PubMed' 
10 2 'Structure model' '_citation.title'                   
11 2 'Structure model' '_citation.year'                    
# 
_pdbx_database_status.status_code                     REL 
_pdbx_database_status.status_code_sf                  REL 
_pdbx_database_status.status_code_mr                  ? 
_pdbx_database_status.entry_id                        7M5A 
_pdbx_database_status.recvd_initial_deposition_date   2021-03-23 
_pdbx_database_status.SG_entry                        N 
_pdbx_database_status.deposit_site                    RCSB 
_pdbx_database_status.process_site                    RCSB 
_pdbx_database_status.status_code_cs                  ? 
_pdbx_database_status.status_code_nmr_data            ? 
_pdbx_database_status.methods_development_category    ? 
_pdbx_database_status.pdb_format_compatible           Y 
# 
loop_
_audit_author.name 
_audit_author.pdbx_ordinal 
_audit_author.identifier_ORCID 
'Singh, G.'      1 ? 
'Aggarwal, A.'   2 ? 
'Moldoveanu, T.' 3 ? 
# 
_citation.abstract                  ? 
_citation.abstract_id_CAS           ? 
_citation.book_id_ISBN              ? 
_citation.book_publisher            ? 
_citation.book_publisher_city       ? 
_citation.book_title                ? 
_citation.coordinate_linkage        ? 
_citation.country                   UK 
_citation.database_id_Medline       ? 
_citation.details                   ? 
_citation.id                        primary 
_citation.journal_abbrev            'Nat Commun' 
_citation.journal_id_ASTM           ? 
_citation.journal_id_CSD            ? 
_citation.journal_id_ISSN           2041-1723 
_citation.journal_full              ? 
_citation.journal_issue             ? 
_citation.journal_volume            13 
_citation.language                  ? 
_citation.page_first                250 
_citation.page_last                 250 
_citation.title                     'Structural basis of BAK activation in mitochondrial apoptosis initiation.' 
_citation.year                      2022 
_citation.database_id_CSD           ? 
_citation.pdbx_database_id_DOI      10.1038/s41467-021-27851-y 
_citation.pdbx_database_id_PubMed   35017502 
_citation.pdbx_database_id_patent   ? 
_citation.unpublished_flag          ? 
# 
loop_
_citation_author.citation_id 
_citation_author.name 
_citation_author.ordinal 
_citation_author.identifier_ORCID 
primary 'Singh, G.'          1 ?                   
primary 'Guibao, C.D.'       2 ?                   
primary 'Seetharaman, J.'    3 ?                   
primary 'Aggarwal, A.'       4 ?                   
primary 'Grace, C.R.'        5 ?                   
primary 'McNamara, D.E.'     6 ?                   
primary 'Vaithiyalingam, S.' 7 ?                   
primary 'Waddell, M.B.'      8 ?                   
primary 'Moldoveanu, T.'     9 0000-0003-0791-318X 
# 
loop_
_entity.id 
_entity.type 
_entity.src_method 
_entity.pdbx_description 
_entity.formula_weight 
_entity.pdbx_number_of_molecules 
_entity.pdbx_ec 
_entity.pdbx_mutation 
_entity.pdbx_fragment 
_entity.details 
1 polymer man 'Bcl-2 homologous antagonist/killer'       18714.982 1   ? ? ? ? 
2 polymer syn 'BH3-interacting domain death agonist p15' 2673.962  1   ? ? ? ? 
3 water   nat water                                      18.015    141 ? ? ? ? 
# 
loop_
_entity_name_com.entity_id 
_entity_name_com.name 
1 'Apoptosis regulator BAK,Bcl-2-like protein 7,Bcl2-L-7' 
2 'p15 BID'                                               
# 
loop_
_entity_poly.entity_id 
_entity_poly.type 
_entity_poly.nstd_linkage 
_entity_poly.nstd_monomer 
_entity_poly.pdbx_seq_one_letter_code 
_entity_poly.pdbx_seq_one_letter_code_can 
_entity_poly.pdbx_strand_id 
_entity_poly.pdbx_target_identifier 
1 'polypeptide(L)' no no 
;SASEEQVAQDTEEVFRSYVFYRHQQEQEAEGVAAPADPEMVTLPLQPSSTMGQVGRQLAIIGDDINRRYDSEFQTMLQHL
QPTAENAYEYFTKIATSLFESGINWGRVVALLGFGYRLALHVYQHGLTGFLGQVTRFVVDFMLHHCIARWIAQRGGWVAA
LNLCNG
;
;SASEEQVAQDTEEVFRSYVFYRHQQEQEAEGVAAPADPEMVTLPLQPSSTMGQVGRQLAIIGDDINRRYDSEFQTMLQHL
QPTAENAYEYFTKIATSLFESGINWGRVVALLGFGYRLALHVYQHGLTGFLGQVTRFVVDFMLHHCIARWIAQRGGWVAA
LNLCNG
;
A ? 
2 'polypeptide(L)' no no EDIIRNIARHLAQWGDSMDRSW EDIIRNIARHLAQWGDSMDRSW B ? 
# 
_pdbx_entity_nonpoly.entity_id   3 
_pdbx_entity_nonpoly.name        water 
_pdbx_entity_nonpoly.comp_id     HOH 
# 
loop_
_entity_poly_seq.entity_id 
_entity_poly_seq.num 
_entity_poly_seq.mon_id 
_entity_poly_seq.hetero 
1 1   SER n 
1 2   ALA n 
1 3   SER n 
1 4   GLU n 
1 5   GLU n 
1 6   GLN n 
1 7   VAL n 
1 8   ALA n 
1 9   GLN n 
1 10  ASP n 
1 11  THR n 
1 12  GLU n 
1 13  GLU n 
1 14  VAL n 
1 15  PHE n 
1 16  ARG n 
1 17  SER n 
1 18  TYR n 
1 19  VAL n 
1 20  PHE n 
1 21  TYR n 
1 22  ARG n 
1 23  HIS n 
1 24  GLN n 
1 25  GLN n 
1 26  GLU n 
1 27  GLN n 
1 28  GLU n 
1 29  ALA n 
1 30  GLU n 
1 31  GLY n 
1 32  VAL n 
1 33  ALA n 
1 34  ALA n 
1 35  PRO n 
1 36  ALA n 
1 37  ASP n 
1 38  PRO n 
1 39  GLU n 
1 40  MET n 
1 41  VAL n 
1 42  THR n 
1 43  LEU n 
1 44  PRO n 
1 45  LEU n 
1 46  GLN n 
1 47  PRO n 
1 48  SER n 
1 49  SER n 
1 50  THR n 
1 51  MET n 
1 52  GLY n 
1 53  GLN n 
1 54  VAL n 
1 55  GLY n 
1 56  ARG n 
1 57  GLN n 
1 58  LEU n 
1 59  ALA n 
1 60  ILE n 
1 61  ILE n 
1 62  GLY n 
1 63  ASP n 
1 64  ASP n 
1 65  ILE n 
1 66  ASN n 
1 67  ARG n 
1 68  ARG n 
1 69  TYR n 
1 70  ASP n 
1 71  SER n 
1 72  GLU n 
1 73  PHE n 
1 74  GLN n 
1 75  THR n 
1 76  MET n 
1 77  LEU n 
1 78  GLN n 
1 79  HIS n 
1 80  LEU n 
1 81  GLN n 
1 82  PRO n 
1 83  THR n 
1 84  ALA n 
1 85  GLU n 
1 86  ASN n 
1 87  ALA n 
1 88  TYR n 
1 89  GLU n 
1 90  TYR n 
1 91  PHE n 
1 92  THR n 
1 93  LYS n 
1 94  ILE n 
1 95  ALA n 
1 96  THR n 
1 97  SER n 
1 98  LEU n 
1 99  PHE n 
1 100 GLU n 
1 101 SER n 
1 102 GLY n 
1 103 ILE n 
1 104 ASN n 
1 105 TRP n 
1 106 GLY n 
1 107 ARG n 
1 108 VAL n 
1 109 VAL n 
1 110 ALA n 
1 111 LEU n 
1 112 LEU n 
1 113 GLY n 
1 114 PHE n 
1 115 GLY n 
1 116 TYR n 
1 117 ARG n 
1 118 LEU n 
1 119 ALA n 
1 120 LEU n 
1 121 HIS n 
1 122 VAL n 
1 123 TYR n 
1 124 GLN n 
1 125 HIS n 
1 126 GLY n 
1 127 LEU n 
1 128 THR n 
1 129 GLY n 
1 130 PHE n 
1 131 LEU n 
1 132 GLY n 
1 133 GLN n 
1 134 VAL n 
1 135 THR n 
1 136 ARG n 
1 137 PHE n 
1 138 VAL n 
1 139 VAL n 
1 140 ASP n 
1 141 PHE n 
1 142 MET n 
1 143 LEU n 
1 144 HIS n 
1 145 HIS n 
1 146 CYS n 
1 147 ILE n 
1 148 ALA n 
1 149 ARG n 
1 150 TRP n 
1 151 ILE n 
1 152 ALA n 
1 153 GLN n 
1 154 ARG n 
1 155 GLY n 
1 156 GLY n 
1 157 TRP n 
1 158 VAL n 
1 159 ALA n 
1 160 ALA n 
1 161 LEU n 
1 162 ASN n 
1 163 LEU n 
1 164 CYS n 
1 165 ASN n 
1 166 GLY n 
2 1   GLU n 
2 2   ASP n 
2 3   ILE n 
2 4   ILE n 
2 5   ARG n 
2 6   ASN n 
2 7   ILE n 
2 8   ALA n 
2 9   ARG n 
2 10  HIS n 
2 11  LEU n 
2 12  ALA n 
2 13  GLN n 
2 14  TRP n 
2 15  GLY n 
2 16  ASP n 
2 17  SER n 
2 18  MET n 
2 19  ASP n 
2 20  ARG n 
2 21  SER n 
2 22  TRP n 
# 
_entity_src_gen.entity_id                          1 
_entity_src_gen.pdbx_src_id                        1 
_entity_src_gen.pdbx_alt_source_flag               sample 
_entity_src_gen.pdbx_seq_type                      'Biological sequence' 
_entity_src_gen.pdbx_beg_seq_num                   1 
_entity_src_gen.pdbx_end_seq_num                   166 
_entity_src_gen.gene_src_common_name               Human 
_entity_src_gen.gene_src_genus                     ? 
_entity_src_gen.pdbx_gene_src_gene                 'BAK1, BAK, BCL2L7, CDN1' 
_entity_src_gen.gene_src_species                   ? 
_entity_src_gen.gene_src_strain                    ? 
_entity_src_gen.gene_src_tissue                    ? 
_entity_src_gen.gene_src_tissue_fraction           ? 
_entity_src_gen.gene_src_details                   ? 
_entity_src_gen.pdbx_gene_src_fragment             ? 
_entity_src_gen.pdbx_gene_src_scientific_name      'Homo sapiens' 
_entity_src_gen.pdbx_gene_src_ncbi_taxonomy_id     9606 
_entity_src_gen.pdbx_gene_src_variant              ? 
_entity_src_gen.pdbx_gene_src_cell_line            ? 
_entity_src_gen.pdbx_gene_src_atcc                 ? 
_entity_src_gen.pdbx_gene_src_organ                ? 
_entity_src_gen.pdbx_gene_src_organelle            ? 
_entity_src_gen.pdbx_gene_src_cell                 ? 
_entity_src_gen.pdbx_gene_src_cellular_location    ? 
_entity_src_gen.host_org_common_name               ? 
_entity_src_gen.pdbx_host_org_scientific_name      'Escherichia coli' 
_entity_src_gen.pdbx_host_org_ncbi_taxonomy_id     562 
_entity_src_gen.host_org_genus                     ? 
_entity_src_gen.pdbx_host_org_gene                 ? 
_entity_src_gen.pdbx_host_org_organ                ? 
_entity_src_gen.host_org_species                   ? 
_entity_src_gen.pdbx_host_org_tissue               ? 
_entity_src_gen.pdbx_host_org_tissue_fraction      ? 
_entity_src_gen.pdbx_host_org_strain               'T7 placI/Y' 
_entity_src_gen.pdbx_host_org_variant              ? 
_entity_src_gen.pdbx_host_org_cell_line            ? 
_entity_src_gen.pdbx_host_org_atcc                 ? 
_entity_src_gen.pdbx_host_org_culture_collection   ? 
_entity_src_gen.pdbx_host_org_cell                 ? 
_entity_src_gen.pdbx_host_org_organelle            ? 
_entity_src_gen.pdbx_host_org_cellular_location    ? 
_entity_src_gen.pdbx_host_org_vector_type          plasmid 
_entity_src_gen.pdbx_host_org_vector               ? 
_entity_src_gen.host_org_details                   ? 
_entity_src_gen.expression_system_id               ? 
_entity_src_gen.plasmid_name                       pNIC28Bsa4 
_entity_src_gen.plasmid_details                    ? 
_entity_src_gen.pdbx_description                   ? 
# 
_pdbx_entity_src_syn.entity_id              2 
_pdbx_entity_src_syn.pdbx_src_id            1 
_pdbx_entity_src_syn.pdbx_alt_source_flag   sample 
_pdbx_entity_src_syn.pdbx_beg_seq_num       1 
_pdbx_entity_src_syn.pdbx_end_seq_num       22 
_pdbx_entity_src_syn.organism_scientific    'Homo sapiens' 
_pdbx_entity_src_syn.organism_common_name   Human 
_pdbx_entity_src_syn.ncbi_taxonomy_id       9606 
_pdbx_entity_src_syn.details                ? 
# 
loop_
_chem_comp.id 
_chem_comp.type 
_chem_comp.mon_nstd_flag 
_chem_comp.name 
_chem_comp.pdbx_synonyms 
_chem_comp.formula 
_chem_comp.formula_weight 
ALA 'L-peptide linking' y ALANINE         ? 'C3 H7 N O2'     89.093  
ARG 'L-peptide linking' y ARGININE        ? 'C6 H15 N4 O2 1' 175.209 
ASN 'L-peptide linking' y ASPARAGINE      ? 'C4 H8 N2 O3'    132.118 
ASP 'L-peptide linking' y 'ASPARTIC ACID' ? 'C4 H7 N O4'     133.103 
CYS 'L-peptide linking' y CYSTEINE        ? 'C3 H7 N O2 S'   121.158 
GLN 'L-peptide linking' y GLUTAMINE       ? 'C5 H10 N2 O3'   146.144 
GLU 'L-peptide linking' y 'GLUTAMIC ACID' ? 'C5 H9 N O4'     147.129 
GLY 'peptide linking'   y GLYCINE         ? 'C2 H5 N O2'     75.067  
HIS 'L-peptide linking' y HISTIDINE       ? 'C6 H10 N3 O2 1' 156.162 
HOH non-polymer         . WATER           ? 'H2 O'           18.015  
ILE 'L-peptide linking' y ISOLEUCINE      ? 'C6 H13 N O2'    131.173 
LEU 'L-peptide linking' y LEUCINE         ? 'C6 H13 N O2'    131.173 
LYS 'L-peptide linking' y LYSINE          ? 'C6 H15 N2 O2 1' 147.195 
MET 'L-peptide linking' y METHIONINE      ? 'C5 H11 N O2 S'  149.211 
PHE 'L-peptide linking' y PHENYLALANINE   ? 'C9 H11 N O2'    165.189 
PRO 'L-peptide linking' y PROLINE         ? 'C5 H9 N O2'     115.130 
SER 'L-peptide linking' y SERINE          ? 'C3 H7 N O3'     105.093 
THR 'L-peptide linking' y THREONINE       ? 'C4 H9 N O3'     119.119 
TRP 'L-peptide linking' y TRYPTOPHAN      ? 'C11 H12 N2 O2'  204.225 
TYR 'L-peptide linking' y TYROSINE        ? 'C9 H11 N O3'    181.189 
VAL 'L-peptide linking' y VALINE          ? 'C5 H11 N O2'    117.146 
# 
loop_
_pdbx_poly_seq_scheme.asym_id 
_pdbx_poly_seq_scheme.entity_id 
_pdbx_poly_seq_scheme.seq_id 
_pdbx_poly_seq_scheme.mon_id 
_pdbx_poly_seq_scheme.ndb_seq_num 
_pdbx_poly_seq_scheme.pdb_seq_num 
_pdbx_poly_seq_scheme.auth_seq_num 
_pdbx_poly_seq_scheme.pdb_mon_id 
_pdbx_poly_seq_scheme.auth_mon_id 
_pdbx_poly_seq_scheme.pdb_strand_id 
_pdbx_poly_seq_scheme.pdb_ins_code 
_pdbx_poly_seq_scheme.hetero 
A 1 1   SER 1   21  ?   ?   ?   A . n 
A 1 2   ALA 2   22  22  ALA ALA A . n 
A 1 3   SER 3   23  23  SER SER A . n 
A 1 4   GLU 4   24  24  GLU GLU A . n 
A 1 5   GLU 5   25  25  GLU GLU A . n 
A 1 6   GLN 6   26  26  GLN GLN A . n 
A 1 7   VAL 7   27  27  VAL VAL A . n 
A 1 8   ALA 8   28  28  ALA ALA A . n 
A 1 9   GLN 9   29  29  GLN GLN A . n 
A 1 10  ASP 10  30  30  ASP ASP A . n 
A 1 11  THR 11  31  31  THR THR A . n 
A 1 12  GLU 12  32  32  GLU GLU A . n 
A 1 13  GLU 13  33  33  GLU GLU A . n 
A 1 14  VAL 14  34  34  VAL VAL A . n 
A 1 15  PHE 15  35  35  PHE PHE A . n 
A 1 16  ARG 16  36  36  ARG ARG A . n 
A 1 17  SER 17  37  37  SER SER A . n 
A 1 18  TYR 18  38  38  TYR TYR A . n 
A 1 19  VAL 19  39  39  VAL VAL A . n 
A 1 20  PHE 20  40  40  PHE PHE A . n 
A 1 21  TYR 21  41  41  TYR TYR A . n 
A 1 22  ARG 22  42  42  ARG ARG A . n 
A 1 23  HIS 23  43  43  HIS HIS A . n 
A 1 24  GLN 24  44  44  GLN GLN A . n 
A 1 25  GLN 25  45  45  GLN GLN A . n 
A 1 26  GLU 26  46  46  GLU GLU A . n 
A 1 27  GLN 27  47  47  GLN GLN A . n 
A 1 28  GLU 28  48  48  GLU GLU A . n 
A 1 29  ALA 29  49  49  ALA ALA A . n 
A 1 30  GLU 30  50  ?   ?   ?   A . n 
A 1 31  GLY 31  51  ?   ?   ?   A . n 
A 1 32  VAL 32  52  ?   ?   ?   A . n 
A 1 33  ALA 33  53  ?   ?   ?   A . n 
A 1 34  ALA 34  54  ?   ?   ?   A . n 
A 1 35  PRO 35  55  ?   ?   ?   A . n 
A 1 36  ALA 36  56  56  ALA ALA A . n 
A 1 37  ASP 37  57  57  ASP ASP A . n 
A 1 38  PRO 38  58  58  PRO PRO A . n 
A 1 39  GLU 39  59  59  GLU GLU A . n 
A 1 40  MET 40  60  60  MET MET A . n 
A 1 41  VAL 41  61  61  VAL VAL A . n 
A 1 42  THR 42  62  62  THR THR A . n 
A 1 43  LEU 43  63  63  LEU LEU A . n 
A 1 44  PRO 44  64  64  PRO PRO A . n 
A 1 45  LEU 45  65  65  LEU LEU A . n 
A 1 46  GLN 46  66  66  GLN GLN A . n 
A 1 47  PRO 47  67  67  PRO PRO A . n 
A 1 48  SER 48  68  68  SER SER A . n 
A 1 49  SER 49  69  69  SER SER A . n 
A 1 50  THR 50  70  70  THR THR A . n 
A 1 51  MET 51  71  71  MET MET A . n 
A 1 52  GLY 52  72  72  GLY GLY A . n 
A 1 53  GLN 53  73  73  GLN GLN A . n 
A 1 54  VAL 54  74  74  VAL VAL A . n 
A 1 55  GLY 55  75  75  GLY GLY A . n 
A 1 56  ARG 56  76  76  ARG ARG A . n 
A 1 57  GLN 57  77  77  GLN GLN A . n 
A 1 58  LEU 58  78  78  LEU LEU A . n 
A 1 59  ALA 59  79  79  ALA ALA A . n 
A 1 60  ILE 60  80  80  ILE ILE A . n 
A 1 61  ILE 61  81  81  ILE ILE A . n 
A 1 62  GLY 62  82  82  GLY GLY A . n 
A 1 63  ASP 63  83  83  ASP ASP A . n 
A 1 64  ASP 64  84  84  ASP ASP A . n 
A 1 65  ILE 65  85  85  ILE ILE A . n 
A 1 66  ASN 66  86  86  ASN ASN A . n 
A 1 67  ARG 67  87  87  ARG ARG A . n 
A 1 68  ARG 68  88  88  ARG ARG A . n 
A 1 69  TYR 69  89  89  TYR TYR A . n 
A 1 70  ASP 70  90  90  ASP ASP A . n 
A 1 71  SER 71  91  91  SER SER A . n 
A 1 72  GLU 72  92  92  GLU GLU A . n 
A 1 73  PHE 73  93  93  PHE PHE A . n 
A 1 74  GLN 74  94  94  GLN GLN A . n 
A 1 75  THR 75  95  95  THR THR A . n 
A 1 76  MET 76  96  96  MET MET A . n 
A 1 77  LEU 77  97  97  LEU LEU A . n 
A 1 78  GLN 78  98  98  GLN GLN A . n 
A 1 79  HIS 79  99  99  HIS HIS A . n 
A 1 80  LEU 80  100 100 LEU LEU A . n 
A 1 81  GLN 81  101 101 GLN GLN A . n 
A 1 82  PRO 82  102 102 PRO PRO A . n 
A 1 83  THR 83  103 103 THR THR A . n 
A 1 84  ALA 84  104 104 ALA ALA A . n 
A 1 85  GLU 85  105 105 GLU GLU A . n 
A 1 86  ASN 86  106 106 ASN ASN A . n 
A 1 87  ALA 87  107 107 ALA ALA A . n 
A 1 88  TYR 88  108 108 TYR TYR A . n 
A 1 89  GLU 89  109 109 GLU GLU A . n 
A 1 90  TYR 90  110 110 TYR TYR A . n 
A 1 91  PHE 91  111 111 PHE PHE A . n 
A 1 92  THR 92  112 112 THR THR A . n 
A 1 93  LYS 93  113 113 LYS LYS A . n 
A 1 94  ILE 94  114 114 ILE ILE A . n 
A 1 95  ALA 95  115 115 ALA ALA A . n 
A 1 96  THR 96  116 116 THR THR A . n 
A 1 97  SER 97  117 117 SER SER A . n 
A 1 98  LEU 98  118 118 LEU LEU A . n 
A 1 99  PHE 99  119 119 PHE PHE A . n 
A 1 100 GLU 100 120 120 GLU GLU A . n 
A 1 101 SER 101 121 121 SER SER A . n 
A 1 102 GLY 102 122 122 GLY GLY A . n 
A 1 103 ILE 103 123 123 ILE ILE A . n 
A 1 104 ASN 104 124 124 ASN ASN A . n 
A 1 105 TRP 105 125 125 TRP TRP A . n 
A 1 106 GLY 106 126 126 GLY GLY A . n 
A 1 107 ARG 107 127 127 ARG ARG A . n 
A 1 108 VAL 108 128 128 VAL VAL A . n 
A 1 109 VAL 109 129 129 VAL VAL A . n 
A 1 110 ALA 110 130 130 ALA ALA A . n 
A 1 111 LEU 111 131 131 LEU LEU A . n 
A 1 112 LEU 112 132 132 LEU LEU A . n 
A 1 113 GLY 113 133 133 GLY GLY A . n 
A 1 114 PHE 114 134 134 PHE PHE A . n 
A 1 115 GLY 115 135 135 GLY GLY A . n 
A 1 116 TYR 116 136 136 TYR TYR A . n 
A 1 117 ARG 117 137 137 ARG ARG A . n 
A 1 118 LEU 118 138 138 LEU LEU A . n 
A 1 119 ALA 119 139 139 ALA ALA A . n 
A 1 120 LEU 120 140 140 LEU LEU A . n 
A 1 121 HIS 121 141 141 HIS HIS A . n 
A 1 122 VAL 122 142 142 VAL VAL A . n 
A 1 123 TYR 123 143 143 TYR TYR A . n 
A 1 124 GLN 124 144 144 GLN GLN A . n 
A 1 125 HIS 125 145 145 HIS HIS A . n 
A 1 126 GLY 126 146 146 GLY GLY A . n 
A 1 127 LEU 127 147 147 LEU LEU A . n 
A 1 128 THR 128 148 148 THR THR A . n 
A 1 129 GLY 129 149 149 GLY GLY A . n 
A 1 130 PHE 130 150 150 PHE PHE A . n 
A 1 131 LEU 131 151 151 LEU LEU A . n 
A 1 132 GLY 132 152 152 GLY GLY A . n 
A 1 133 GLN 133 153 153 GLN GLN A . n 
A 1 134 VAL 134 154 154 VAL VAL A . n 
A 1 135 THR 135 155 155 THR THR A . n 
A 1 136 ARG 136 156 156 ARG ARG A . n 
A 1 137 PHE 137 157 157 PHE PHE A . n 
A 1 138 VAL 138 158 158 VAL VAL A . n 
A 1 139 VAL 139 159 159 VAL VAL A . n 
A 1 140 ASP 140 160 160 ASP ASP A . n 
A 1 141 PHE 141 161 161 PHE PHE A . n 
A 1 142 MET 142 162 162 MET MET A . n 
A 1 143 LEU 143 163 163 LEU LEU A . n 
A 1 144 HIS 144 164 164 HIS HIS A . n 
A 1 145 HIS 145 165 165 HIS HIS A . n 
A 1 146 CYS 146 166 166 CYS CYS A . n 
A 1 147 ILE 147 167 167 ILE ILE A . n 
A 1 148 ALA 148 168 168 ALA ALA A . n 
A 1 149 ARG 149 169 169 ARG ARG A . n 
A 1 150 TRP 150 170 170 TRP TRP A . n 
A 1 151 ILE 151 171 171 ILE ILE A . n 
A 1 152 ALA 152 172 172 ALA ALA A . n 
A 1 153 GLN 153 173 173 GLN GLN A . n 
A 1 154 ARG 154 174 174 ARG ARG A . n 
A 1 155 GLY 155 175 175 GLY GLY A . n 
A 1 156 GLY 156 176 176 GLY GLY A . n 
A 1 157 TRP 157 177 177 TRP TRP A . n 
A 1 158 VAL 158 178 178 VAL VAL A . n 
A 1 159 ALA 159 179 179 ALA ALA A . n 
A 1 160 ALA 160 180 180 ALA ALA A . n 
A 1 161 LEU 161 181 181 LEU LEU A . n 
A 1 162 ASN 162 182 182 ASN ASN A . n 
A 1 163 LEU 163 183 183 LEU LEU A . n 
A 1 164 CYS 164 184 ?   ?   ?   A . n 
A 1 165 ASN 165 185 ?   ?   ?   A . n 
A 1 166 GLY 166 186 ?   ?   ?   A . n 
B 2 1   GLU 1   80  80  GLU GLU B . n 
B 2 2   ASP 2   81  81  ASP ASP B . n 
B 2 3   ILE 3   82  82  ILE ILE B . n 
B 2 4   ILE 4   83  83  ILE ILE B . n 
B 2 5   ARG 5   84  84  ARG ARG B . n 
B 2 6   ASN 6   85  85  ASN ASN B . n 
B 2 7   ILE 7   86  86  ILE ILE B . n 
B 2 8   ALA 8   87  87  ALA ALA B . n 
B 2 9   ARG 9   88  88  ARG ARG B . n 
B 2 10  HIS 10  89  89  HIS HIS B . n 
B 2 11  LEU 11  90  90  LEU LEU B . n 
B 2 12  ALA 12  91  91  ALA ALA B . n 
B 2 13  GLN 13  92  92  GLN GLN B . n 
B 2 14  TRP 14  93  93  TRP TRP B . n 
B 2 15  GLY 15  94  94  GLY GLY B . n 
B 2 16  ASP 16  95  95  ASP ASP B . n 
B 2 17  SER 17  96  96  SER SER B . n 
B 2 18  MET 18  97  97  MET MET B . n 
B 2 19  ASP 19  98  98  ASP ASP B . n 
B 2 20  ARG 20  99  99  ARG ARG B . n 
B 2 21  SER 21  100 100 SER SER B . n 
B 2 22  TRP 22  101 101 TRP TRP B . n 
# 
loop_
_pdbx_nonpoly_scheme.asym_id 
_pdbx_nonpoly_scheme.entity_id 
_pdbx_nonpoly_scheme.mon_id 
_pdbx_nonpoly_scheme.ndb_seq_num 
_pdbx_nonpoly_scheme.pdb_seq_num 
_pdbx_nonpoly_scheme.auth_seq_num 
_pdbx_nonpoly_scheme.pdb_mon_id 
_pdbx_nonpoly_scheme.auth_mon_id 
_pdbx_nonpoly_scheme.pdb_strand_id 
_pdbx_nonpoly_scheme.pdb_ins_code 
C 3 HOH 1   201 201 HOH HOH A . 
C 3 HOH 2   202 202 HOH HOH A . 
C 3 HOH 3   203 203 HOH HOH A . 
C 3 HOH 4   204 204 HOH HOH A . 
C 3 HOH 5   205 205 HOH HOH A . 
C 3 HOH 6   206 206 HOH HOH A . 
C 3 HOH 7   207 207 HOH HOH A . 
C 3 HOH 8   208 208 HOH HOH A . 
C 3 HOH 9   209 209 HOH HOH A . 
C 3 HOH 10  210 210 HOH HOH A . 
C 3 HOH 11  211 211 HOH HOH A . 
C 3 HOH 12  212 212 HOH HOH A . 
C 3 HOH 13  213 213 HOH HOH A . 
C 3 HOH 14  214 214 HOH HOH A . 
C 3 HOH 15  215 215 HOH HOH A . 
C 3 HOH 16  216 216 HOH HOH A . 
C 3 HOH 17  217 217 HOH HOH A . 
C 3 HOH 18  218 218 HOH HOH A . 
C 3 HOH 19  219 219 HOH HOH A . 
C 3 HOH 20  220 220 HOH HOH A . 
C 3 HOH 21  221 221 HOH HOH A . 
C 3 HOH 22  222 222 HOH HOH A . 
C 3 HOH 23  223 223 HOH HOH A . 
C 3 HOH 24  224 224 HOH HOH A . 
C 3 HOH 25  225 225 HOH HOH A . 
C 3 HOH 26  226 226 HOH HOH A . 
C 3 HOH 27  227 227 HOH HOH A . 
C 3 HOH 28  228 228 HOH HOH A . 
C 3 HOH 29  229 229 HOH HOH A . 
C 3 HOH 30  230 230 HOH HOH A . 
C 3 HOH 31  231 231 HOH HOH A . 
C 3 HOH 32  232 232 HOH HOH A . 
C 3 HOH 33  233 233 HOH HOH A . 
C 3 HOH 34  234 234 HOH HOH A . 
C 3 HOH 35  235 235 HOH HOH A . 
C 3 HOH 36  236 236 HOH HOH A . 
C 3 HOH 37  237 237 HOH HOH A . 
C 3 HOH 38  238 238 HOH HOH A . 
C 3 HOH 39  239 239 HOH HOH A . 
C 3 HOH 40  240 240 HOH HOH A . 
C 3 HOH 41  241 241 HOH HOH A . 
C 3 HOH 42  242 242 HOH HOH A . 
C 3 HOH 43  243 243 HOH HOH A . 
C 3 HOH 44  244 244 HOH HOH A . 
C 3 HOH 45  245 245 HOH HOH A . 
C 3 HOH 46  246 246 HOH HOH A . 
C 3 HOH 47  247 247 HOH HOH A . 
C 3 HOH 48  248 248 HOH HOH A . 
C 3 HOH 49  249 249 HOH HOH A . 
C 3 HOH 50  250 250 HOH HOH A . 
C 3 HOH 51  251 251 HOH HOH A . 
C 3 HOH 52  252 252 HOH HOH A . 
C 3 HOH 53  253 253 HOH HOH A . 
C 3 HOH 54  254 254 HOH HOH A . 
C 3 HOH 55  255 255 HOH HOH A . 
C 3 HOH 56  256 256 HOH HOH A . 
C 3 HOH 57  257 257 HOH HOH A . 
C 3 HOH 58  258 258 HOH HOH A . 
C 3 HOH 59  259 259 HOH HOH A . 
C 3 HOH 60  260 260 HOH HOH A . 
C 3 HOH 61  261 261 HOH HOH A . 
C 3 HOH 62  262 262 HOH HOH A . 
C 3 HOH 63  263 263 HOH HOH A . 
C 3 HOH 64  264 264 HOH HOH A . 
C 3 HOH 65  265 265 HOH HOH A . 
C 3 HOH 66  266 266 HOH HOH A . 
C 3 HOH 67  267 267 HOH HOH A . 
C 3 HOH 68  268 268 HOH HOH A . 
C 3 HOH 69  269 269 HOH HOH A . 
C 3 HOH 70  270 270 HOH HOH A . 
C 3 HOH 71  271 271 HOH HOH A . 
C 3 HOH 72  272 272 HOH HOH A . 
C 3 HOH 73  273 273 HOH HOH A . 
C 3 HOH 74  274 274 HOH HOH A . 
C 3 HOH 75  275 275 HOH HOH A . 
C 3 HOH 76  276 276 HOH HOH A . 
C 3 HOH 77  277 277 HOH HOH A . 
C 3 HOH 78  278 278 HOH HOH A . 
C 3 HOH 79  279 279 HOH HOH A . 
C 3 HOH 80  280 280 HOH HOH A . 
C 3 HOH 81  281 281 HOH HOH A . 
C 3 HOH 82  282 282 HOH HOH A . 
C 3 HOH 83  283 283 HOH HOH A . 
C 3 HOH 84  284 284 HOH HOH A . 
C 3 HOH 85  285 285 HOH HOH A . 
C 3 HOH 86  286 286 HOH HOH A . 
C 3 HOH 87  287 287 HOH HOH A . 
C 3 HOH 88  288 288 HOH HOH A . 
C 3 HOH 89  289 289 HOH HOH A . 
C 3 HOH 90  290 290 HOH HOH A . 
C 3 HOH 91  291 291 HOH HOH A . 
C 3 HOH 92  292 292 HOH HOH A . 
C 3 HOH 93  293 293 HOH HOH A . 
C 3 HOH 94  294 294 HOH HOH A . 
C 3 HOH 95  295 295 HOH HOH A . 
C 3 HOH 96  296 296 HOH HOH A . 
C 3 HOH 97  297 297 HOH HOH A . 
C 3 HOH 98  298 298 HOH HOH A . 
C 3 HOH 99  299 299 HOH HOH A . 
C 3 HOH 100 300 300 HOH HOH A . 
C 3 HOH 101 301 301 HOH HOH A . 
C 3 HOH 102 302 302 HOH HOH A . 
C 3 HOH 103 303 303 HOH HOH A . 
C 3 HOH 104 304 304 HOH HOH A . 
C 3 HOH 105 305 305 HOH HOH A . 
C 3 HOH 106 306 306 HOH HOH A . 
C 3 HOH 107 307 307 HOH HOH A . 
C 3 HOH 108 308 308 HOH HOH A . 
C 3 HOH 109 309 309 HOH HOH A . 
C 3 HOH 110 310 310 HOH HOH A . 
C 3 HOH 111 311 311 HOH HOH A . 
C 3 HOH 112 312 312 HOH HOH A . 
C 3 HOH 113 313 313 HOH HOH A . 
C 3 HOH 114 314 314 HOH HOH A . 
C 3 HOH 115 315 315 HOH HOH A . 
C 3 HOH 116 316 316 HOH HOH A . 
C 3 HOH 117 317 317 HOH HOH A . 
C 3 HOH 118 318 318 HOH HOH A . 
C 3 HOH 119 319 319 HOH HOH A . 
C 3 HOH 120 320 320 HOH HOH A . 
C 3 HOH 121 321 321 HOH HOH A . 
C 3 HOH 122 322 322 HOH HOH A . 
C 3 HOH 123 323 323 HOH HOH A . 
C 3 HOH 124 324 324 HOH HOH A . 
D 3 HOH 1   201 201 HOH HOH B . 
D 3 HOH 2   202 202 HOH HOH B . 
D 3 HOH 3   203 203 HOH HOH B . 
D 3 HOH 4   204 204 HOH HOH B . 
D 3 HOH 5   205 205 HOH HOH B . 
D 3 HOH 6   206 206 HOH HOH B . 
D 3 HOH 7   207 207 HOH HOH B . 
D 3 HOH 8   208 208 HOH HOH B . 
D 3 HOH 9   209 209 HOH HOH B . 
D 3 HOH 10  210 210 HOH HOH B . 
D 3 HOH 11  211 211 HOH HOH B . 
D 3 HOH 12  212 212 HOH HOH B . 
D 3 HOH 13  213 213 HOH HOH B . 
D 3 HOH 14  214 214 HOH HOH B . 
D 3 HOH 15  215 215 HOH HOH B . 
D 3 HOH 16  216 216 HOH HOH B . 
D 3 HOH 17  217 217 HOH HOH B . 
# 
loop_
_pdbx_unobs_or_zero_occ_atoms.id 
_pdbx_unobs_or_zero_occ_atoms.PDB_model_num 
_pdbx_unobs_or_zero_occ_atoms.polymer_flag 
_pdbx_unobs_or_zero_occ_atoms.occupancy_flag 
_pdbx_unobs_or_zero_occ_atoms.auth_asym_id 
_pdbx_unobs_or_zero_occ_atoms.auth_comp_id 
_pdbx_unobs_or_zero_occ_atoms.auth_seq_id 
_pdbx_unobs_or_zero_occ_atoms.PDB_ins_code 
_pdbx_unobs_or_zero_occ_atoms.auth_atom_id 
_pdbx_unobs_or_zero_occ_atoms.label_alt_id 
_pdbx_unobs_or_zero_occ_atoms.label_asym_id 
_pdbx_unobs_or_zero_occ_atoms.label_comp_id 
_pdbx_unobs_or_zero_occ_atoms.label_seq_id 
_pdbx_unobs_or_zero_occ_atoms.label_atom_id 
1 1 Y 1 A ARG 87 ? CG  ? A ARG 67 CG  
2 1 Y 1 A ARG 87 ? CD  ? A ARG 67 CD  
3 1 Y 1 A ARG 87 ? NE  ? A ARG 67 NE  
4 1 Y 1 A ARG 87 ? CZ  ? A ARG 67 CZ  
5 1 Y 1 A ARG 87 ? NH1 ? A ARG 67 NH1 
6 1 Y 1 A ARG 87 ? NH2 ? A ARG 67 NH2 
# 
loop_
_software.citation_id 
_software.classification 
_software.compiler_name 
_software.compiler_version 
_software.contact_author 
_software.contact_author_email 
_software.date 
_software.description 
_software.dependencies 
_software.hardware 
_software.language 
_software.location 
_software.mods 
_software.name 
_software.os 
_software.os_version 
_software.type 
_software.version 
_software.pdbx_ordinal 
? refinement        ? ? ? ? ? ? ? ? ? ? ? PHENIX      ? ? ? 1.11.1_2575 1 
? 'data reduction'  ? ? ? ? ? ? ? ? ? ? ? HKL-2000    ? ? ? .           2 
? 'data scaling'    ? ? ? ? ? ? ? ? ? ? ? SCALEPACK   ? ? ? .           3 
? 'data extraction' ? ? ? ? ? ? ? ? ? ? ? PDB_EXTRACT ? ? ? 3.25        4 
? phasing           ? ? ? ? ? ? ? ? ? ? ? PHENIX      ? ? ? .           5 
# 
_cell.angle_alpha                  90.000 
_cell.angle_alpha_esd              ? 
_cell.angle_beta                   90.000 
_cell.angle_beta_esd               ? 
_cell.angle_gamma                  90.000 
_cell.angle_gamma_esd              ? 
_cell.entry_id                     7M5A 
_cell.details                      ? 
_cell.formula_units_Z              ? 
_cell.length_a                     65.855 
_cell.length_a_esd                 ? 
_cell.length_b                     70.847 
_cell.length_b_esd                 ? 
_cell.length_c                     71.393 
_cell.length_c_esd                 ? 
_cell.volume                       ? 
_cell.volume_esd                   ? 
_cell.Z_PDB                        8 
_cell.reciprocal_angle_alpha       ? 
_cell.reciprocal_angle_beta        ? 
_cell.reciprocal_angle_gamma       ? 
_cell.reciprocal_angle_alpha_esd   ? 
_cell.reciprocal_angle_beta_esd    ? 
_cell.reciprocal_angle_gamma_esd   ? 
_cell.reciprocal_length_a          ? 
_cell.reciprocal_length_b          ? 
_cell.reciprocal_length_c          ? 
_cell.reciprocal_length_a_esd      ? 
_cell.reciprocal_length_b_esd      ? 
_cell.reciprocal_length_c_esd      ? 
_cell.pdbx_unique_axis             ? 
# 
_symmetry.entry_id                         7M5A 
_symmetry.cell_setting                     ? 
_symmetry.Int_Tables_number                23 
_symmetry.space_group_name_Hall            ? 
_symmetry.space_group_name_H-M             'I 2 2 2' 
_symmetry.pdbx_full_space_group_name_H-M   ? 
# 
_exptl.absorpt_coefficient_mu     ? 
_exptl.absorpt_correction_T_max   ? 
_exptl.absorpt_correction_T_min   ? 
_exptl.absorpt_correction_type    ? 
_exptl.absorpt_process_details    ? 
_exptl.entry_id                   7M5A 
_exptl.crystals_number            1 
_exptl.details                    ? 
_exptl.method                     'X-RAY DIFFRACTION' 
_exptl.method_details             ? 
# 
_exptl_crystal.colour                      ? 
_exptl_crystal.density_diffrn              ? 
_exptl_crystal.density_Matthews            2.03 
_exptl_crystal.density_method              ? 
_exptl_crystal.density_percent_sol         39.43 
_exptl_crystal.description                 ? 
_exptl_crystal.F_000                       ? 
_exptl_crystal.id                          1 
_exptl_crystal.preparation                 ? 
_exptl_crystal.size_max                    ? 
_exptl_crystal.size_mid                    ? 
_exptl_crystal.size_min                    ? 
_exptl_crystal.size_rad                    ? 
_exptl_crystal.colour_lustre               ? 
_exptl_crystal.colour_modifier             ? 
_exptl_crystal.colour_primary              ? 
_exptl_crystal.density_meas                ? 
_exptl_crystal.density_meas_esd            ? 
_exptl_crystal.density_meas_gt             ? 
_exptl_crystal.density_meas_lt             ? 
_exptl_crystal.density_meas_temp           ? 
_exptl_crystal.density_meas_temp_esd       ? 
_exptl_crystal.density_meas_temp_gt        ? 
_exptl_crystal.density_meas_temp_lt        ? 
_exptl_crystal.pdbx_crystal_image_url      ? 
_exptl_crystal.pdbx_crystal_image_format   ? 
_exptl_crystal.pdbx_mosaicity              0.329 
_exptl_crystal.pdbx_mosaicity_esd          ? 
# 
_exptl_crystal_grow.apparatus       ? 
_exptl_crystal_grow.atmosphere      ? 
_exptl_crystal_grow.crystal_id      1 
_exptl_crystal_grow.details         ? 
_exptl_crystal_grow.method          EVAPORATION 
_exptl_crystal_grow.method_ref      ? 
_exptl_crystal_grow.pH              ? 
_exptl_crystal_grow.pressure        ? 
_exptl_crystal_grow.pressure_esd    ? 
_exptl_crystal_grow.seeding         ? 
_exptl_crystal_grow.seeding_ref     ? 
_exptl_crystal_grow.temp            293 
_exptl_crystal_grow.temp_details    ? 
_exptl_crystal_grow.temp_esd        ? 
_exptl_crystal_grow.time            ? 
_exptl_crystal_grow.pdbx_details    '0.2 M Potassium Sodium tartrate, 20% PEG 3350' 
_exptl_crystal_grow.pdbx_pH_range   ? 
# 
_diffrn.ambient_environment              ? 
_diffrn.ambient_temp                     100 
_diffrn.ambient_temp_details             ? 
_diffrn.ambient_temp_esd                 ? 
_diffrn.crystal_id                       1 
_diffrn.crystal_support                  ? 
_diffrn.crystal_treatment                ? 
_diffrn.details                          ? 
_diffrn.id                               1 
_diffrn.ambient_pressure                 ? 
_diffrn.ambient_pressure_esd             ? 
_diffrn.ambient_pressure_gt              ? 
_diffrn.ambient_pressure_lt              ? 
_diffrn.ambient_temp_gt                  ? 
_diffrn.ambient_temp_lt                  ? 
_diffrn.pdbx_serial_crystal_experiment   N 
# 
_diffrn_detector.details                      ? 
_diffrn_detector.detector                     PIXEL 
_diffrn_detector.diffrn_id                    1 
_diffrn_detector.type                         'DECTRIS EIGER X 16M' 
_diffrn_detector.area_resol_mean              ? 
_diffrn_detector.dtime                        ? 
_diffrn_detector.pdbx_frames_total            ? 
_diffrn_detector.pdbx_collection_time_total   ? 
_diffrn_detector.pdbx_collection_date         2018-08-04 
_diffrn_detector.pdbx_frequency               ? 
# 
_diffrn_radiation.collimation                      ? 
_diffrn_radiation.diffrn_id                        1 
_diffrn_radiation.filter_edge                      ? 
_diffrn_radiation.inhomogeneity                    ? 
_diffrn_radiation.monochromator                    ? 
_diffrn_radiation.polarisn_norm                    ? 
_diffrn_radiation.polarisn_ratio                   ? 
_diffrn_radiation.probe                            ? 
_diffrn_radiation.type                             ? 
_diffrn_radiation.xray_symbol                      ? 
_diffrn_radiation.wavelength_id                    1 
_diffrn_radiation.pdbx_monochromatic_or_laue_m_l   M 
_diffrn_radiation.pdbx_wavelength_list             ? 
_diffrn_radiation.pdbx_wavelength                  ? 
_diffrn_radiation.pdbx_diffrn_protocol             'SINGLE WAVELENGTH' 
_diffrn_radiation.pdbx_analyzer                    ? 
_diffrn_radiation.pdbx_scattering_type             x-ray 
# 
_diffrn_radiation_wavelength.id           1 
_diffrn_radiation_wavelength.wavelength   1.000 
_diffrn_radiation_wavelength.wt           1.0 
# 
_diffrn_source.current                     ? 
_diffrn_source.details                     ? 
_diffrn_source.diffrn_id                   1 
_diffrn_source.power                       ? 
_diffrn_source.size                        ? 
_diffrn_source.source                      SYNCHROTRON 
_diffrn_source.target                      ? 
_diffrn_source.type                        'APS BEAMLINE 22-ID' 
_diffrn_source.voltage                     ? 
_diffrn_source.take-off_angle              ? 
_diffrn_source.pdbx_wavelength_list        1.000 
_diffrn_source.pdbx_wavelength             ? 
_diffrn_source.pdbx_synchrotron_beamline   22-ID 
_diffrn_source.pdbx_synchrotron_site       APS 
# 
_reflns.B_iso_Wilson_estimate            18.490 
_reflns.entry_id                         7M5A 
_reflns.data_reduction_details           ? 
_reflns.data_reduction_method            ? 
_reflns.d_resolution_high                1.500 
_reflns.d_resolution_low                 50.000 
_reflns.details                          ? 
_reflns.limit_h_max                      ? 
_reflns.limit_h_min                      ? 
_reflns.limit_k_max                      ? 
_reflns.limit_k_min                      ? 
_reflns.limit_l_max                      ? 
_reflns.limit_l_min                      ? 
_reflns.number_all                       ? 
_reflns.number_obs                       26921 
_reflns.observed_criterion               ? 
_reflns.observed_criterion_F_max         ? 
_reflns.observed_criterion_F_min         ? 
_reflns.observed_criterion_I_max         ? 
_reflns.observed_criterion_I_min         ? 
_reflns.observed_criterion_sigma_F       ? 
_reflns.observed_criterion_sigma_I       ? 
_reflns.percent_possible_obs             99.300 
_reflns.R_free_details                   ? 
_reflns.Rmerge_F_all                     ? 
_reflns.Rmerge_F_obs                     ? 
_reflns.Friedel_coverage                 ? 
_reflns.number_gt                        ? 
_reflns.threshold_expression             ? 
_reflns.pdbx_redundancy                  6.900 
_reflns.pdbx_Rmerge_I_obs                0.048 
_reflns.pdbx_Rmerge_I_all                ? 
_reflns.pdbx_Rsym_value                  ? 
_reflns.pdbx_netI_over_av_sigmaI         ? 
_reflns.pdbx_netI_over_sigmaI            13.500 
_reflns.pdbx_res_netI_over_av_sigmaI_2   ? 
_reflns.pdbx_res_netI_over_sigmaI_2      ? 
_reflns.pdbx_chi_squared                 1.058 
_reflns.pdbx_scaling_rejects             ? 
_reflns.pdbx_d_res_high_opt              ? 
_reflns.pdbx_d_res_low_opt               ? 
_reflns.pdbx_d_res_opt_method            ? 
_reflns.phase_calculation_details        ? 
_reflns.pdbx_Rrim_I_all                  0.052 
_reflns.pdbx_Rpim_I_all                  0.019 
_reflns.pdbx_d_opt                       ? 
_reflns.pdbx_number_measured_all         185563 
_reflns.pdbx_diffrn_id                   1 
_reflns.pdbx_ordinal                     1 
_reflns.pdbx_CC_half                     ? 
_reflns.pdbx_CC_star                     ? 
_reflns.pdbx_R_split                     ? 
# 
loop_
_reflns_shell.d_res_high 
_reflns_shell.d_res_low 
_reflns_shell.meanI_over_sigI_all 
_reflns_shell.meanI_over_sigI_obs 
_reflns_shell.number_measured_all 
_reflns_shell.number_measured_obs 
_reflns_shell.number_possible 
_reflns_shell.number_unique_all 
_reflns_shell.number_unique_obs 
_reflns_shell.percent_possible_all 
_reflns_shell.percent_possible_obs 
_reflns_shell.Rmerge_F_all 
_reflns_shell.Rmerge_F_obs 
_reflns_shell.Rmerge_I_all 
_reflns_shell.Rmerge_I_obs 
_reflns_shell.meanI_over_sigI_gt 
_reflns_shell.meanI_over_uI_all 
_reflns_shell.meanI_over_uI_gt 
_reflns_shell.number_measured_gt 
_reflns_shell.number_unique_gt 
_reflns_shell.percent_possible_gt 
_reflns_shell.Rmerge_F_gt 
_reflns_shell.Rmerge_I_gt 
_reflns_shell.pdbx_redundancy 
_reflns_shell.pdbx_Rsym_value 
_reflns_shell.pdbx_chi_squared 
_reflns_shell.pdbx_netI_over_sigmaI_all 
_reflns_shell.pdbx_netI_over_sigmaI_obs 
_reflns_shell.pdbx_Rrim_I_all 
_reflns_shell.pdbx_Rpim_I_all 
_reflns_shell.pdbx_rejects 
_reflns_shell.pdbx_ordinal 
_reflns_shell.pdbx_diffrn_id 
_reflns_shell.pdbx_CC_half 
_reflns_shell.pdbx_CC_star 
_reflns_shell.pdbx_R_split 
1.500 1.530  ? ? ? ? ? ? 1262 96.900  ? ? ? ? 0.500 ? ? ? ? ? ? ? ? 4.900 ? 0.517 ? ? 0.556 0.235 ? 1  1 0.857 ? ? 
1.530 1.550  ? ? ? ? ? ? 1312 98.700  ? ? ? ? 0.406 ? ? ? ? ? ? ? ? 5.500 ? 0.587 ? ? 0.446 0.181 ? 2  1 0.919 ? ? 
1.550 1.580  ? ? ? ? ? ? 1362 99.600  ? ? ? ? 0.381 ? ? ? ? ? ? ? ? 6.200 ? 0.571 ? ? 0.415 0.162 ? 3  1 0.923 ? ? 
1.580 1.620  ? ? ? ? ? ? 1306 99.500  ? ? ? ? 0.327 ? ? ? ? ? ? ? ? 6.800 ? 0.566 ? ? 0.354 0.134 ? 4  1 0.949 ? ? 
1.620 1.650  ? ? ? ? ? ? 1332 99.300  ? ? ? ? 0.281 ? ? ? ? ? ? ? ? 7.100 ? 0.516 ? ? 0.303 0.112 ? 5  1 0.958 ? ? 
1.650 1.690  ? ? ? ? ? ? 1333 99.300  ? ? ? ? 0.236 ? ? ? ? ? ? ? ? 7.200 ? 0.519 ? ? 0.254 0.094 ? 6  1 0.974 ? ? 
1.690 1.730  ? ? ? ? ? ? 1352 99.600  ? ? ? ? 0.197 ? ? ? ? ? ? ? ? 7.100 ? 0.523 ? ? 0.212 0.079 ? 7  1 0.981 ? ? 
1.730 1.780  ? ? ? ? ? ? 1329 99.400  ? ? ? ? 0.159 ? ? ? ? ? ? ? ? 6.800 ? 0.577 ? ? 0.172 0.065 ? 8  1 0.985 ? ? 
1.780 1.830  ? ? ? ? ? ? 1349 99.400  ? ? ? ? 0.133 ? ? ? ? ? ? ? ? 6.000 ? 0.604 ? ? 0.146 0.059 ? 9  1 0.986 ? ? 
1.830 1.890  ? ? ? ? ? ? 1326 99.800  ? ? ? ? 0.111 ? ? ? ? ? ? ? ? 7.400 ? 0.630 ? ? 0.119 0.043 ? 10 1 0.993 ? ? 
1.890 1.960  ? ? ? ? ? ? 1339 100.000 ? ? ? ? 0.092 ? ? ? ? ? ? ? ? 7.800 ? 0.737 ? ? 0.099 0.035 ? 11 1 0.996 ? ? 
1.960 2.040  ? ? ? ? ? ? 1347 100.000 ? ? ? ? 0.077 ? ? ? ? ? ? ? ? 7.800 ? 0.851 ? ? 0.082 0.029 ? 12 1 0.997 ? ? 
2.040 2.130  ? ? ? ? ? ? 1354 99.800  ? ? ? ? 0.064 ? ? ? ? ? ? ? ? 7.500 ? 1.067 ? ? 0.069 0.025 ? 13 1 0.998 ? ? 
2.130 2.240  ? ? ? ? ? ? 1356 99.400  ? ? ? ? 0.055 ? ? ? ? ? ? ? ? 7.400 ? 1.172 ? ? 0.059 0.021 ? 14 1 0.998 ? ? 
2.240 2.380  ? ? ? ? ? ? 1340 99.000  ? ? ? ? 0.048 ? ? ? ? ? ? ? ? 7.100 ? 1.364 ? ? 0.052 0.019 ? 15 1 0.999 ? ? 
2.380 2.560  ? ? ? ? ? ? 1339 98.400  ? ? ? ? 0.047 ? ? ? ? ? ? ? ? 6.100 ? 1.679 ? ? 0.052 0.021 ? 16 1 0.997 ? ? 
2.560 2.820  ? ? ? ? ? ? 1366 99.900  ? ? ? ? 0.042 ? ? ? ? ? ? ? ? 7.400 ? 1.719 ? ? 0.046 0.017 ? 17 1 0.999 ? ? 
2.820 3.230  ? ? ? ? ? ? 1378 99.900  ? ? ? ? 0.040 ? ? ? ? ? ? ? ? 7.800 ? 2.024 ? ? 0.043 0.015 ? 18 1 0.999 ? ? 
3.230 4.070  ? ? ? ? ? ? 1394 99.900  ? ? ? ? 0.035 ? ? ? ? ? ? ? ? 7.200 ? 2.171 ? ? 0.038 0.014 ? 19 1 0.999 ? ? 
4.070 50.000 ? ? ? ? ? ? 1445 98.400  ? ? ? ? 0.033 ? ? ? ? ? ? ? ? 6.500 ? 2.145 ? ? 0.035 0.014 ? 20 1 0.999 ? ? 
# 
_refine.aniso_B[1][1]                            ? 
_refine.aniso_B[1][2]                            ? 
_refine.aniso_B[1][3]                            ? 
_refine.aniso_B[2][2]                            ? 
_refine.aniso_B[2][3]                            ? 
_refine.aniso_B[3][3]                            ? 
_refine.B_iso_max                                70.570 
_refine.B_iso_mean                               22.1179 
_refine.B_iso_min                                8.640 
_refine.correlation_coeff_Fo_to_Fc               ? 
_refine.correlation_coeff_Fo_to_Fc_free          ? 
_refine.details                                  ? 
_refine.diff_density_max                         ? 
_refine.diff_density_max_esd                     ? 
_refine.diff_density_min                         ? 
_refine.diff_density_min_esd                     ? 
_refine.diff_density_rms                         ? 
_refine.diff_density_rms_esd                     ? 
_refine.entry_id                                 7M5A 
_refine.pdbx_refine_id                           'X-RAY DIFFRACTION' 
_refine.ls_abs_structure_details                 ? 
_refine.ls_abs_structure_Flack                   ? 
_refine.ls_abs_structure_Flack_esd               ? 
_refine.ls_abs_structure_Rogers                  ? 
_refine.ls_abs_structure_Rogers_esd              ? 
_refine.ls_d_res_high                            1.5000 
_refine.ls_d_res_low                             35.6970 
_refine.ls_extinction_coef                       ? 
_refine.ls_extinction_coef_esd                   ? 
_refine.ls_extinction_expression                 ? 
_refine.ls_extinction_method                     ? 
_refine.ls_goodness_of_fit_all                   ? 
_refine.ls_goodness_of_fit_all_esd               ? 
_refine.ls_goodness_of_fit_obs                   ? 
_refine.ls_goodness_of_fit_obs_esd               ? 
_refine.ls_hydrogen_treatment                    ? 
_refine.ls_matrix_type                           ? 
_refine.ls_number_constraints                    ? 
_refine.ls_number_parameters                     ? 
_refine.ls_number_reflns_all                     ? 
_refine.ls_number_reflns_obs                     26917 
_refine.ls_number_reflns_R_free                  1257 
_refine.ls_number_reflns_R_work                  25660 
_refine.ls_number_restraints                     ? 
_refine.ls_percent_reflns_obs                    99.3100 
_refine.ls_percent_reflns_R_free                 4.6700 
_refine.ls_R_factor_all                          ? 
_refine.ls_R_factor_obs                          0.1866 
_refine.ls_R_factor_R_free                       0.2192 
_refine.ls_R_factor_R_free_error                 ? 
_refine.ls_R_factor_R_free_error_details         ? 
_refine.ls_R_factor_R_work                       0.1851 
_refine.ls_R_Fsqd_factor_obs                     ? 
_refine.ls_R_I_factor_obs                        ? 
_refine.ls_redundancy_reflns_all                 ? 
_refine.ls_redundancy_reflns_obs                 ? 
_refine.ls_restrained_S_all                      ? 
_refine.ls_restrained_S_obs                      ? 
_refine.ls_shift_over_esd_max                    ? 
_refine.ls_shift_over_esd_mean                   ? 
_refine.ls_structure_factor_coef                 ? 
_refine.ls_weighting_details                     ? 
_refine.ls_weighting_scheme                      ? 
_refine.ls_wR_factor_all                         ? 
_refine.ls_wR_factor_obs                         ? 
_refine.ls_wR_factor_R_free                      ? 
_refine.ls_wR_factor_R_work                      ? 
_refine.occupancy_max                            ? 
_refine.occupancy_min                            ? 
_refine.solvent_model_details                    'FLAT BULK SOLVENT MODEL' 
_refine.solvent_model_param_bsol                 ? 
_refine.solvent_model_param_ksol                 ? 
_refine.pdbx_R_complete                          ? 
_refine.ls_R_factor_gt                           ? 
_refine.ls_goodness_of_fit_gt                    ? 
_refine.ls_goodness_of_fit_ref                   ? 
_refine.ls_shift_over_su_max                     ? 
_refine.ls_shift_over_su_max_lt                  ? 
_refine.ls_shift_over_su_mean                    ? 
_refine.ls_shift_over_su_mean_lt                 ? 
_refine.pdbx_ls_sigma_I                          ? 
_refine.pdbx_ls_sigma_F                          1.380 
_refine.pdbx_ls_sigma_Fsqd                       ? 
_refine.pdbx_data_cutoff_high_absF               ? 
_refine.pdbx_data_cutoff_high_rms_absF           ? 
_refine.pdbx_data_cutoff_low_absF                ? 
_refine.pdbx_isotropic_thermal_model             ? 
_refine.pdbx_ls_cross_valid_method               THROUGHOUT 
_refine.pdbx_method_to_determine_struct          'MOLECULAR REPLACEMENT' 
_refine.pdbx_starting_model                      2vwz 
_refine.pdbx_stereochemistry_target_values       ML 
_refine.pdbx_R_Free_selection_details            ? 
_refine.pdbx_stereochem_target_val_spec_case     ? 
_refine.pdbx_overall_ESU_R                       ? 
_refine.pdbx_overall_ESU_R_Free                  ? 
_refine.pdbx_solvent_vdw_probe_radii             1.1100 
_refine.pdbx_solvent_ion_probe_radii             ? 
_refine.pdbx_solvent_shrinkage_radii             0.9000 
_refine.pdbx_real_space_R                        ? 
_refine.pdbx_density_correlation                 ? 
_refine.pdbx_pd_number_of_powder_patterns        ? 
_refine.pdbx_pd_number_of_points                 ? 
_refine.pdbx_pd_meas_number_of_points            ? 
_refine.pdbx_pd_proc_ls_prof_R_factor            ? 
_refine.pdbx_pd_proc_ls_prof_wR_factor           ? 
_refine.pdbx_pd_Marquardt_correlation_coeff      ? 
_refine.pdbx_pd_Fsqrd_R_factor                   ? 
_refine.pdbx_pd_ls_matrix_band_width             ? 
_refine.pdbx_overall_phase_error                 21.4100 
_refine.pdbx_overall_SU_R_free_Cruickshank_DPI   ? 
_refine.pdbx_overall_SU_R_free_Blow_DPI          ? 
_refine.pdbx_overall_SU_R_Blow_DPI               ? 
_refine.pdbx_TLS_residual_ADP_flag               ? 
_refine.pdbx_diffrn_id                           1 
_refine.overall_SU_B                             ? 
_refine.overall_SU_ML                            0.1600 
_refine.overall_SU_R_Cruickshank_DPI             ? 
_refine.overall_SU_R_free                        ? 
_refine.overall_FOM_free_R_set                   ? 
_refine.overall_FOM_work_R_set                   ? 
_refine.pdbx_average_fsc_overall                 ? 
_refine.pdbx_average_fsc_work                    ? 
_refine.pdbx_average_fsc_free                    ? 
# 
_refine_hist.pdbx_refine_id                   'X-RAY DIFFRACTION' 
_refine_hist.cycle_id                         final 
_refine_hist.details                          ? 
_refine_hist.d_res_high                       1.5000 
_refine_hist.d_res_low                        35.6970 
_refine_hist.number_atoms_solvent             141 
_refine_hist.number_atoms_total               1580 
_refine_hist.number_reflns_all                ? 
_refine_hist.number_reflns_obs                ? 
_refine_hist.number_reflns_R_free             ? 
_refine_hist.number_reflns_R_work             ? 
_refine_hist.R_factor_all                     ? 
_refine_hist.R_factor_obs                     ? 
_refine_hist.R_factor_R_free                  ? 
_refine_hist.R_factor_R_work                  ? 
_refine_hist.pdbx_number_residues_total       178 
_refine_hist.pdbx_B_iso_mean_ligand           ? 
_refine_hist.pdbx_B_iso_mean_solvent          33.02 
_refine_hist.pdbx_number_atoms_protein        1439 
_refine_hist.pdbx_number_atoms_nucleic_acid   0 
_refine_hist.pdbx_number_atoms_ligand         0 
_refine_hist.pdbx_number_atoms_lipid          ? 
_refine_hist.pdbx_number_atoms_carb           ? 
_refine_hist.pdbx_pseudo_atom_details         ? 
# 
loop_
_refine_ls_restr.pdbx_refine_id 
_refine_ls_restr.criterion 
_refine_ls_restr.dev_ideal 
_refine_ls_restr.dev_ideal_target 
_refine_ls_restr.number 
_refine_ls_restr.rejects 
_refine_ls_restr.type 
_refine_ls_restr.weight 
_refine_ls_restr.pdbx_restraint_function 
'X-RAY DIFFRACTION' ? 0.008 ? 1480 ? f_bond_d           ? ? 
'X-RAY DIFFRACTION' ? 0.940 ? 2007 ? f_angle_d          ? ? 
'X-RAY DIFFRACTION' ? 0.076 ? 213  ? f_chiral_restr     ? ? 
'X-RAY DIFFRACTION' ? 0.005 ? 262  ? f_plane_restr      ? ? 
'X-RAY DIFFRACTION' ? 2.153 ? 805  ? f_dihedral_angle_d ? ? 
# 
loop_
_refine_ls_shell.pdbx_refine_id 
_refine_ls_shell.d_res_high 
_refine_ls_shell.d_res_low 
_refine_ls_shell.number_reflns_all 
_refine_ls_shell.number_reflns_obs 
_refine_ls_shell.number_reflns_R_free 
_refine_ls_shell.number_reflns_R_work 
_refine_ls_shell.percent_reflns_obs 
_refine_ls_shell.percent_reflns_R_free 
_refine_ls_shell.R_factor_all 
_refine_ls_shell.R_factor_obs 
_refine_ls_shell.R_factor_R_free 
_refine_ls_shell.R_factor_R_free_error 
_refine_ls_shell.R_factor_R_work 
_refine_ls_shell.redundancy_reflns_all 
_refine_ls_shell.redundancy_reflns_obs 
_refine_ls_shell.wR_factor_all 
_refine_ls_shell.wR_factor_obs 
_refine_ls_shell.wR_factor_R_free 
_refine_ls_shell.wR_factor_R_work 
_refine_ls_shell.pdbx_R_complete 
_refine_ls_shell.pdbx_total_number_of_bins_used 
_refine_ls_shell.pdbx_phase_error 
_refine_ls_shell.pdbx_fsc_work 
_refine_ls_shell.pdbx_fsc_free 
'X-RAY DIFFRACTION' 1.5000 1.5599  . . 154 2727 98.0000  . . . 0.2537 0.0000 0.2547 . . . . . . . . . . . 
'X-RAY DIFFRACTION' 1.5599 1.6308  . . 143 2817 99.0000  . . . 0.2509 0.0000 0.2154 . . . . . . . . . . . 
'X-RAY DIFFRACTION' 1.6308 1.7168  . . 139 2830 99.0000  . . . 0.2446 0.0000 0.1985 . . . . . . . . . . . 
'X-RAY DIFFRACTION' 1.7168 1.8244  . . 119 2849 99.0000  . . . 0.2829 0.0000 0.1985 . . . . . . . . . . . 
'X-RAY DIFFRACTION' 1.8244 1.9652  . . 161 2803 100.0000 . . . 0.2469 0.0000 0.1888 . . . . . . . . . . . 
'X-RAY DIFFRACTION' 1.9652 2.1630  . . 138 2865 100.0000 . . . 0.1996 0.0000 0.1762 . . . . . . . . . . . 
'X-RAY DIFFRACTION' 2.1630 2.4759  . . 129 2862 99.0000  . . . 0.2024 0.0000 0.1702 . . . . . . . . . . . 
'X-RAY DIFFRACTION' 2.4759 3.1191  . . 129 2905 99.0000  . . . 0.1878 0.0000 0.1913 . . . . . . . . . . . 
'X-RAY DIFFRACTION' 3.1191 35.6970 . . 145 3002 99.0000  . . . 0.2223 0.0000 0.1774 . . . . . . . . . . . 
# 
_struct.entry_id                     7M5A 
_struct.title                        'Crystal Structure of human BAK in complex with W3W5_BID' 
_struct.pdbx_model_details           ? 
_struct.pdbx_formula_weight          ? 
_struct.pdbx_formula_weight_method   ? 
_struct.pdbx_model_type_details      ? 
_struct.pdbx_CASP_flag               N 
# 
_struct_keywords.entry_id        7M5A 
_struct_keywords.text            'protein-peptide complex, APOPTOSIS' 
_struct_keywords.pdbx_keywords   APOPTOSIS 
# 
loop_
_struct_asym.id 
_struct_asym.pdbx_blank_PDB_chainid_flag 
_struct_asym.pdbx_modified 
_struct_asym.entity_id 
_struct_asym.details 
A N N 1 ? 
B N N 2 ? 
C N N 3 ? 
D N N 3 ? 
# 
loop_
_struct_ref.id 
_struct_ref.db_name 
_struct_ref.db_code 
_struct_ref.pdbx_db_accession 
_struct_ref.pdbx_db_isoform 
_struct_ref.entity_id 
_struct_ref.pdbx_seq_one_letter_code 
_struct_ref.pdbx_align_begin 
1 UNP BAK_HUMAN Q16611 ? 1 
;SASEEQVAQDTEEVFRSYVFYRHQQEQEAEGVAAPADPEMVTLPLQPSSTMGQVGRQLAIIGDDINRRYDSEFQTMLQHL
QPTAENAYEYFTKIATSLFESGINWGRVVALLGFGYRLALHVYQHGLTGFLGQVTRFVVDFMLHHCIARWIAQRGGWVAA
LNLGNG
;
21 
2 UNP BID_HUMAN P55957 ? 2 EDIIRNIARHLAQVGDSMDRS 80 
# 
loop_
_struct_ref_seq.align_id 
_struct_ref_seq.ref_id 
_struct_ref_seq.pdbx_PDB_id_code 
_struct_ref_seq.pdbx_strand_id 
_struct_ref_seq.seq_align_beg 
_struct_ref_seq.pdbx_seq_align_beg_ins_code 
_struct_ref_seq.seq_align_end 
_struct_ref_seq.pdbx_seq_align_end_ins_code 
_struct_ref_seq.pdbx_db_accession 
_struct_ref_seq.db_align_beg 
_struct_ref_seq.pdbx_db_align_beg_ins_code 
_struct_ref_seq.db_align_end 
_struct_ref_seq.pdbx_db_align_end_ins_code 
_struct_ref_seq.pdbx_auth_seq_align_beg 
_struct_ref_seq.pdbx_auth_seq_align_end 
1 1 7M5A A 1 ? 166 ? Q16611 21 ? 186 ? 21 186 
2 2 7M5A B 1 ? 21  ? P55957 80 ? 100 ? 80 100 
# 
loop_
_struct_ref_seq_dif.align_id 
_struct_ref_seq_dif.pdbx_pdb_id_code 
_struct_ref_seq_dif.mon_id 
_struct_ref_seq_dif.pdbx_pdb_strand_id 
_struct_ref_seq_dif.seq_num 
_struct_ref_seq_dif.pdbx_pdb_ins_code 
_struct_ref_seq_dif.pdbx_seq_db_name 
_struct_ref_seq_dif.pdbx_seq_db_accession_code 
_struct_ref_seq_dif.db_mon_id 
_struct_ref_seq_dif.pdbx_seq_db_seq_num 
_struct_ref_seq_dif.details 
_struct_ref_seq_dif.pdbx_auth_seq_num 
_struct_ref_seq_dif.pdbx_ordinal 
1 7M5A CYS A 164 ? UNP Q16611 GLY 184 conflict         184 1 
2 7M5A TRP B 14  ? UNP P55957 VAL 93  conflict         93  2 
2 7M5A TRP B 22  ? UNP P55957 ?   ?   'expression tag' 101 3 
# 
_pdbx_struct_assembly.id                   1 
_pdbx_struct_assembly.details              author_and_software_defined_assembly 
_pdbx_struct_assembly.method_details       PISA 
_pdbx_struct_assembly.oligomeric_details   dimeric 
_pdbx_struct_assembly.oligomeric_count     2 
# 
loop_
_pdbx_struct_assembly_prop.biol_id 
_pdbx_struct_assembly_prop.type 
_pdbx_struct_assembly_prop.value 
_pdbx_struct_assembly_prop.details 
1 'ABSA (A^2)' 1930 ? 
1 MORE         -21  ? 
1 'SSA (A^2)'  8530 ? 
# 
_pdbx_struct_assembly_gen.assembly_id       1 
_pdbx_struct_assembly_gen.oper_expression   1 
_pdbx_struct_assembly_gen.asym_id_list      A,B,C,D 
# 
_pdbx_struct_assembly_auth_evidence.id                     1 
_pdbx_struct_assembly_auth_evidence.assembly_id            1 
_pdbx_struct_assembly_auth_evidence.experimental_support   'isothermal titration calorimetry' 
_pdbx_struct_assembly_auth_evidence.details                'Protein peptide in 1:1 complex' 
# 
_pdbx_struct_oper_list.id                   1 
_pdbx_struct_oper_list.type                 'identity operation' 
_pdbx_struct_oper_list.name                 1_555 
_pdbx_struct_oper_list.symmetry_operation   x,y,z 
_pdbx_struct_oper_list.matrix[1][1]         1.0000000000 
_pdbx_struct_oper_list.matrix[1][2]         0.0000000000 
_pdbx_struct_oper_list.matrix[1][3]         0.0000000000 
_pdbx_struct_oper_list.vector[1]            0.0000000000 
_pdbx_struct_oper_list.matrix[2][1]         0.0000000000 
_pdbx_struct_oper_list.matrix[2][2]         1.0000000000 
_pdbx_struct_oper_list.matrix[2][3]         0.0000000000 
_pdbx_struct_oper_list.vector[2]            0.0000000000 
_pdbx_struct_oper_list.matrix[3][1]         0.0000000000 
_pdbx_struct_oper_list.matrix[3][2]         0.0000000000 
_pdbx_struct_oper_list.matrix[3][3]         1.0000000000 
_pdbx_struct_oper_list.vector[3]            0.0000000000 
# 
loop_
_struct_conf.conf_type_id 
_struct_conf.id 
_struct_conf.pdbx_PDB_helix_id 
_struct_conf.beg_label_comp_id 
_struct_conf.beg_label_asym_id 
_struct_conf.beg_label_seq_id 
_struct_conf.pdbx_beg_PDB_ins_code 
_struct_conf.end_label_comp_id 
_struct_conf.end_label_asym_id 
_struct_conf.end_label_seq_id 
_struct_conf.pdbx_end_PDB_ins_code 
_struct_conf.beg_auth_comp_id 
_struct_conf.beg_auth_asym_id 
_struct_conf.beg_auth_seq_id 
_struct_conf.end_auth_comp_id 
_struct_conf.end_auth_asym_id 
_struct_conf.end_auth_seq_id 
_struct_conf.pdbx_PDB_helix_class 
_struct_conf.details 
_struct_conf.pdbx_PDB_helix_length 
HELX_P HELX_P1  AA1 ALA A 2   ? ALA A 29  ? ALA A 22  ALA A 49  1 ? 28 
HELX_P HELX_P2  AA2 ASP A 37  ? VAL A 41  ? ASP A 57  VAL A 61  5 ? 5  
HELX_P HELX_P3  AA3 THR A 50  ? GLY A 62  ? THR A 70  GLY A 82  1 ? 13 
HELX_P HELX_P4  AA4 GLY A 62  ? GLN A 81  ? GLY A 82  GLN A 101 1 ? 20 
HELX_P HELX_P5  AA5 ASN A 86  ? SER A 101 ? ASN A 106 SER A 121 1 ? 16 
HELX_P HELX_P6  AA6 ASN A 104 ? HIS A 125 ? ASN A 124 HIS A 145 1 ? 22 
HELX_P HELX_P7  AA7 PHE A 130 ? HIS A 145 ? PHE A 150 HIS A 165 1 ? 16 
HELX_P HELX_P8  AA8 CYS A 146 ? ARG A 154 ? CYS A 166 ARG A 174 1 ? 9  
HELX_P HELX_P9  AA9 GLY A 155 ? LEU A 163 ? GLY A 175 LEU A 183 5 ? 9  
HELX_P HELX_P10 AB1 ASP B 2   ? TRP B 22  ? ASP B 81  TRP B 101 1 ? 21 
# 
_struct_conf_type.id          HELX_P 
_struct_conf_type.criteria    ? 
_struct_conf_type.reference   ? 
# 
_struct_conn.id                            disulf1 
_struct_conn.conn_type_id                  disulf 
_struct_conn.pdbx_leaving_atom_flag        ? 
_struct_conn.pdbx_PDB_id                   ? 
_struct_conn.ptnr1_label_asym_id           A 
_struct_conn.ptnr1_label_comp_id           CYS 
_struct_conn.ptnr1_label_seq_id            146 
_struct_conn.ptnr1_label_atom_id           SG 
_struct_conn.pdbx_ptnr1_label_alt_id       ? 
_struct_conn.pdbx_ptnr1_PDB_ins_code       ? 
_struct_conn.pdbx_ptnr1_standard_comp_id   ? 
_struct_conn.ptnr1_symmetry                1_555 
_struct_conn.ptnr2_label_asym_id           A 
_struct_conn.ptnr2_label_comp_id           CYS 
_struct_conn.ptnr2_label_seq_id            146 
_struct_conn.ptnr2_label_atom_id           SG 
_struct_conn.pdbx_ptnr2_label_alt_id       ? 
_struct_conn.pdbx_ptnr2_PDB_ins_code       ? 
_struct_conn.ptnr1_auth_asym_id            A 
_struct_conn.ptnr1_auth_comp_id            CYS 
_struct_conn.ptnr1_auth_seq_id             166 
_struct_conn.ptnr2_auth_asym_id            A 
_struct_conn.ptnr2_auth_comp_id            CYS 
_struct_conn.ptnr2_auth_seq_id             166 
_struct_conn.ptnr2_symmetry                3_857 
_struct_conn.pdbx_ptnr3_label_atom_id      ? 
_struct_conn.pdbx_ptnr3_label_seq_id       ? 
_struct_conn.pdbx_ptnr3_label_comp_id      ? 
_struct_conn.pdbx_ptnr3_label_asym_id      ? 
_struct_conn.pdbx_ptnr3_label_alt_id       ? 
_struct_conn.pdbx_ptnr3_PDB_ins_code       ? 
_struct_conn.details                       ? 
_struct_conn.pdbx_dist_value               2.067 
_struct_conn.pdbx_value_order              ? 
_struct_conn.pdbx_role                     ? 
# 
_struct_conn_type.id          disulf 
_struct_conn_type.criteria    ? 
_struct_conn_type.reference   ? 
# 
_pdbx_modification_feature.ordinal                            1 
_pdbx_modification_feature.label_comp_id                      CYS 
_pdbx_modification_feature.label_asym_id                      A 
_pdbx_modification_feature.label_seq_id                       146 
_pdbx_modification_feature.label_alt_id                       ? 
_pdbx_modification_feature.modified_residue_label_comp_id     CYS 
_pdbx_modification_feature.modified_residue_label_asym_id     A 
_pdbx_modification_feature.modified_residue_label_seq_id      146 
_pdbx_modification_feature.modified_residue_label_alt_id      ? 
_pdbx_modification_feature.auth_comp_id                       CYS 
_pdbx_modification_feature.auth_asym_id                       A 
_pdbx_modification_feature.auth_seq_id                        166 
_pdbx_modification_feature.PDB_ins_code                       ? 
_pdbx_modification_feature.symmetry                           1_555 
_pdbx_modification_feature.modified_residue_auth_comp_id      CYS 
_pdbx_modification_feature.modified_residue_auth_asym_id      A 
_pdbx_modification_feature.modified_residue_auth_seq_id       166 
_pdbx_modification_feature.modified_residue_PDB_ins_code      ? 
_pdbx_modification_feature.modified_residue_symmetry          3_857 
_pdbx_modification_feature.comp_id_linking_atom               SG 
_pdbx_modification_feature.modified_residue_id_linking_atom   SG 
_pdbx_modification_feature.modified_residue_id                . 
_pdbx_modification_feature.ref_pcm_id                         . 
_pdbx_modification_feature.ref_comp_id                        . 
_pdbx_modification_feature.type                               None 
_pdbx_modification_feature.category                           'Disulfide bridge' 
# 
_pdbx_entry_details.entry_id                   7M5A 
_pdbx_entry_details.compound_details           ? 
_pdbx_entry_details.source_details             ? 
_pdbx_entry_details.nonpolymer_details         ? 
_pdbx_entry_details.sequence_details           ? 
_pdbx_entry_details.has_ligand_of_interest     ? 
_pdbx_entry_details.has_protein_modification   Y 
# 
loop_
_pdbx_struct_special_symmetry.id 
_pdbx_struct_special_symmetry.PDB_model_num 
_pdbx_struct_special_symmetry.auth_asym_id 
_pdbx_struct_special_symmetry.auth_comp_id 
_pdbx_struct_special_symmetry.auth_seq_id 
_pdbx_struct_special_symmetry.PDB_ins_code 
_pdbx_struct_special_symmetry.label_asym_id 
_pdbx_struct_special_symmetry.label_comp_id 
_pdbx_struct_special_symmetry.label_seq_id 
1 1 A HOH 287 ? C HOH . 
2 1 A HOH 321 ? C HOH . 
# 
loop_
_pdbx_unobs_or_zero_occ_residues.id 
_pdbx_unobs_or_zero_occ_residues.PDB_model_num 
_pdbx_unobs_or_zero_occ_residues.polymer_flag 
_pdbx_unobs_or_zero_occ_residues.occupancy_flag 
_pdbx_unobs_or_zero_occ_residues.auth_asym_id 
_pdbx_unobs_or_zero_occ_residues.auth_comp_id 
_pdbx_unobs_or_zero_occ_residues.auth_seq_id 
_pdbx_unobs_or_zero_occ_residues.PDB_ins_code 
_pdbx_unobs_or_zero_occ_residues.label_asym_id 
_pdbx_unobs_or_zero_occ_residues.label_comp_id 
_pdbx_unobs_or_zero_occ_residues.label_seq_id 
1  1 Y 1 A SER 21  ? A SER 1   
2  1 Y 1 A GLU 50  ? A GLU 30  
3  1 Y 1 A GLY 51  ? A GLY 31  
4  1 Y 1 A VAL 52  ? A VAL 32  
5  1 Y 1 A ALA 53  ? A ALA 33  
6  1 Y 1 A ALA 54  ? A ALA 34  
7  1 Y 1 A PRO 55  ? A PRO 35  
8  1 Y 1 A CYS 184 ? A CYS 164 
9  1 Y 1 A ASN 185 ? A ASN 165 
10 1 Y 1 A GLY 186 ? A GLY 166 
# 
loop_
_chem_comp_atom.comp_id 
_chem_comp_atom.atom_id 
_chem_comp_atom.type_symbol 
_chem_comp_atom.pdbx_aromatic_flag 
_chem_comp_atom.pdbx_stereo_config 
_chem_comp_atom.pdbx_ordinal 
ALA N    N N N 1   
ALA CA   C N S 2   
ALA C    C N N 3   
ALA O    O N N 4   
ALA CB   C N N 5   
ALA OXT  O N N 6   
ALA H    H N N 7   
ALA H2   H N N 8   
ALA HA   H N N 9   
ALA HB1  H N N 10  
ALA HB2  H N N 11  
ALA HB3  H N N 12  
ALA HXT  H N N 13  
ARG N    N N N 14  
ARG CA   C N S 15  
ARG C    C N N 16  
ARG O    O N N 17  
ARG CB   C N N 18  
ARG CG   C N N 19  
ARG CD   C N N 20  
ARG NE   N N N 21  
ARG CZ   C N N 22  
ARG NH1  N N N 23  
ARG NH2  N N N 24  
ARG OXT  O N N 25  
ARG H    H N N 26  
ARG H2   H N N 27  
ARG HA   H N N 28  
ARG HB2  H N N 29  
ARG HB3  H N N 30  
ARG HG2  H N N 31  
ARG HG3  H N N 32  
ARG HD2  H N N 33  
ARG HD3  H N N 34  
ARG HE   H N N 35  
ARG HH11 H N N 36  
ARG HH12 H N N 37  
ARG HH21 H N N 38  
ARG HH22 H N N 39  
ARG HXT  H N N 40  
ASN N    N N N 41  
ASN CA   C N S 42  
ASN C    C N N 43  
ASN O    O N N 44  
ASN CB   C N N 45  
ASN CG   C N N 46  
ASN OD1  O N N 47  
ASN ND2  N N N 48  
ASN OXT  O N N 49  
ASN H    H N N 50  
ASN H2   H N N 51  
ASN HA   H N N 52  
ASN HB2  H N N 53  
ASN HB3  H N N 54  
ASN HD21 H N N 55  
ASN HD22 H N N 56  
ASN HXT  H N N 57  
ASP N    N N N 58  
ASP CA   C N S 59  
ASP C    C N N 60  
ASP O    O N N 61  
ASP CB   C N N 62  
ASP CG   C N N 63  
ASP OD1  O N N 64  
ASP OD2  O N N 65  
ASP OXT  O N N 66  
ASP H    H N N 67  
ASP H2   H N N 68  
ASP HA   H N N 69  
ASP HB2  H N N 70  
ASP HB3  H N N 71  
ASP HD2  H N N 72  
ASP HXT  H N N 73  
CYS N    N N N 74  
CYS CA   C N R 75  
CYS C    C N N 76  
CYS O    O N N 77  
CYS CB   C N N 78  
CYS SG   S N N 79  
CYS OXT  O N N 80  
CYS H    H N N 81  
CYS H2   H N N 82  
CYS HA   H N N 83  
CYS HB2  H N N 84  
CYS HB3  H N N 85  
CYS HG   H N N 86  
CYS HXT  H N N 87  
GLN N    N N N 88  
GLN CA   C N S 89  
GLN C    C N N 90  
GLN O    O N N 91  
GLN CB   C N N 92  
GLN CG   C N N 93  
GLN CD   C N N 94  
GLN OE1  O N N 95  
GLN NE2  N N N 96  
GLN OXT  O N N 97  
GLN H    H N N 98  
GLN H2   H N N 99  
GLN HA   H N N 100 
GLN HB2  H N N 101 
GLN HB3  H N N 102 
GLN HG2  H N N 103 
GLN HG3  H N N 104 
GLN HE21 H N N 105 
GLN HE22 H N N 106 
GLN HXT  H N N 107 
GLU N    N N N 108 
GLU CA   C N S 109 
GLU C    C N N 110 
GLU O    O N N 111 
GLU CB   C N N 112 
GLU CG   C N N 113 
GLU CD   C N N 114 
GLU OE1  O N N 115 
GLU OE2  O N N 116 
GLU OXT  O N N 117 
GLU H    H N N 118 
GLU H2   H N N 119 
GLU HA   H N N 120 
GLU HB2  H N N 121 
GLU HB3  H N N 122 
GLU HG2  H N N 123 
GLU HG3  H N N 124 
GLU HE2  H N N 125 
GLU HXT  H N N 126 
GLY N    N N N 127 
GLY CA   C N N 128 
GLY C    C N N 129 
GLY O    O N N 130 
GLY OXT  O N N 131 
GLY H    H N N 132 
GLY H2   H N N 133 
GLY HA2  H N N 134 
GLY HA3  H N N 135 
GLY HXT  H N N 136 
HIS N    N N N 137 
HIS CA   C N S 138 
HIS C    C N N 139 
HIS O    O N N 140 
HIS CB   C N N 141 
HIS CG   C Y N 142 
HIS ND1  N Y N 143 
HIS CD2  C Y N 144 
HIS CE1  C Y N 145 
HIS NE2  N Y N 146 
HIS OXT  O N N 147 
HIS H    H N N 148 
HIS H2   H N N 149 
HIS HA   H N N 150 
HIS HB2  H N N 151 
HIS HB3  H N N 152 
HIS HD1  H N N 153 
HIS HD2  H N N 154 
HIS HE1  H N N 155 
HIS HE2  H N N 156 
HIS HXT  H N N 157 
HOH O    O N N 158 
HOH H1   H N N 159 
HOH H2   H N N 160 
ILE N    N N N 161 
ILE CA   C N S 162 
ILE C    C N N 163 
ILE O    O N N 164 
ILE CB   C N S 165 
ILE CG1  C N N 166 
ILE CG2  C N N 167 
ILE CD1  C N N 168 
ILE OXT  O N N 169 
ILE H    H N N 170 
ILE H2   H N N 171 
ILE HA   H N N 172 
ILE HB   H N N 173 
ILE HG12 H N N 174 
ILE HG13 H N N 175 
ILE HG21 H N N 176 
ILE HG22 H N N 177 
ILE HG23 H N N 178 
ILE HD11 H N N 179 
ILE HD12 H N N 180 
ILE HD13 H N N 181 
ILE HXT  H N N 182 
LEU N    N N N 183 
LEU CA   C N S 184 
LEU C    C N N 185 
LEU O    O N N 186 
LEU CB   C N N 187 
LEU CG   C N N 188 
LEU CD1  C N N 189 
LEU CD2  C N N 190 
LEU OXT  O N N 191 
LEU H    H N N 192 
LEU H2   H N N 193 
LEU HA   H N N 194 
LEU HB2  H N N 195 
LEU HB3  H N N 196 
LEU HG   H N N 197 
LEU HD11 H N N 198 
LEU HD12 H N N 199 
LEU HD13 H N N 200 
LEU HD21 H N N 201 
LEU HD22 H N N 202 
LEU HD23 H N N 203 
LEU HXT  H N N 204 
LYS N    N N N 205 
LYS CA   C N S 206 
LYS C    C N N 207 
LYS O    O N N 208 
LYS CB   C N N 209 
LYS CG   C N N 210 
LYS CD   C N N 211 
LYS CE   C N N 212 
LYS NZ   N N N 213 
LYS OXT  O N N 214 
LYS H    H N N 215 
LYS H2   H N N 216 
LYS HA   H N N 217 
LYS HB2  H N N 218 
LYS HB3  H N N 219 
LYS HG2  H N N 220 
LYS HG3  H N N 221 
LYS HD2  H N N 222 
LYS HD3  H N N 223 
LYS HE2  H N N 224 
LYS HE3  H N N 225 
LYS HZ1  H N N 226 
LYS HZ2  H N N 227 
LYS HZ3  H N N 228 
LYS HXT  H N N 229 
MET N    N N N 230 
MET CA   C N S 231 
MET C    C N N 232 
MET O    O N N 233 
MET CB   C N N 234 
MET CG   C N N 235 
MET SD   S N N 236 
MET CE   C N N 237 
MET OXT  O N N 238 
MET H    H N N 239 
MET H2   H N N 240 
MET HA   H N N 241 
MET HB2  H N N 242 
MET HB3  H N N 243 
MET HG2  H N N 244 
MET HG3  H N N 245 
MET HE1  H N N 246 
MET HE2  H N N 247 
MET HE3  H N N 248 
MET HXT  H N N 249 
PHE N    N N N 250 
PHE CA   C N S 251 
PHE C    C N N 252 
PHE O    O N N 253 
PHE CB   C N N 254 
PHE CG   C Y N 255 
PHE CD1  C Y N 256 
PHE CD2  C Y N 257 
PHE CE1  C Y N 258 
PHE CE2  C Y N 259 
PHE CZ   C Y N 260 
PHE OXT  O N N 261 
PHE H    H N N 262 
PHE H2   H N N 263 
PHE HA   H N N 264 
PHE HB2  H N N 265 
PHE HB3  H N N 266 
PHE HD1  H N N 267 
PHE HD2  H N N 268 
PHE HE1  H N N 269 
PHE HE2  H N N 270 
PHE HZ   H N N 271 
PHE HXT  H N N 272 
PRO N    N N N 273 
PRO CA   C N S 274 
PRO C    C N N 275 
PRO O    O N N 276 
PRO CB   C N N 277 
PRO CG   C N N 278 
PRO CD   C N N 279 
PRO OXT  O N N 280 
PRO H    H N N 281 
PRO HA   H N N 282 
PRO HB2  H N N 283 
PRO HB3  H N N 284 
PRO HG2  H N N 285 
PRO HG3  H N N 286 
PRO HD2  H N N 287 
PRO HD3  H N N 288 
PRO HXT  H N N 289 
SER N    N N N 290 
SER CA   C N S 291 
SER C    C N N 292 
SER O    O N N 293 
SER CB   C N N 294 
SER OG   O N N 295 
SER OXT  O N N 296 
SER H    H N N 297 
SER H2   H N N 298 
SER HA   H N N 299 
SER HB2  H N N 300 
SER HB3  H N N 301 
SER HG   H N N 302 
SER HXT  H N N 303 
THR N    N N N 304 
THR CA   C N S 305 
THR C    C N N 306 
THR O    O N N 307 
THR CB   C N R 308 
THR OG1  O N N 309 
THR CG2  C N N 310 
THR OXT  O N N 311 
THR H    H N N 312 
THR H2   H N N 313 
THR HA   H N N 314 
THR HB   H N N 315 
THR HG1  H N N 316 
THR HG21 H N N 317 
THR HG22 H N N 318 
THR HG23 H N N 319 
THR HXT  H N N 320 
TRP N    N N N 321 
TRP CA   C N S 322 
TRP C    C N N 323 
TRP O    O N N 324 
TRP CB   C N N 325 
TRP CG   C Y N 326 
TRP CD1  C Y N 327 
TRP CD2  C Y N 328 
TRP NE1  N Y N 329 
TRP CE2  C Y N 330 
TRP CE3  C Y N 331 
TRP CZ2  C Y N 332 
TRP CZ3  C Y N 333 
TRP CH2  C Y N 334 
TRP OXT  O N N 335 
TRP H    H N N 336 
TRP H2   H N N 337 
TRP HA   H N N 338 
TRP HB2  H N N 339 
TRP HB3  H N N 340 
TRP HD1  H N N 341 
TRP HE1  H N N 342 
TRP HE3  H N N 343 
TRP HZ2  H N N 344 
TRP HZ3  H N N 345 
TRP HH2  H N N 346 
TRP HXT  H N N 347 
TYR N    N N N 348 
TYR CA   C N S 349 
TYR C    C N N 350 
TYR O    O N N 351 
TYR CB   C N N 352 
TYR CG   C Y N 353 
TYR CD1  C Y N 354 
TYR CD2  C Y N 355 
TYR CE1  C Y N 356 
TYR CE2  C Y N 357 
TYR CZ   C Y N 358 
TYR OH   O N N 359 
TYR OXT  O N N 360 
TYR H    H N N 361 
TYR H2   H N N 362 
TYR HA   H N N 363 
TYR HB2  H N N 364 
TYR HB3  H N N 365 
TYR HD1  H N N 366 
TYR HD2  H N N 367 
TYR HE1  H N N 368 
TYR HE2  H N N 369 
TYR HH   H N N 370 
TYR HXT  H N N 371 
VAL N    N N N 372 
VAL CA   C N S 373 
VAL C    C N N 374 
VAL O    O N N 375 
VAL CB   C N N 376 
VAL CG1  C N N 377 
VAL CG2  C N N 378 
VAL OXT  O N N 379 
VAL H    H N N 380 
VAL H2   H N N 381 
VAL HA   H N N 382 
VAL HB   H N N 383 
VAL HG11 H N N 384 
VAL HG12 H N N 385 
VAL HG13 H N N 386 
VAL HG21 H N N 387 
VAL HG22 H N N 388 
VAL HG23 H N N 389 
VAL HXT  H N N 390 
# 
loop_
_chem_comp_bond.comp_id 
_chem_comp_bond.atom_id_1 
_chem_comp_bond.atom_id_2 
_chem_comp_bond.value_order 
_chem_comp_bond.pdbx_aromatic_flag 
_chem_comp_bond.pdbx_stereo_config 
_chem_comp_bond.pdbx_ordinal 
ALA N   CA   sing N N 1   
ALA N   H    sing N N 2   
ALA N   H2   sing N N 3   
ALA CA  C    sing N N 4   
ALA CA  CB   sing N N 5   
ALA CA  HA   sing N N 6   
ALA C   O    doub N N 7   
ALA C   OXT  sing N N 8   
ALA CB  HB1  sing N N 9   
ALA CB  HB2  sing N N 10  
ALA CB  HB3  sing N N 11  
ALA OXT HXT  sing N N 12  
ARG N   CA   sing N N 13  
ARG N   H    sing N N 14  
ARG N   H2   sing N N 15  
ARG CA  C    sing N N 16  
ARG CA  CB   sing N N 17  
ARG CA  HA   sing N N 18  
ARG C   O    doub N N 19  
ARG C   OXT  sing N N 20  
ARG CB  CG   sing N N 21  
ARG CB  HB2  sing N N 22  
ARG CB  HB3  sing N N 23  
ARG CG  CD   sing N N 24  
ARG CG  HG2  sing N N 25  
ARG CG  HG3  sing N N 26  
ARG CD  NE   sing N N 27  
ARG CD  HD2  sing N N 28  
ARG CD  HD3  sing N N 29  
ARG NE  CZ   sing N N 30  
ARG NE  HE   sing N N 31  
ARG CZ  NH1  sing N N 32  
ARG CZ  NH2  doub N N 33  
ARG NH1 HH11 sing N N 34  
ARG NH1 HH12 sing N N 35  
ARG NH2 HH21 sing N N 36  
ARG NH2 HH22 sing N N 37  
ARG OXT HXT  sing N N 38  
ASN N   CA   sing N N 39  
ASN N   H    sing N N 40  
ASN N   H2   sing N N 41  
ASN CA  C    sing N N 42  
ASN CA  CB   sing N N 43  
ASN CA  HA   sing N N 44  
ASN C   O    doub N N 45  
ASN C   OXT  sing N N 46  
ASN CB  CG   sing N N 47  
ASN CB  HB2  sing N N 48  
ASN CB  HB3  sing N N 49  
ASN CG  OD1  doub N N 50  
ASN CG  ND2  sing N N 51  
ASN ND2 HD21 sing N N 52  
ASN ND2 HD22 sing N N 53  
ASN OXT HXT  sing N N 54  
ASP N   CA   sing N N 55  
ASP N   H    sing N N 56  
ASP N   H2   sing N N 57  
ASP CA  C    sing N N 58  
ASP CA  CB   sing N N 59  
ASP CA  HA   sing N N 60  
ASP C   O    doub N N 61  
ASP C   OXT  sing N N 62  
ASP CB  CG   sing N N 63  
ASP CB  HB2  sing N N 64  
ASP CB  HB3  sing N N 65  
ASP CG  OD1  doub N N 66  
ASP CG  OD2  sing N N 67  
ASP OD2 HD2  sing N N 68  
ASP OXT HXT  sing N N 69  
CYS N   CA   sing N N 70  
CYS N   H    sing N N 71  
CYS N   H2   sing N N 72  
CYS CA  C    sing N N 73  
CYS CA  CB   sing N N 74  
CYS CA  HA   sing N N 75  
CYS C   O    doub N N 76  
CYS C   OXT  sing N N 77  
CYS CB  SG   sing N N 78  
CYS CB  HB2  sing N N 79  
CYS CB  HB3  sing N N 80  
CYS SG  HG   sing N N 81  
CYS OXT HXT  sing N N 82  
GLN N   CA   sing N N 83  
GLN N   H    sing N N 84  
GLN N   H2   sing N N 85  
GLN CA  C    sing N N 86  
GLN CA  CB   sing N N 87  
GLN CA  HA   sing N N 88  
GLN C   O    doub N N 89  
GLN C   OXT  sing N N 90  
GLN CB  CG   sing N N 91  
GLN CB  HB2  sing N N 92  
GLN CB  HB3  sing N N 93  
GLN CG  CD   sing N N 94  
GLN CG  HG2  sing N N 95  
GLN CG  HG3  sing N N 96  
GLN CD  OE1  doub N N 97  
GLN CD  NE2  sing N N 98  
GLN NE2 HE21 sing N N 99  
GLN NE2 HE22 sing N N 100 
GLN OXT HXT  sing N N 101 
GLU N   CA   sing N N 102 
GLU N   H    sing N N 103 
GLU N   H2   sing N N 104 
GLU CA  C    sing N N 105 
GLU CA  CB   sing N N 106 
GLU CA  HA   sing N N 107 
GLU C   O    doub N N 108 
GLU C   OXT  sing N N 109 
GLU CB  CG   sing N N 110 
GLU CB  HB2  sing N N 111 
GLU CB  HB3  sing N N 112 
GLU CG  CD   sing N N 113 
GLU CG  HG2  sing N N 114 
GLU CG  HG3  sing N N 115 
GLU CD  OE1  doub N N 116 
GLU CD  OE2  sing N N 117 
GLU OE2 HE2  sing N N 118 
GLU OXT HXT  sing N N 119 
GLY N   CA   sing N N 120 
GLY N   H    sing N N 121 
GLY N   H2   sing N N 122 
GLY CA  C    sing N N 123 
GLY CA  HA2  sing N N 124 
GLY CA  HA3  sing N N 125 
GLY C   O    doub N N 126 
GLY C   OXT  sing N N 127 
GLY OXT HXT  sing N N 128 
HIS N   CA   sing N N 129 
HIS N   H    sing N N 130 
HIS N   H2   sing N N 131 
HIS CA  C    sing N N 132 
HIS CA  CB   sing N N 133 
HIS CA  HA   sing N N 134 
HIS C   O    doub N N 135 
HIS C   OXT  sing N N 136 
HIS CB  CG   sing N N 137 
HIS CB  HB2  sing N N 138 
HIS CB  HB3  sing N N 139 
HIS CG  ND1  sing Y N 140 
HIS CG  CD2  doub Y N 141 
HIS ND1 CE1  doub Y N 142 
HIS ND1 HD1  sing N N 143 
HIS CD2 NE2  sing Y N 144 
HIS CD2 HD2  sing N N 145 
HIS CE1 NE2  sing Y N 146 
HIS CE1 HE1  sing N N 147 
HIS NE2 HE2  sing N N 148 
HIS OXT HXT  sing N N 149 
HOH O   H1   sing N N 150 
HOH O   H2   sing N N 151 
ILE N   CA   sing N N 152 
ILE N   H    sing N N 153 
ILE N   H2   sing N N 154 
ILE CA  C    sing N N 155 
ILE CA  CB   sing N N 156 
ILE CA  HA   sing N N 157 
ILE C   O    doub N N 158 
ILE C   OXT  sing N N 159 
ILE CB  CG1  sing N N 160 
ILE CB  CG2  sing N N 161 
ILE CB  HB   sing N N 162 
ILE CG1 CD1  sing N N 163 
ILE CG1 HG12 sing N N 164 
ILE CG1 HG13 sing N N 165 
ILE CG2 HG21 sing N N 166 
ILE CG2 HG22 sing N N 167 
ILE CG2 HG23 sing N N 168 
ILE CD1 HD11 sing N N 169 
ILE CD1 HD12 sing N N 170 
ILE CD1 HD13 sing N N 171 
ILE OXT HXT  sing N N 172 
LEU N   CA   sing N N 173 
LEU N   H    sing N N 174 
LEU N   H2   sing N N 175 
LEU CA  C    sing N N 176 
LEU CA  CB   sing N N 177 
LEU CA  HA   sing N N 178 
LEU C   O    doub N N 179 
LEU C   OXT  sing N N 180 
LEU CB  CG   sing N N 181 
LEU CB  HB2  sing N N 182 
LEU CB  HB3  sing N N 183 
LEU CG  CD1  sing N N 184 
LEU CG  CD2  sing N N 185 
LEU CG  HG   sing N N 186 
LEU CD1 HD11 sing N N 187 
LEU CD1 HD12 sing N N 188 
LEU CD1 HD13 sing N N 189 
LEU CD2 HD21 sing N N 190 
LEU CD2 HD22 sing N N 191 
LEU CD2 HD23 sing N N 192 
LEU OXT HXT  sing N N 193 
LYS N   CA   sing N N 194 
LYS N   H    sing N N 195 
LYS N   H2   sing N N 196 
LYS CA  C    sing N N 197 
LYS CA  CB   sing N N 198 
LYS CA  HA   sing N N 199 
LYS C   O    doub N N 200 
LYS C   OXT  sing N N 201 
LYS CB  CG   sing N N 202 
LYS CB  HB2  sing N N 203 
LYS CB  HB3  sing N N 204 
LYS CG  CD   sing N N 205 
LYS CG  HG2  sing N N 206 
LYS CG  HG3  sing N N 207 
LYS CD  CE   sing N N 208 
LYS CD  HD2  sing N N 209 
LYS CD  HD3  sing N N 210 
LYS CE  NZ   sing N N 211 
LYS CE  HE2  sing N N 212 
LYS CE  HE3  sing N N 213 
LYS NZ  HZ1  sing N N 214 
LYS NZ  HZ2  sing N N 215 
LYS NZ  HZ3  sing N N 216 
LYS OXT HXT  sing N N 217 
MET N   CA   sing N N 218 
MET N   H    sing N N 219 
MET N   H2   sing N N 220 
MET CA  C    sing N N 221 
MET CA  CB   sing N N 222 
MET CA  HA   sing N N 223 
MET C   O    doub N N 224 
MET C   OXT  sing N N 225 
MET CB  CG   sing N N 226 
MET CB  HB2  sing N N 227 
MET CB  HB3  sing N N 228 
MET CG  SD   sing N N 229 
MET CG  HG2  sing N N 230 
MET CG  HG3  sing N N 231 
MET SD  CE   sing N N 232 
MET CE  HE1  sing N N 233 
MET CE  HE2  sing N N 234 
MET CE  HE3  sing N N 235 
MET OXT HXT  sing N N 236 
PHE N   CA   sing N N 237 
PHE N   H    sing N N 238 
PHE N   H2   sing N N 239 
PHE CA  C    sing N N 240 
PHE CA  CB   sing N N 241 
PHE CA  HA   sing N N 242 
PHE C   O    doub N N 243 
PHE C   OXT  sing N N 244 
PHE CB  CG   sing N N 245 
PHE CB  HB2  sing N N 246 
PHE CB  HB3  sing N N 247 
PHE CG  CD1  doub Y N 248 
PHE CG  CD2  sing Y N 249 
PHE CD1 CE1  sing Y N 250 
PHE CD1 HD1  sing N N 251 
PHE CD2 CE2  doub Y N 252 
PHE CD2 HD2  sing N N 253 
PHE CE1 CZ   doub Y N 254 
PHE CE1 HE1  sing N N 255 
PHE CE2 CZ   sing Y N 256 
PHE CE2 HE2  sing N N 257 
PHE CZ  HZ   sing N N 258 
PHE OXT HXT  sing N N 259 
PRO N   CA   sing N N 260 
PRO N   CD   sing N N 261 
PRO N   H    sing N N 262 
PRO CA  C    sing N N 263 
PRO CA  CB   sing N N 264 
PRO CA  HA   sing N N 265 
PRO C   O    doub N N 266 
PRO C   OXT  sing N N 267 
PRO CB  CG   sing N N 268 
PRO CB  HB2  sing N N 269 
PRO CB  HB3  sing N N 270 
PRO CG  CD   sing N N 271 
PRO CG  HG2  sing N N 272 
PRO CG  HG3  sing N N 273 
PRO CD  HD2  sing N N 274 
PRO CD  HD3  sing N N 275 
PRO OXT HXT  sing N N 276 
SER N   CA   sing N N 277 
SER N   H    sing N N 278 
SER N   H2   sing N N 279 
SER CA  C    sing N N 280 
SER CA  CB   sing N N 281 
SER CA  HA   sing N N 282 
SER C   O    doub N N 283 
SER C   OXT  sing N N 284 
SER CB  OG   sing N N 285 
SER CB  HB2  sing N N 286 
SER CB  HB3  sing N N 287 
SER OG  HG   sing N N 288 
SER OXT HXT  sing N N 289 
THR N   CA   sing N N 290 
THR N   H    sing N N 291 
THR N   H2   sing N N 292 
THR CA  C    sing N N 293 
THR CA  CB   sing N N 294 
THR CA  HA   sing N N 295 
THR C   O    doub N N 296 
THR C   OXT  sing N N 297 
THR CB  OG1  sing N N 298 
THR CB  CG2  sing N N 299 
THR CB  HB   sing N N 300 
THR OG1 HG1  sing N N 301 
THR CG2 HG21 sing N N 302 
THR CG2 HG22 sing N N 303 
THR CG2 HG23 sing N N 304 
THR OXT HXT  sing N N 305 
TRP N   CA   sing N N 306 
TRP N   H    sing N N 307 
TRP N   H2   sing N N 308 
TRP CA  C    sing N N 309 
TRP CA  CB   sing N N 310 
TRP CA  HA   sing N N 311 
TRP C   O    doub N N 312 
TRP C   OXT  sing N N 313 
TRP CB  CG   sing N N 314 
TRP CB  HB2  sing N N 315 
TRP CB  HB3  sing N N 316 
TRP CG  CD1  doub Y N 317 
TRP CG  CD2  sing Y N 318 
TRP CD1 NE1  sing Y N 319 
TRP CD1 HD1  sing N N 320 
TRP CD2 CE2  doub Y N 321 
TRP CD2 CE3  sing Y N 322 
TRP NE1 CE2  sing Y N 323 
TRP NE1 HE1  sing N N 324 
TRP CE2 CZ2  sing Y N 325 
TRP CE3 CZ3  doub Y N 326 
TRP CE3 HE3  sing N N 327 
TRP CZ2 CH2  doub Y N 328 
TRP CZ2 HZ2  sing N N 329 
TRP CZ3 CH2  sing Y N 330 
TRP CZ3 HZ3  sing N N 331 
TRP CH2 HH2  sing N N 332 
TRP OXT HXT  sing N N 333 
TYR N   CA   sing N N 334 
TYR N   H    sing N N 335 
TYR N   H2   sing N N 336 
TYR CA  C    sing N N 337 
TYR CA  CB   sing N N 338 
TYR CA  HA   sing N N 339 
TYR C   O    doub N N 340 
TYR C   OXT  sing N N 341 
TYR CB  CG   sing N N 342 
TYR CB  HB2  sing N N 343 
TYR CB  HB3  sing N N 344 
TYR CG  CD1  doub Y N 345 
TYR CG  CD2  sing Y N 346 
TYR CD1 CE1  sing Y N 347 
TYR CD1 HD1  sing N N 348 
TYR CD2 CE2  doub Y N 349 
TYR CD2 HD2  sing N N 350 
TYR CE1 CZ   doub Y N 351 
TYR CE1 HE1  sing N N 352 
TYR CE2 CZ   sing Y N 353 
TYR CE2 HE2  sing N N 354 
TYR CZ  OH   sing N N 355 
TYR OH  HH   sing N N 356 
TYR OXT HXT  sing N N 357 
VAL N   CA   sing N N 358 
VAL N   H    sing N N 359 
VAL N   H2   sing N N 360 
VAL CA  C    sing N N 361 
VAL CA  CB   sing N N 362 
VAL CA  HA   sing N N 363 
VAL C   O    doub N N 364 
VAL C   OXT  sing N N 365 
VAL CB  CG1  sing N N 366 
VAL CB  CG2  sing N N 367 
VAL CB  HB   sing N N 368 
VAL CG1 HG11 sing N N 369 
VAL CG1 HG12 sing N N 370 
VAL CG1 HG13 sing N N 371 
VAL CG2 HG21 sing N N 372 
VAL CG2 HG22 sing N N 373 
VAL CG2 HG23 sing N N 374 
VAL OXT HXT  sing N N 375 
# 
_pdbx_initial_refinement_model.id               1 
_pdbx_initial_refinement_model.entity_id_list   ? 
_pdbx_initial_refinement_model.type             'experimental model' 
_pdbx_initial_refinement_model.source_name      PDB 
_pdbx_initial_refinement_model.accession_code   2VWZ 
_pdbx_initial_refinement_model.details          ? 
# 
_atom_sites.entry_id                    7M5A 
_atom_sites.Cartn_transf_matrix[1][1]   ? 
_atom_sites.Cartn_transf_matrix[1][2]   ? 
_atom_sites.Cartn_transf_matrix[1][3]   ? 
_atom_sites.Cartn_transf_matrix[2][1]   ? 
_atom_sites.Cartn_transf_matrix[2][2]   ? 
_atom_sites.Cartn_transf_matrix[2][3]   ? 
_atom_sites.Cartn_transf_matrix[3][1]   ? 
_atom_sites.Cartn_transf_matrix[3][2]   ? 
_atom_sites.Cartn_transf_matrix[3][3]   ? 
_atom_sites.Cartn_transf_vector[1]      ? 
_atom_sites.Cartn_transf_vector[2]      ? 
_atom_sites.Cartn_transf_vector[3]      ? 
_atom_sites.fract_transf_matrix[1][1]   0.01422878 
_atom_sites.fract_transf_matrix[1][2]   0.00485182 
_atom_sites.fract_transf_matrix[1][3]   0.00214145 
_atom_sites.fract_transf_matrix[2][1]   0.00040083 
_atom_sites.fract_transf_matrix[2][2]   0.00469675 
_atom_sites.fract_transf_matrix[2][3]   -0.01330463 
_atom_sites.fract_transf_matrix[3][1]   -0.00487577 
_atom_sites.fract_transf_matrix[3][2]   0.01242753 
_atom_sites.fract_transf_matrix[3][3]   0.00424022 
_atom_sites.fract_transf_vector[1]      1.241259 
_atom_sites.fract_transf_vector[2]      0.331090 
_atom_sites.fract_transf_vector[3]      1.103985 
_atom_sites.solution_primary            ? 
_atom_sites.solution_secondary          ? 
_atom_sites.solution_hydrogens          ? 
_atom_sites.special_details             ? 
# 
loop_
_atom_type.symbol 
C 
N 
O 
S 
# 
loop_
_atom_site.group_PDB 
_atom_site.id 
_atom_site.type_symbol 
_atom_site.label_atom_id 
_atom_site.label_alt_id 
_atom_site.label_comp_id 
_atom_site.label_asym_id 
_atom_site.label_entity_id 
_atom_site.label_seq_id 
_atom_site.pdbx_PDB_ins_code 
_atom_site.Cartn_x 
_atom_site.Cartn_y 
_atom_site.Cartn_z 
_atom_site.occupancy 
_atom_site.B_iso_or_equiv 
_atom_site.pdbx_formal_charge 
_atom_site.auth_seq_id 
_atom_site.auth_comp_id 
_atom_site.auth_asym_id 
_atom_site.auth_atom_id 
_atom_site.pdbx_PDB_model_num 
ATOM   1    N N   . ALA A 1 2   ? 18.349  -11.288 -7.999  1.00 35.68 ? 22  ALA A N   1 
ATOM   2    C CA  . ALA A 1 2   ? 17.361  -12.331 -8.279  1.00 39.58 ? 22  ALA A CA  1 
ATOM   3    C C   . ALA A 1 2   ? 16.343  -12.439 -7.142  1.00 28.64 ? 22  ALA A C   1 
ATOM   4    O O   . ALA A 1 2   ? 15.138  -12.561 -7.371  1.00 26.28 ? 22  ALA A O   1 
ATOM   5    C CB  . ALA A 1 2   ? 18.052  -13.671 -8.503  1.00 38.18 ? 22  ALA A CB  1 
ATOM   6    N N   . SER A 1 3   ? 16.837  -12.435 -5.907  1.00 35.06 ? 23  SER A N   1 
ATOM   7    C CA  . SER A 1 3   ? 15.915  -12.470 -4.781  1.00 24.23 ? 23  SER A CA  1 
ATOM   8    C C   . SER A 1 3   ? 15.009  -11.250 -4.798  1.00 21.60 ? 23  SER A C   1 
ATOM   9    O O   . SER A 1 3   ? 13.813  -11.362 -4.520  1.00 23.31 ? 23  SER A O   1 
ATOM   10   C CB  . SER A 1 3   ? 16.679  -12.563 -3.460  1.00 39.11 ? 23  SER A CB  1 
ATOM   11   O OG  . SER A 1 3   ? 15.920  -13.264 -2.486  1.00 37.93 ? 23  SER A OG  1 
ATOM   12   N N   . GLU A 1 4   ? 15.562  -10.082 -5.131  1.00 22.59 ? 24  GLU A N   1 
ATOM   13   C CA  . GLU A 1 4   ? 14.754  -8.869  -5.140  1.00 20.43 ? 24  GLU A CA  1 
ATOM   14   C C   . GLU A 1 4   ? 13.694  -8.938  -6.226  1.00 19.25 ? 24  GLU A C   1 
ATOM   15   O O   . GLU A 1 4   ? 12.572  -8.462  -6.033  1.00 21.17 ? 24  GLU A O   1 
ATOM   16   C CB  . GLU A 1 4   ? 15.635  -7.633  -5.320  1.00 25.27 ? 24  GLU A CB  1 
ATOM   17   C CG  . GLU A 1 4   ? 16.418  -7.232  -4.068  1.00 26.68 ? 24  GLU A CG  1 
ATOM   18   C CD  . GLU A 1 4   ? 17.281  -5.992  -4.296  1.00 34.45 ? 24  GLU A CD  1 
ATOM   19   O OE1 . GLU A 1 4   ? 18.401  -6.126  -4.838  1.00 39.01 ? 24  GLU A OE1 1 
ATOM   20   O OE2 . GLU A 1 4   ? 16.844  -4.879  -3.946  1.00 38.47 ? 24  GLU A OE2 1 
ATOM   21   N N   . GLU A 1 5   ? 14.030  -9.513  -7.386  1.00 22.89 ? 25  GLU A N   1 
ATOM   22   C CA  . GLU A 1 5   ? 13.065  -9.558  -8.482  1.00 25.48 ? 25  GLU A CA  1 
ATOM   23   C C   . GLU A 1 5   ? 11.906  -10.495 -8.166  1.00 20.24 ? 25  GLU A C   1 
ATOM   24   O O   . GLU A 1 5   ? 10.749  -10.212 -8.516  1.00 16.85 ? 25  GLU A O   1 
ATOM   25   C CB  . GLU A 1 5   ? 13.770  -9.959  -9.779  1.00 24.48 ? 25  GLU A CB  1 
ATOM   26   C CG  . GLU A 1 5   ? 12.836  -10.188 -10.984 1.00 27.63 ? 25  GLU A CG  1 
ATOM   27   C CD  . GLU A 1 5   ? 11.935  -8.992  -11.291 1.00 29.19 ? 25  GLU A CD  1 
ATOM   28   O OE1 . GLU A 1 5   ? 12.411  -7.831  -11.188 1.00 30.94 ? 25  GLU A OE1 1 
ATOM   29   O OE2 . GLU A 1 5   ? 10.751  -9.216  -11.644 1.00 32.54 ? 25  GLU A OE2 1 
ATOM   30   N N   . GLN A 1 6   ? 12.176  -11.614 -7.492  1.00 17.27 ? 26  GLN A N   1 
ATOM   31   C CA  . GLN A 1 6   ? 11.065  -12.452 -7.083  1.00 14.72 ? 26  GLN A CA  1 
ATOM   32   C C   . GLN A 1 6   ? 10.179  -11.713 -6.089  1.00 14.64 ? 26  GLN A C   1 
ATOM   33   O O   . GLN A 1 6   ? 8.951   -11.772 -6.176  1.00 13.83 ? 26  GLN A O   1 
ATOM   34   C CB  . GLN A 1 6   ? 11.580  -13.762 -6.489  1.00 23.95 ? 26  GLN A CB  1 
ATOM   35   C CG  . GLN A 1 6   ? 10.475  -14.724 -6.130  1.00 19.73 ? 26  GLN A CG  1 
ATOM   36   C CD  . GLN A 1 6   ? 9.603   -15.110 -7.325  1.00 32.68 ? 26  GLN A CD  1 
ATOM   37   O OE1 . GLN A 1 6   ? 10.113  -15.436 -8.408  1.00 34.16 ? 26  GLN A OE1 1 
ATOM   38   N NE2 . GLN A 1 6   ? 8.287   -15.071 -7.136  1.00 25.16 ? 26  GLN A NE2 1 
ATOM   39   N N   . VAL A 1 7   ? 10.788  -10.992 -5.143  1.00 14.47 ? 27  VAL A N   1 
ATOM   40   C CA  . VAL A 1 7   ? 9.974   -10.189 -4.220  1.00 13.44 ? 27  VAL A CA  1 
ATOM   41   C C   . VAL A 1 7   ? 9.182   -9.127  -4.977  1.00 14.38 ? 27  VAL A C   1 
ATOM   42   O O   . VAL A 1 7   ? 8.019   -8.867  -4.660  1.00 12.87 ? 27  VAL A O   1 
ATOM   43   C CB  . VAL A 1 7   ? 10.838  -9.568  -3.101  1.00 14.14 ? 27  VAL A CB  1 
ATOM   44   C CG1 . VAL A 1 7   ? 9.999   -8.596  -2.268  1.00 16.28 ? 27  VAL A CG1 1 
ATOM   45   C CG2 . VAL A 1 7   ? 11.352  -10.650 -2.197  1.00 16.50 ? 27  VAL A CG2 1 
ATOM   46   N N   . ALA A 1 8   ? 9.773   -8.520  -6.004  1.00 14.11 ? 28  ALA A N   1 
ATOM   47   C CA  . ALA A 1 8   ? 9.018   -7.532  -6.778  1.00 12.91 ? 28  ALA A CA  1 
ATOM   48   C C   . ALA A 1 8   ? 7.809   -8.165  -7.458  1.00 14.53 ? 28  ALA A C   1 
ATOM   49   O O   . ALA A 1 8   ? 6.726   -7.568  -7.479  1.00 13.00 ? 28  ALA A O   1 
ATOM   50   C CB  . ALA A 1 8   ? 9.927   -6.860  -7.804  1.00 16.38 ? 28  ALA A CB  1 
ATOM   51   N N   . GLN A 1 9   ? 7.982   -9.360  -8.046  1.00 11.97 ? 29  GLN A N   1 
ATOM   52   C CA  . GLN A 1 9   ? 6.852   -10.032 -8.680  1.00 12.21 ? 29  GLN A CA  1 
ATOM   53   C C   . GLN A 1 9   ? 5.780   -10.328 -7.657  1.00 15.12 ? 29  GLN A C   1 
ATOM   54   O O   . GLN A 1 9   ? 4.595   -10.082 -7.889  1.00 13.49 ? 29  GLN A O   1 
ATOM   55   C CB  . GLN A 1 9   ? 7.315   -11.329 -9.382  1.00 15.34 ? 29  GLN A CB  1 
ATOM   56   C CG  . GLN A 1 9   ? 8.093   -10.970 -10.671 1.00 22.19 ? 29  GLN A CG  1 
ATOM   57   C CD  . GLN A 1 9   ? 8.819   -12.116 -11.377 1.00 30.28 ? 29  GLN A CD  1 
ATOM   58   O OE1 . GLN A 1 9   ? 8.365   -13.276 -11.396 1.00 20.81 ? 29  GLN A OE1 1 
ATOM   59   N NE2 . GLN A 1 9   ? 9.956   -11.772 -11.992 1.00 18.08 ? 29  GLN A NE2 1 
ATOM   60   N N   . ASP A 1 10  ? 6.200   -10.798 -6.477  1.00 12.36 ? 30  ASP A N   1 
ATOM   61   C CA  . ASP A 1 10  ? 5.259   -11.101 -5.418  1.00 13.26 ? 30  ASP A CA  1 
ATOM   62   C C   . ASP A 1 10  ? 4.562   -9.832  -4.929  1.00 12.42 ? 30  ASP A C   1 
ATOM   63   O O   . ASP A 1 10  ? 3.388   -9.881  -4.565  1.00 12.91 ? 30  ASP A O   1 
ATOM   64   C CB  . ASP A 1 10  ? 5.989   -11.745 -4.232  1.00 11.14 ? 30  ASP A CB  1 
ATOM   65   C CG  . ASP A 1 10  ? 6.464   -13.185 -4.500  1.00 23.41 ? 30  ASP A CG  1 
ATOM   66   O OD1 . ASP A 1 10  ? 6.091   -13.778 -5.530  1.00 21.54 ? 30  ASP A OD1 1 
ATOM   67   O OD2 . ASP A 1 10  ? 7.224   -13.714 -3.657  1.00 25.45 ? 30  ASP A OD2 1 
ATOM   68   N N   . THR A 1 11  ? 5.271   -8.685  -4.948  1.00 11.47 ? 31  THR A N   1 
ATOM   69   C CA  . THR A 1 11  ? 4.673   -7.433  -4.475  1.00 11.94 ? 31  THR A CA  1 
ATOM   70   C C   . THR A 1 11  ? 3.496   -7.025  -5.336  1.00 11.96 ? 31  THR A C   1 
ATOM   71   O O   . THR A 1 11  ? 2.491   -6.499  -4.824  1.00 12.18 ? 31  THR A O   1 
ATOM   72   C CB  . THR A 1 11  ? 5.706   -6.309  -4.512  1.00 11.73 ? 31  THR A CB  1 
ATOM   73   O OG1 . THR A 1 11  ? 6.802   -6.672  -3.660  1.00 12.96 ? 31  THR A OG1 1 
ATOM   74   C CG2 . THR A 1 11  ? 5.104   -4.981  -4.015  1.00 12.34 ? 31  THR A CG2 1 
ATOM   75   N N   . GLU A 1 12  ? 3.594   -7.248  -6.652  1.00 10.59 ? 32  GLU A N   1 
ATOM   76   C CA  . GLU A 1 12  ? 2.452   -6.930  -7.493  1.00 11.08 ? 32  GLU A CA  1 
ATOM   77   C C   . GLU A 1 12  ? 1.236   -7.730  -7.047  1.00 13.15 ? 32  GLU A C   1 
ATOM   78   O O   . GLU A 1 12  ? 0.142   -7.171  -6.922  1.00 13.77 ? 32  GLU A O   1 
ATOM   79   C CB  . GLU A 1 12  ? 2.774   -7.209  -8.961  1.00 12.76 ? 32  GLU A CB  1 
ATOM   80   C CG  . GLU A 1 12  ? 1.515   -7.185  -9.814  1.00 16.99 ? 32  GLU A CG  1 
ATOM   81   C CD  . GLU A 1 12  ? 1.734   -6.728  -11.230 1.00 33.80 ? 32  GLU A CD  1 
ATOM   82   O OE1 . GLU A 1 12  ? 0.850   -6.017  -11.773 1.00 31.72 ? 32  GLU A OE1 1 
ATOM   83   O OE2 . GLU A 1 12  ? 2.784   -7.085  -11.798 1.00 31.33 ? 32  GLU A OE2 1 
ATOM   84   N N   . GLU A 1 13  ? 1.420   -9.034  -6.772  1.00 12.21 ? 33  GLU A N   1 
ATOM   85   C CA  . GLU A 1 13  ? 0.287   -9.868  -6.338  1.00 12.24 ? 33  GLU A CA  1 
ATOM   86   C C   . GLU A 1 13  ? -0.225  -9.450  -4.965  1.00 12.36 ? 33  GLU A C   1 
ATOM   87   O O   . GLU A 1 13  ? -1.441  -9.378  -4.741  1.00 15.04 ? 33  GLU A O   1 
ATOM   88   C CB  . GLU A 1 13  ? 0.693   -11.340 -6.297  1.00 12.80 ? 33  GLU A CB  1 
ATOM   89   C CG  . GLU A 1 13  ? 1.055   -11.872 -7.658  1.00 14.93 ? 33  GLU A CG  1 
ATOM   90   C CD  . GLU A 1 13  ? 0.870   -13.353 -7.800  1.00 21.62 ? 33  GLU A CD  1 
ATOM   91   O OE1 . GLU A 1 13  ? 0.999   -14.073 -6.821  1.00 23.27 ? 33  GLU A OE1 1 
ATOM   92   O OE2 . GLU A 1 13  ? 0.596   -13.809 -8.920  1.00 25.88 ? 33  GLU A OE2 1 
ATOM   93   N N   . VAL A 1 14  ? 0.689   -9.179  -4.035  1.00 10.59 ? 34  VAL A N   1 
ATOM   94   C CA  . VAL A 1 14  ? 0.284   -8.748  -2.694  1.00 12.96 ? 34  VAL A CA  1 
ATOM   95   C C   . VAL A 1 14  ? -0.502  -7.441  -2.764  1.00 12.94 ? 34  VAL A C   1 
ATOM   96   O O   . VAL A 1 14  ? -1.541  -7.280  -2.098  1.00 13.72 ? 34  VAL A O   1 
ATOM   97   C CB  . VAL A 1 14  ? 1.521   -8.613  -1.788  1.00 10.99 ? 34  VAL A CB  1 
ATOM   98   C CG1 . VAL A 1 14  ? 1.147   -7.938  -0.451  1.00 12.90 ? 34  VAL A CG1 1 
ATOM   99   C CG2 . VAL A 1 14  ? 2.145   -9.981  -1.497  1.00 11.71 ? 34  VAL A CG2 1 
ATOM   100  N N   . PHE A 1 15  ? -0.018  -6.482  -3.561  1.00 10.75 ? 35  PHE A N   1 
ATOM   101  C CA  . PHE A 1 15  ? -0.726  -5.209  -3.642  1.00 10.28 ? 35  PHE A CA  1 
ATOM   102  C C   . PHE A 1 15  ? -2.099  -5.385  -4.287  1.00 11.58 ? 35  PHE A C   1 
ATOM   103  O O   . PHE A 1 15  ? -3.087  -4.832  -3.798  1.00 13.77 ? 35  PHE A O   1 
ATOM   104  C CB  . PHE A 1 15  ? 0.089   -4.175  -4.429  1.00 12.20 ? 35  PHE A CB  1 
ATOM   105  C CG  . PHE A 1 15  ? -0.593  -2.838  -4.509  1.00 11.47 ? 35  PHE A CG  1 
ATOM   106  C CD1 . PHE A 1 15  ? -0.787  -2.089  -3.347  1.00 10.91 ? 35  PHE A CD1 1 
ATOM   107  C CD2 . PHE A 1 15  ? -1.047  -2.330  -5.712  1.00 11.35 ? 35  PHE A CD2 1 
ATOM   108  C CE1 . PHE A 1 15  ? -1.411  -0.857  -3.393  1.00 12.06 ? 35  PHE A CE1 1 
ATOM   109  C CE2 . PHE A 1 15  ? -1.686  -1.100  -5.750  1.00 11.93 ? 35  PHE A CE2 1 
ATOM   110  C CZ  . PHE A 1 15  ? -1.871  -0.381  -4.589  1.00 10.98 ? 35  PHE A CZ  1 
ATOM   111  N N   . ARG A 1 16  ? -2.185  -6.148  -5.382  1.00 12.49 ? 36  ARG A N   1 
ATOM   112  C CA  . ARG A 1 16  ? -3.493  -6.344  -5.995  1.00 11.71 ? 36  ARG A CA  1 
ATOM   113  C C   . ARG A 1 16  ? -4.450  -7.080  -5.063  1.00 14.79 ? 36  ARG A C   1 
ATOM   114  O O   . ARG A 1 16  ? -5.643  -6.750  -5.021  1.00 13.65 ? 36  ARG A O   1 
ATOM   115  C CB  . ARG A 1 16  ? -3.368  -7.051  -7.340  1.00 14.73 ? 36  ARG A CB  1 
ATOM   116  C CG  . ARG A 1 16  ? -2.744  -6.170  -8.432  1.00 17.04 ? 36  ARG A CG  1 
ATOM   117  C CD  . ARG A 1 16  ? -3.565  -4.912  -8.672  1.00 22.66 ? 36  ARG A CD  1 
ATOM   118  N NE  . ARG A 1 16  ? -4.881  -5.223  -9.222  1.00 24.80 ? 36  ARG A NE  1 
ATOM   119  C CZ  . ARG A 1 16  ? -5.124  -5.511  -10.499 1.00 29.79 ? 36  ARG A CZ  1 
ATOM   120  N NH1 . ARG A 1 16  ? -4.127  -5.577  -11.380 1.00 27.89 ? 36  ARG A NH1 1 
ATOM   121  N NH2 . ARG A 1 16  ? -6.369  -5.772  -10.878 1.00 24.07 ? 36  ARG A NH2 1 
ATOM   122  N N   . SER A 1 17  ? -3.950  -8.074  -4.305  1.00 13.01 ? 37  SER A N   1 
ATOM   123  C CA  . SER A 1 17  ? -4.819  -8.757  -3.347  1.00 11.10 ? 37  SER A CA  1 
ATOM   124  C C   . SER A 1 17  ? -5.201  -7.822  -2.203  1.00 14.59 ? 37  SER A C   1 
ATOM   125  O O   . SER A 1 17  ? -6.370  -7.762  -1.790  1.00 14.51 ? 37  SER A O   1 
ATOM   126  C CB  . SER A 1 17  ? -4.116  -9.991  -2.772  1.00 13.46 ? 37  SER A CB  1 
ATOM   127  O OG  . SER A 1 17  ? -4.898  -10.505 -1.695  1.00 22.39 ? 37  SER A OG  1 
ATOM   128  N N   . TYR A 1 18  ? -4.230  -7.071  -1.686  1.00 12.35 ? 38  TYR A N   1 
ATOM   129  C CA  . TYR A 1 18  ? -4.516  -6.115  -0.625  1.00 12.59 ? 38  TYR A CA  1 
ATOM   130  C C   . TYR A 1 18  ? -5.597  -5.133  -1.049  1.00 12.62 ? 38  TYR A C   1 
ATOM   131  O O   . TYR A 1 18  ? -6.529  -4.857  -0.285  1.00 13.82 ? 38  TYR A O   1 
ATOM   132  C CB  . TYR A 1 18  ? -3.228  -5.377  -0.243  1.00 14.59 ? 38  TYR A CB  1 
ATOM   133  C CG  . TYR A 1 18  ? -3.377  -4.344  0.835   1.00 11.29 ? 38  TYR A CG  1 
ATOM   134  C CD1 . TYR A 1 18  ? -3.249  -4.696  2.177   1.00 13.51 ? 38  TYR A CD1 1 
ATOM   135  C CD2 . TYR A 1 18  ? -3.628  -3.009  0.526   1.00 11.47 ? 38  TYR A CD2 1 
ATOM   136  C CE1 . TYR A 1 18  ? -3.360  -3.754  3.159   1.00 13.69 ? 38  TYR A CE1 1 
ATOM   137  C CE2 . TYR A 1 18  ? -3.762  -2.062  1.516   1.00 14.46 ? 38  TYR A CE2 1 
ATOM   138  C CZ  . TYR A 1 18  ? -3.621  -2.452  2.825   1.00 14.19 ? 38  TYR A CZ  1 
ATOM   139  O OH  . TYR A 1 18  ? -3.762  -1.527  3.828   1.00 17.63 ? 38  TYR A OH  1 
ATOM   140  N N   . VAL A 1 19  ? -5.502  -4.616  -2.279  1.00 11.23 ? 39  VAL A N   1 
ATOM   141  C CA  . VAL A 1 19  ? -6.508  -3.686  -2.789  1.00 12.91 ? 39  VAL A CA  1 
ATOM   142  C C   . VAL A 1 19  ? -7.875  -4.363  -2.851  1.00 16.46 ? 39  VAL A C   1 
ATOM   143  O O   . VAL A 1 19  ? -8.890  -3.791  -2.430  1.00 14.31 ? 39  VAL A O   1 
ATOM   144  C CB  . VAL A 1 19  ? -6.061  -3.173  -4.171  1.00 13.09 ? 39  VAL A CB  1 
ATOM   145  C CG1 . VAL A 1 19  ? -7.225  -2.574  -4.963  1.00 15.07 ? 39  VAL A CG1 1 
ATOM   146  C CG2 . VAL A 1 19  ? -4.926  -2.130  -4.007  1.00 13.37 ? 39  VAL A CG2 1 
ATOM   147  N N   . PHE A 1 20  ? -7.926  -5.567  -3.431  1.00 13.64 ? 40  PHE A N   1 
ATOM   148  C CA  . PHE A 1 20  ? -9.183  -6.297  -3.533  1.00 13.44 ? 40  PHE A CA  1 
ATOM   149  C C   . PHE A 1 20  ? -9.839  -6.461  -2.175  1.00 16.16 ? 40  PHE A C   1 
ATOM   150  O O   . PHE A 1 20  ? -11.027 -6.164  -2.014  1.00 16.93 ? 40  PHE A O   1 
ATOM   151  C CB  . PHE A 1 20  ? -8.956  -7.656  -4.193  1.00 14.39 ? 40  PHE A CB  1 
ATOM   152  C CG  . PHE A 1 20  ? -10.209 -8.464  -4.319  1.00 16.88 ? 40  PHE A CG  1 
ATOM   153  C CD1 . PHE A 1 20  ? -10.635 -9.284  -3.287  1.00 19.99 ? 40  PHE A CD1 1 
ATOM   154  C CD2 . PHE A 1 20  ? -10.964 -8.388  -5.467  1.00 17.76 ? 40  PHE A CD2 1 
ATOM   155  C CE1 . PHE A 1 20  ? -11.833 -10.007 -3.423  1.00 20.27 ? 40  PHE A CE1 1 
ATOM   156  C CE2 . PHE A 1 20  ? -12.136 -9.094  -5.602  1.00 18.54 ? 40  PHE A CE2 1 
ATOM   157  C CZ  . PHE A 1 20  ? -12.562 -9.915  -4.583  1.00 20.22 ? 40  PHE A CZ  1 
ATOM   158  N N   . TYR A 1 21  ? -9.072  -6.914  -1.180  1.00 16.52 ? 41  TYR A N   1 
ATOM   159  C CA  . TYR A 1 21  ? -9.671  -7.191  0.124   1.00 18.43 ? 41  TYR A CA  1 
ATOM   160  C C   . TYR A 1 21  ? -9.959  -5.928  0.930   1.00 19.27 ? 41  TYR A C   1 
ATOM   161  O O   . TYR A 1 21  ? -10.968 -5.900  1.651   1.00 19.23 ? 41  TYR A O   1 
ATOM   162  C CB  . TYR A 1 21  ? -8.836  -8.223  0.893   1.00 20.16 ? 41  TYR A CB  1 
ATOM   163  C CG  . TYR A 1 21  ? -8.979  -9.604  0.287   1.00 21.08 ? 41  TYR A CG  1 
ATOM   164  C CD1 . TYR A 1 21  ? -10.185 -10.298 0.369   1.00 26.52 ? 41  TYR A CD1 1 
ATOM   165  C CD2 . TYR A 1 21  ? -7.934  -10.204 -0.406  1.00 19.73 ? 41  TYR A CD2 1 
ATOM   166  C CE1 . TYR A 1 21  ? -10.327 -11.546 -0.212  1.00 21.65 ? 41  TYR A CE1 1 
ATOM   167  C CE2 . TYR A 1 21  ? -8.068  -11.438 -0.985  1.00 25.78 ? 41  TYR A CE2 1 
ATOM   168  C CZ  . TYR A 1 21  ? -9.261  -12.113 -0.879  1.00 25.57 ? 41  TYR A CZ  1 
ATOM   169  O OH  . TYR A 1 21  ? -9.384  -13.353 -1.455  1.00 35.89 ? 41  TYR A OH  1 
ATOM   170  N N   . ARG A 1 22  ? -9.122  -4.875  0.832   1.00 15.49 ? 42  ARG A N   1 
ATOM   171  C CA  . ARG A 1 22  ? -9.452  -3.612  1.487   1.00 15.85 ? 42  ARG A CA  1 
ATOM   172  C C   . ARG A 1 22  ? -10.746 -3.068  0.915   1.00 18.58 ? 42  ARG A C   1 
ATOM   173  O O   . ARG A 1 22  ? -11.610 -2.589  1.652   1.00 19.08 ? 42  ARG A O   1 
ATOM   174  C CB  . ARG A 1 22  ? -8.368  -2.553  1.250   1.00 18.43 ? 42  ARG A CB  1 
ATOM   175  C CG  . ARG A 1 22  ? -7.094  -2.652  2.079   1.00 23.61 ? 42  ARG A CG  1 
ATOM   176  C CD  . ARG A 1 22  ? -7.268  -2.271  3.566   1.00 24.59 ? 42  ARG A CD  1 
ATOM   177  N NE  . ARG A 1 22  ? -7.899  -0.968  3.816   1.00 21.77 ? 42  ARG A NE  1 
ATOM   178  C CZ  . ARG A 1 22  ? -7.261  0.208   3.904   1.00 21.70 ? 42  ARG A CZ  1 
ATOM   179  N NH1 . ARG A 1 22  ? -5.941  0.303   3.733   1.00 20.34 ? 42  ARG A NH1 1 
ATOM   180  N NH2 . ARG A 1 22  ? -7.941  1.322   4.162   1.00 22.95 ? 42  ARG A NH2 1 
ATOM   181  N N   . HIS A 1 23  ? -10.894 -3.136  -0.408  1.00 17.38 ? 43  HIS A N   1 
ATOM   182  C CA  . HIS A 1 23  ? -12.102 -2.599  -1.021  1.00 18.45 ? 43  HIS A CA  1 
ATOM   183  C C   . HIS A 1 23  ? -13.319 -3.423  -0.625  1.00 21.23 ? 43  HIS A C   1 
ATOM   184  O O   . HIS A 1 23  ? -14.382 -2.865  -0.331  1.00 21.76 ? 43  HIS A O   1 
ATOM   185  C CB  . HIS A 1 23  ? -11.916 -2.555  -2.536  1.00 17.43 ? 43  HIS A CB  1 
ATOM   186  C CG  . HIS A 1 23  ? -13.117 -2.076  -3.284  1.00 21.63 ? 43  HIS A CG  1 
ATOM   187  N ND1 . HIS A 1 23  ? -14.027 -2.937  -3.862  1.00 21.87 ? 43  HIS A ND1 1 
ATOM   188  C CD2 . HIS A 1 23  ? -13.546 -0.826  -3.572  1.00 22.94 ? 43  HIS A CD2 1 
ATOM   189  C CE1 . HIS A 1 23  ? -14.974 -2.232  -4.458  1.00 21.22 ? 43  HIS A CE1 1 
ATOM   190  N NE2 . HIS A 1 23  ? -14.701 -0.952  -4.294  1.00 21.41 ? 43  HIS A NE2 1 
ATOM   191  N N   . GLN A 1 24  ? -13.180 -4.743  -0.612  1.00 16.77 ? 44  GLN A N   1 
ATOM   192  C CA  . GLN A 1 24  ? -14.294 -5.607  -0.220  1.00 18.79 ? 44  GLN A CA  1 
ATOM   193  C C   . GLN A 1 24  ? -14.698 -5.354  1.226   1.00 27.51 ? 44  GLN A C   1 
ATOM   194  O O   . GLN A 1 24  ? -15.890 -5.337  1.547   1.00 25.30 ? 44  GLN A O   1 
ATOM   195  C CB  . GLN A 1 24  ? -13.907 -7.069  -0.420  1.00 23.02 ? 44  GLN A CB  1 
ATOM   196  C CG  . GLN A 1 24  ? -14.965 -8.055  -0.005  1.00 29.79 ? 44  GLN A CG  1 
ATOM   197  C CD  . GLN A 1 24  ? -14.532 -9.481  -0.243  1.00 32.58 ? 44  GLN A CD  1 
ATOM   198  O OE1 . GLN A 1 24  ? -14.733 -10.027 -1.332  1.00 40.65 ? 44  GLN A OE1 1 
ATOM   199  N NE2 . GLN A 1 24  ? -13.917 -10.091 0.763   1.00 35.58 ? 44  GLN A NE2 1 
ATOM   200  N N   . GLN A 1 25  ? -13.733 -5.142  2.120   1.00 21.99 ? 45  GLN A N   1 
ATOM   201  C CA  . GLN A 1 25  ? -14.166 -4.890  3.490   1.00 21.46 ? 45  GLN A CA  1 
ATOM   202  C C   . GLN A 1 25  ? -14.747 -3.493  3.660   1.00 26.17 ? 45  GLN A C   1 
ATOM   203  O O   . GLN A 1 25  ? -15.675 -3.314  4.454   1.00 30.75 ? 45  GLN A O   1 
ATOM   204  C CB  . GLN A 1 25  ? -13.116 -5.279  4.525   1.00 40.57 ? 45  GLN A CB  1 
ATOM   205  C CG  . GLN A 1 25  ? -11.847 -4.546  4.444   1.00 34.26 ? 45  GLN A CG  1 
ATOM   206  C CD  . GLN A 1 25  ? -10.720 -5.275  5.169   1.00 32.92 ? 45  GLN A CD  1 
ATOM   207  O OE1 . GLN A 1 25  ? -10.698 -6.506  5.258   1.00 43.05 ? 45  GLN A OE1 1 
ATOM   208  N NE2 . GLN A 1 25  ? -9.769  -4.514  5.659   1.00 27.67 ? 45  GLN A NE2 1 
ATOM   209  N N   . GLU A 1 26  ? -14.270 -2.505  2.897   1.00 22.34 ? 46  GLU A N   1 
ATOM   210  C CA  . GLU A 1 26  ? -14.952 -1.219  2.887   1.00 24.89 ? 46  GLU A CA  1 
ATOM   211  C C   . GLU A 1 26  ? -16.373 -1.343  2.344   1.00 26.15 ? 46  GLU A C   1 
ATOM   212  O O   . GLU A 1 26  ? -17.278 -0.654  2.826   1.00 25.65 ? 46  GLU A O   1 
ATOM   213  C CB  . GLU A 1 26  ? -14.113 -0.177  2.139   1.00 33.74 ? 46  GLU A CB  1 
ATOM   214  C CG  . GLU A 1 26  ? -12.872 0.199   2.950   1.00 34.17 ? 46  GLU A CG  1 
ATOM   215  C CD  . GLU A 1 26  ? -12.051 1.351   2.370   1.00 42.34 ? 46  GLU A CD  1 
ATOM   216  O OE1 . GLU A 1 26  ? -12.417 1.901   1.307   1.00 35.41 ? 46  GLU A OE1 1 
ATOM   217  O OE2 . GLU A 1 26  ? -11.033 1.713   3.005   1.00 48.12 ? 46  GLU A OE2 1 
ATOM   218  N N   . GLN A 1 27  ? -16.601 -2.255  1.389   1.00 25.12 ? 47  GLN A N   1 
ATOM   219  C CA  . GLN A 1 27  ? -17.950 -2.450  0.854   1.00 28.79 ? 47  GLN A CA  1 
ATOM   220  C C   . GLN A 1 27  ? -18.841 -3.193  1.840   1.00 27.94 ? 47  GLN A C   1 
ATOM   221  O O   . GLN A 1 27  ? -20.045 -2.903  1.934   1.00 33.96 ? 47  GLN A O   1 
ATOM   222  C CB  . GLN A 1 27  ? -17.898 -3.203  -0.480  1.00 21.48 ? 47  GLN A CB  1 
ATOM   223  C CG  . GLN A 1 27  ? -17.406 -2.336  -1.621  1.00 31.68 ? 47  GLN A CG  1 
ATOM   224  C CD  . GLN A 1 27  ? -18.407 -1.269  -2.005  1.00 30.78 ? 47  GLN A CD  1 
ATOM   225  O OE1 . GLN A 1 27  ? -19.553 -1.572  -2.342  1.00 38.70 ? 47  GLN A OE1 1 
ATOM   226  N NE2 . GLN A 1 27  ? -17.987 -0.013  -1.949  1.00 28.58 ? 47  GLN A NE2 1 
ATOM   227  N N   . GLU A 1 28  ? -18.273 -4.149  2.576   1.00 27.27 ? 48  GLU A N   1 
ATOM   228  C CA  . GLU A 1 28  ? -19.005 -4.870  3.610   1.00 28.42 ? 48  GLU A CA  1 
ATOM   229  C C   . GLU A 1 28  ? -19.032 -4.110  4.928   1.00 36.55 ? 48  GLU A C   1 
ATOM   230  O O   . GLU A 1 28  ? -19.741 -4.525  5.848   1.00 41.71 ? 48  GLU A O   1 
ATOM   231  C CB  . GLU A 1 28  ? -18.439 -6.287  3.784   1.00 31.50 ? 48  GLU A CB  1 
ATOM   232  C CG  . GLU A 1 28  ? -18.646 -7.172  2.552   1.00 35.56 ? 48  GLU A CG  1 
ATOM   233  C CD  . GLU A 1 28  ? -18.017 -8.546  2.672   1.00 35.96 ? 48  GLU A CD  1 
ATOM   234  O OE1 . GLU A 1 28  ? -17.780 -9.181  1.625   1.00 43.83 ? 48  GLU A OE1 1 
ATOM   235  O OE2 . GLU A 1 28  ? -17.765 -9.002  3.806   1.00 40.39 ? 48  GLU A OE2 1 
ATOM   236  N N   . ALA A 1 29  ? -18.267 -3.026  5.033   1.00 30.00 ? 49  ALA A N   1 
ATOM   237  C CA  . ALA A 1 29  ? -18.474 -1.991  6.030   1.00 40.96 ? 49  ALA A CA  1 
ATOM   238  C C   . ALA A 1 29  ? -18.952 -0.777  5.249   1.00 52.29 ? 49  ALA A C   1 
ATOM   239  O O   . ALA A 1 29  ? -19.832 -0.047  5.683   1.00 44.55 ? 49  ALA A O   1 
ATOM   240  C CB  . ALA A 1 29  ? -17.186 -1.664  6.742   1.00 40.07 ? 49  ALA A CB  1 
ATOM   241  N N   . ALA A 1 36  ? -18.079 2.456   -4.602  1.00 35.00 ? 56  ALA A N   1 
ATOM   242  C CA  . ALA A 1 36  ? -17.463 1.229   -5.091  1.00 24.72 ? 56  ALA A CA  1 
ATOM   243  C C   . ALA A 1 36  ? -16.630 1.488   -6.351  1.00 24.81 ? 56  ALA A C   1 
ATOM   244  O O   . ALA A 1 36  ? -17.062 2.159   -7.286  1.00 28.34 ? 56  ALA A O   1 
ATOM   245  C CB  . ALA A 1 36  ? -18.515 0.175   -5.365  1.00 30.78 ? 56  ALA A CB  1 
ATOM   246  N N   . ASP A 1 37  ? -15.443 0.910   -6.374  1.00 18.68 ? 57  ASP A N   1 
ATOM   247  C CA  . ASP A 1 37  ? -14.500 1.082   -7.472  1.00 17.98 ? 57  ASP A CA  1 
ATOM   248  C C   . ASP A 1 37  ? -14.435 -0.228  -8.246  1.00 17.75 ? 57  ASP A C   1 
ATOM   249  O O   . ASP A 1 37  ? -13.780 -1.181  -7.792  1.00 17.74 ? 57  ASP A O   1 
ATOM   250  C CB  . ASP A 1 37  ? -13.125 1.430   -6.890  1.00 17.51 ? 57  ASP A CB  1 
ATOM   251  C CG  . ASP A 1 37  ? -12.074 1.687   -7.952  1.00 16.91 ? 57  ASP A CG  1 
ATOM   252  O OD1 . ASP A 1 37  ? -12.234 1.293   -9.134  1.00 17.88 ? 57  ASP A OD1 1 
ATOM   253  O OD2 . ASP A 1 37  ? -11.023 2.291   -7.590  1.00 17.43 ? 57  ASP A OD2 1 
ATOM   254  N N   . PRO A 1 38  ? -15.089 -0.332  -9.409  1.00 16.84 ? 58  PRO A N   1 
ATOM   255  C CA  . PRO A 1 38  ? -15.097 -1.604  -10.153 1.00 19.54 ? 58  PRO A CA  1 
ATOM   256  C C   . PRO A 1 38  ? -13.725 -2.066  -10.600 1.00 17.47 ? 58  PRO A C   1 
ATOM   257  O O   . PRO A 1 38  ? -13.558 -3.249  -10.923 1.00 21.56 ? 58  PRO A O   1 
ATOM   258  C CB  . PRO A 1 38  ? -15.982 -1.302  -11.376 1.00 26.36 ? 58  PRO A CB  1 
ATOM   259  C CG  . PRO A 1 38  ? -16.692 -0.029  -11.047 1.00 31.41 ? 58  PRO A CG  1 
ATOM   260  C CD  . PRO A 1 38  ? -15.782 0.739   -10.135 1.00 18.30 ? 58  PRO A CD  1 
ATOM   261  N N   . GLU A 1 39  ? -12.741 -1.165  -10.668 1.00 15.70 ? 59  GLU A N   1 
ATOM   262  C CA  . GLU A 1 39  ? -11.393 -1.580  -11.021 1.00 15.58 ? 59  GLU A CA  1 
ATOM   263  C C   . GLU A 1 39  ? -10.753 -2.417  -9.920  1.00 14.25 ? 59  GLU A C   1 
ATOM   264  O O   . GLU A 1 39  ? -9.779  -3.118  -10.183 1.00 18.31 ? 59  GLU A O   1 
ATOM   265  C CB  . GLU A 1 39  ? -10.532 -0.356  -11.331 1.00 16.14 ? 59  GLU A CB  1 
ATOM   266  C CG  . GLU A 1 39  ? -11.136 0.527   -12.440 1.00 17.98 ? 59  GLU A CG  1 
ATOM   267  C CD  . GLU A 1 39  ? -10.364 1.802   -12.714 1.00 19.60 ? 59  GLU A CD  1 
ATOM   268  O OE1 . GLU A 1 39  ? -9.626  2.275   -11.816 1.00 20.70 ? 59  GLU A OE1 1 
ATOM   269  O OE2 . GLU A 1 39  ? -10.500 2.328   -13.836 1.00 20.58 ? 59  GLU A OE2 1 
ATOM   270  N N   . MET A 1 40  ? -11.293 -2.384  -8.710  1.00 15.59 ? 60  MET A N   1 
ATOM   271  C CA  . MET A 1 40  ? -10.690 -3.085  -7.583  1.00 13.46 ? 60  MET A CA  1 
ATOM   272  C C   . MET A 1 40  ? -11.384 -4.405  -7.253  1.00 14.05 ? 60  MET A C   1 
ATOM   273  O O   . MET A 1 40  ? -11.138 -4.971  -6.173  1.00 17.15 ? 60  MET A O   1 
ATOM   274  C CB  . MET A 1 40  ? -10.735 -2.187  -6.360  1.00 15.49 ? 60  MET A CB  1 
ATOM   275  C CG  . MET A 1 40  ? -9.937  -0.913  -6.543  1.00 14.69 ? 60  MET A CG  1 
ATOM   276  S SD  . MET A 1 40  ? -9.918  0.044   -5.039  1.00 15.18 ? 60  MET A SD  1 
ATOM   277  C CE  . MET A 1 40  ? -8.556  1.121   -5.414  1.00 13.25 ? 60  MET A CE  1 
ATOM   278  N N   . VAL A 1 41  ? -12.238 -4.911  -8.150  1.00 13.70 ? 61  VAL A N   1 
ATOM   279  C CA  . VAL A 1 41  ? -12.961 -6.158  -7.899  1.00 15.92 ? 61  VAL A CA  1 
ATOM   280  C C   . VAL A 1 41  ? -12.411 -7.315  -8.716  1.00 18.04 ? 61  VAL A C   1 
ATOM   281  O O   . VAL A 1 41  ? -13.086 -8.340  -8.868  1.00 19.80 ? 61  VAL A O   1 
ATOM   282  C CB  . VAL A 1 41  ? -14.487 -6.022  -8.067  1.00 18.77 ? 61  VAL A CB  1 
ATOM   283  C CG1 . VAL A 1 41  ? -15.051 -4.991  -7.114  1.00 23.36 ? 61  VAL A CG1 1 
ATOM   284  C CG2 . VAL A 1 41  ? -14.858 -5.718  -9.529  1.00 33.53 ? 61  VAL A CG2 1 
ATOM   285  N N   . THR A 1 42  ? -11.206 -7.191  -9.258  1.00 17.80 ? 62  THR A N   1 
ATOM   286  C CA  . THR A 1 42  ? -10.571 -8.283  -9.977  1.00 20.66 ? 62  THR A CA  1 
ATOM   287  C C   . THR A 1 42  ? -9.299  -8.646  -9.236  1.00 23.51 ? 62  THR A C   1 
ATOM   288  O O   . THR A 1 42  ? -8.629  -7.763  -8.682  1.00 23.12 ? 62  THR A O   1 
ATOM   289  C CB  . THR A 1 42  ? -10.223 -7.865  -11.397 1.00 22.03 ? 62  THR A CB  1 
ATOM   290  O OG1 . THR A 1 42  ? -11.383 -7.351  -12.043 1.00 28.48 ? 62  THR A OG1 1 
ATOM   291  C CG2 . THR A 1 42  ? -9.718  -9.074  -12.208 1.00 27.34 ? 62  THR A CG2 1 
ATOM   292  N N   . LEU A 1 43  ? -8.964  -9.937  -9.207  1.00 18.83 ? 63  LEU A N   1 
ATOM   293  C CA  . LEU A 1 43  ? -7.809  -10.423 -8.457  1.00 19.19 ? 63  LEU A CA  1 
ATOM   294  C C   . LEU A 1 43  ? -6.958  -11.336 -9.331  1.00 22.01 ? 63  LEU A C   1 
ATOM   295  O O   . LEU A 1 43  ? -7.055  -12.566 -9.238  1.00 18.85 ? 63  LEU A O   1 
ATOM   296  C CB  . LEU A 1 43  ? -8.230  -11.078 -7.143  1.00 23.82 ? 63  LEU A CB  1 
ATOM   297  C CG  . LEU A 1 43  ? -7.043  -11.413 -6.233  1.00 27.67 ? 63  LEU A CG  1 
ATOM   298  C CD1 . LEU A 1 43  ? -5.909  -10.383 -6.426  1.00 26.76 ? 63  LEU A CD1 1 
ATOM   299  C CD2 . LEU A 1 43  ? -7.506  -11.429 -4.808  1.00 27.03 ? 63  LEU A CD2 1 
ATOM   300  N N   . PRO A 1 44  ? -6.075  -10.768 -10.159 1.00 18.36 ? 64  PRO A N   1 
ATOM   301  C CA  . PRO A 1 44  ? -5.237  -11.620 -11.017 1.00 21.59 ? 64  PRO A CA  1 
ATOM   302  C C   . PRO A 1 44  ? -4.096  -12.170 -10.180 1.00 21.57 ? 64  PRO A C   1 
ATOM   303  O O   . PRO A 1 44  ? -3.333  -11.414 -9.570  1.00 23.77 ? 64  PRO A O   1 
ATOM   304  C CB  . PRO A 1 44  ? -4.740  -10.647 -12.096 1.00 25.33 ? 64  PRO A CB  1 
ATOM   305  C CG  . PRO A 1 44  ? -4.696  -9.330  -11.407 1.00 31.78 ? 64  PRO A CG  1 
ATOM   306  C CD  . PRO A 1 44  ? -5.764  -9.336  -10.334 1.00 23.81 ? 64  PRO A CD  1 
ATOM   307  N N   . LEU A 1 45  ? -4.011  -13.497 -10.092 1.00 18.90 ? 65  LEU A N   1 
ATOM   308  C CA  . LEU A 1 45  ? -2.929  -14.153 -9.374  1.00 18.00 ? 65  LEU A CA  1 
ATOM   309  C C   . LEU A 1 45  ? -2.370  -15.300 -10.203 1.00 16.31 ? 65  LEU A C   1 
ATOM   310  O O   . LEU A 1 45  ? -3.067  -15.913 -11.012 1.00 17.55 ? 65  LEU A O   1 
ATOM   311  C CB  . LEU A 1 45  ? -3.403  -14.736 -8.030  1.00 18.27 ? 65  LEU A CB  1 
ATOM   312  C CG  . LEU A 1 45  ? -3.909  -13.761 -6.975  1.00 23.46 ? 65  LEU A CG  1 
ATOM   313  C CD1 . LEU A 1 45  ? -4.526  -14.547 -5.834  1.00 21.47 ? 65  LEU A CD1 1 
ATOM   314  C CD2 . LEU A 1 45  ? -2.783  -12.886 -6.440  1.00 24.42 ? 65  LEU A CD2 1 
ATOM   315  N N   . GLN A 1 46  ? -1.115  -15.644 -9.921  1.00 15.99 ? 66  GLN A N   1 
ATOM   316  C CA  . GLN A 1 46  ? -0.510  -16.796 -10.537 1.00 15.96 ? 66  GLN A CA  1 
ATOM   317  C C   . GLN A 1 46  ? -1.074  -18.065 -9.898  1.00 17.30 ? 66  GLN A C   1 
ATOM   318  O O   . GLN A 1 46  ? -1.630  -18.022 -8.795  1.00 19.32 ? 66  GLN A O   1 
ATOM   319  C CB  . GLN A 1 46  ? 1.018   -16.717 -10.390 1.00 16.85 ? 66  GLN A CB  1 
ATOM   320  C CG  . GLN A 1 46  ? 1.632   -15.592 -11.267 1.00 17.53 ? 66  GLN A CG  1 
ATOM   321  C CD  . GLN A 1 46  ? 3.093   -15.310 -10.898 1.00 17.65 ? 66  GLN A CD  1 
ATOM   322  O OE1 . GLN A 1 46  ? 3.892   -16.232 -10.826 1.00 21.40 ? 66  GLN A OE1 1 
ATOM   323  N NE2 . GLN A 1 46  ? 3.424   -14.040 -10.685 1.00 23.35 ? 66  GLN A NE2 1 
ATOM   324  N N   . PRO A 1 47  ? -0.971  -19.204 -10.584 1.00 20.30 ? 67  PRO A N   1 
ATOM   325  C CA  . PRO A 1 47  ? -1.602  -20.433 -10.077 1.00 23.85 ? 67  PRO A CA  1 
ATOM   326  C C   . PRO A 1 47  ? -1.135  -20.782 -8.669  1.00 20.83 ? 67  PRO A C   1 
ATOM   327  O O   . PRO A 1 47  ? 0.057   -20.733 -8.352  1.00 21.65 ? 67  PRO A O   1 
ATOM   328  C CB  . PRO A 1 47  ? -1.176  -21.492 -11.097 1.00 28.49 ? 67  PRO A CB  1 
ATOM   329  C CG  . PRO A 1 47  ? -0.952  -20.709 -12.369 1.00 25.79 ? 67  PRO A CG  1 
ATOM   330  C CD  . PRO A 1 47  ? -0.417  -19.381 -11.942 1.00 21.01 ? 67  PRO A CD  1 
ATOM   331  N N   . SER A 1 48  ? -2.105  -21.105 -7.816  1.00 24.66 ? 68  SER A N   1 
ATOM   332  C CA  . SER A 1 48  ? -1.837  -21.580 -6.460  1.00 30.81 ? 68  SER A CA  1 
ATOM   333  C C   . SER A 1 48  ? -1.007  -20.585 -5.660  1.00 27.79 ? 68  SER A C   1 
ATOM   334  O O   . SER A 1 48  ? -0.259  -20.975 -4.774  1.00 24.83 ? 68  SER A O   1 
ATOM   335  C CB  . SER A 1 48  ? -1.168  -22.959 -6.459  1.00 37.17 ? 68  SER A CB  1 
ATOM   336  O OG  . SER A 1 48  ? -2.055  -23.960 -6.930  1.00 50.05 ? 68  SER A OG  1 
ATOM   337  N N   . SER A 1 49  ? -1.103  -19.302 -5.990  1.00 19.78 ? 69  SER A N   1 
ATOM   338  C CA  . SER A 1 49  ? -0.288  -18.302 -5.310  1.00 17.12 ? 69  SER A CA  1 
ATOM   339  C C   . SER A 1 49  ? -0.669  -18.199 -3.840  1.00 21.06 ? 69  SER A C   1 
ATOM   340  O O   . SER A 1 49  ? -1.841  -18.314 -3.477  1.00 25.05 ? 69  SER A O   1 
ATOM   341  C CB  . SER A 1 49  ? -0.514  -16.950 -5.973  1.00 23.58 ? 69  SER A CB  1 
ATOM   342  O OG  . SER A 1 49  ? 0.078   -15.911 -5.215  1.00 19.99 ? 69  SER A OG  1 
ATOM   343  N N   . THR A 1 50  ? 0.335   -17.971 -2.986  1.00 15.88 ? 70  THR A N   1 
ATOM   344  C CA  . THR A 1 50  ? 0.070   -17.615 -1.599  1.00 15.03 ? 70  THR A CA  1 
ATOM   345  C C   . THR A 1 50  ? -0.103  -16.109 -1.389  1.00 19.46 ? 70  THR A C   1 
ATOM   346  O O   . THR A 1 50  ? -0.503  -15.678 -0.303  1.00 15.73 ? 70  THR A O   1 
ATOM   347  C CB  . THR A 1 50  ? 1.183   -18.220 -0.720  1.00 19.32 ? 70  THR A CB  1 
ATOM   348  O OG1 . THR A 1 50  ? 1.180   -19.643 -0.899  1.00 22.75 ? 70  THR A OG1 1 
ATOM   349  C CG2 . THR A 1 50  ? 0.991   -17.925 0.743   1.00 20.64 ? 70  THR A CG2 1 
ATOM   350  N N   . MET A 1 51  ? 0.151   -15.299 -2.410  1.00 18.13 ? 71  MET A N   1 
ATOM   351  C CA  . MET A 1 51  ? 0.112   -13.852 -2.207  1.00 16.92 ? 71  MET A CA  1 
ATOM   352  C C   . MET A 1 51  ? -1.298  -13.302 -2.045  1.00 19.79 ? 71  MET A C   1 
ATOM   353  O O   . MET A 1 51  ? -1.464  -12.199 -1.506  1.00 16.10 ? 71  MET A O   1 
ATOM   354  C CB  . MET A 1 51  ? 0.859   -13.143 -3.336  1.00 15.45 ? 71  MET A CB  1 
ATOM   355  C CG  . MET A 1 51  ? 2.312   -13.510 -3.411  1.00 14.96 ? 71  MET A CG  1 
ATOM   356  S SD  . MET A 1 51  ? 3.238   -13.217 -1.887  1.00 18.01 ? 71  MET A SD  1 
ATOM   357  C CE  . MET A 1 51  ? 3.866   -14.839 -1.471  1.00 24.93 ? 71  MET A CE  1 
ATOM   358  N N   . GLY A 1 52  ? -2.318  -14.020 -2.508  1.00 16.22 ? 72  GLY A N   1 
ATOM   359  C CA  . GLY A 1 52  ? -3.674  -13.612 -2.198  1.00 18.31 ? 72  GLY A CA  1 
ATOM   360  C C   . GLY A 1 52  ? -3.923  -13.641 -0.705  1.00 16.05 ? 72  GLY A C   1 
ATOM   361  O O   . GLY A 1 52  ? -4.457  -12.695 -0.128  1.00 17.30 ? 72  GLY A O   1 
ATOM   362  N N   . GLN A 1 53  ? -3.519  -14.742 -0.063  1.00 16.53 ? 73  GLN A N   1 
ATOM   363  C CA  . GLN A 1 53  ? -3.619  -14.856 1.390   1.00 18.75 ? 73  GLN A CA  1 
ATOM   364  C C   . GLN A 1 53  ? -2.811  -13.783 2.093   1.00 13.87 ? 73  GLN A C   1 
ATOM   365  O O   . GLN A 1 53  ? -3.273  -13.220 3.083   1.00 16.65 ? 73  GLN A O   1 
ATOM   366  C CB  . GLN A 1 53  ? -3.117  -16.217 1.851   1.00 18.19 ? 73  GLN A CB  1 
ATOM   367  C CG  . GLN A 1 53  ? -3.962  -17.345 1.415   1.00 24.11 ? 73  GLN A CG  1 
ATOM   368  C CD  . GLN A 1 53  ? -3.271  -18.639 1.690   1.00 46.67 ? 73  GLN A CD  1 
ATOM   369  O OE1 . GLN A 1 53  ? -3.044  -18.999 2.848   1.00 37.08 ? 73  GLN A OE1 1 
ATOM   370  N NE2 . GLN A 1 53  ? -2.877  -19.323 0.634   1.00 33.93 ? 73  GLN A NE2 1 
ATOM   371  N N   . VAL A 1 54  ? -1.587  -13.502 1.607   1.00 14.05 ? 74  VAL A N   1 
ATOM   372  C CA  . VAL A 1 54  ? -0.792  -12.440 2.226   1.00 16.30 ? 74  VAL A CA  1 
ATOM   373  C C   . VAL A 1 54  ? -1.539  -11.110 2.170   1.00 15.67 ? 74  VAL A C   1 
ATOM   374  O O   . VAL A 1 54  ? -1.732  -10.450 3.189   1.00 14.75 ? 74  VAL A O   1 
ATOM   375  C CB  . VAL A 1 54  ? 0.608   -12.340 1.592   1.00 15.01 ? 74  VAL A CB  1 
ATOM   376  C CG1 . VAL A 1 54  ? 1.337   -11.119 2.141   1.00 14.92 ? 74  VAL A CG1 1 
ATOM   377  C CG2 . VAL A 1 54  ? 1.424   -13.579 1.886   1.00 18.22 ? 74  VAL A CG2 1 
ATOM   378  N N   . GLY A 1 55  ? -1.975  -10.688 0.974   1.00 15.11 ? 75  GLY A N   1 
ATOM   379  C CA  . GLY A 1 55  ? -2.700  -9.425  0.879   1.00 12.91 ? 75  GLY A CA  1 
ATOM   380  C C   . GLY A 1 55  ? -3.969  -9.394  1.719   1.00 12.11 ? 75  GLY A C   1 
ATOM   381  O O   . GLY A 1 55  ? -4.295  -8.377  2.340   1.00 14.96 ? 75  GLY A O   1 
ATOM   382  N N   . ARG A 1 56  ? -4.706  -10.508 1.739   1.00 15.07 ? 76  ARG A N   1 
ATOM   383  C CA  . ARG A 1 56  ? -5.916  -10.604 2.545   1.00 16.53 ? 76  ARG A CA  1 
ATOM   384  C C   . ARG A 1 56  ? -5.599  -10.425 4.022   1.00 15.02 ? 76  ARG A C   1 
ATOM   385  O O   . ARG A 1 56  ? -6.269  -9.659  4.727   1.00 16.94 ? 76  ARG A O   1 
ATOM   386  C CB  . ARG A 1 56  ? -6.586  -11.961 2.314   1.00 18.02 ? 76  ARG A CB  1 
ATOM   387  C CG  . ARG A 1 56  ? -7.900  -12.105 3.069   1.00 22.73 ? 76  ARG A CG  1 
ATOM   388  C CD  . ARG A 1 56  ? -8.667  -13.336 2.643   1.00 26.32 ? 76  ARG A CD  1 
ATOM   389  N NE  . ARG A 1 56  ? -7.967  -14.571 2.983   1.00 33.45 ? 76  ARG A NE  1 
ATOM   390  C CZ  . ARG A 1 56  ? -7.640  -15.517 2.100   1.00 31.75 ? 76  ARG A CZ  1 
ATOM   391  N NH1 . ARG A 1 56  ? -7.940  -15.373 0.813   1.00 43.63 ? 76  ARG A NH1 1 
ATOM   392  N NH2 . ARG A 1 56  ? -7.009  -16.606 2.502   1.00 31.48 ? 76  ARG A NH2 1 
ATOM   393  N N   . GLN A 1 57  ? -4.573  -11.121 4.510   1.00 15.44 ? 77  GLN A N   1 
ATOM   394  C CA  A GLN A 1 57  ? -4.255  -11.001 5.925   0.50 15.69 ? 77  GLN A CA  1 
ATOM   395  C CA  B GLN A 1 57  ? -4.217  -11.014 5.922   0.50 15.70 ? 77  GLN A CA  1 
ATOM   396  C C   . GLN A 1 57  ? -3.782  -9.600  6.274   1.00 16.31 ? 77  GLN A C   1 
ATOM   397  O O   . GLN A 1 57  ? -4.103  -9.088  7.352   1.00 16.58 ? 77  GLN A O   1 
ATOM   398  C CB  A GLN A 1 57  ? -3.241  -12.063 6.338   0.50 17.77 ? 77  GLN A CB  1 
ATOM   399  C CB  B GLN A 1 57  ? -3.115  -12.029 6.245   0.50 17.71 ? 77  GLN A CB  1 
ATOM   400  C CG  A GLN A 1 57  ? -3.831  -13.454 6.335   0.50 16.56 ? 77  GLN A CG  1 
ATOM   401  C CG  B GLN A 1 57  ? -2.519  -11.911 7.633   0.50 24.83 ? 77  GLN A CG  1 
ATOM   402  C CD  A GLN A 1 57  ? -2.980  -14.443 7.084   0.50 24.87 ? 77  GLN A CD  1 
ATOM   403  C CD  B GLN A 1 57  ? -3.384  -12.546 8.690   0.50 20.71 ? 77  GLN A CD  1 
ATOM   404  O OE1 A GLN A 1 57  ? -2.110  -14.067 7.868   0.50 28.06 ? 77  GLN A OE1 1 
ATOM   405  O OE1 B GLN A 1 57  ? -4.461  -13.077 8.397   0.50 23.61 ? 77  GLN A OE1 1 
ATOM   406  N NE2 A GLN A 1 57  ? -3.232  -15.722 6.851   0.50 22.82 ? 77  GLN A NE2 1 
ATOM   407  N NE2 B GLN A 1 57  ? -2.932  -12.486 9.931   0.50 28.25 ? 77  GLN A NE2 1 
ATOM   408  N N   . LEU A 1 58  ? -3.048  -8.945  5.372   1.00 15.63 ? 78  LEU A N   1 
ATOM   409  C CA  . LEU A 1 58  ? -2.582  -7.591  5.654   1.00 14.84 ? 78  LEU A CA  1 
ATOM   410  C C   . LEU A 1 58  ? -3.730  -6.595  5.659   1.00 16.35 ? 78  LEU A C   1 
ATOM   411  O O   . LEU A 1 58  ? -3.728  -5.654  6.462   1.00 17.48 ? 78  LEU A O   1 
ATOM   412  C CB  . LEU A 1 58  ? -1.491  -7.181  4.667   1.00 14.05 ? 78  LEU A CB  1 
ATOM   413  C CG  . LEU A 1 58  ? -0.195  -7.999  4.771   1.00 14.37 ? 78  LEU A CG  1 
ATOM   414  C CD1 . LEU A 1 58  ? 0.834   -7.505  3.734   1.00 15.81 ? 78  LEU A CD1 1 
ATOM   415  C CD2 . LEU A 1 58  ? 0.404   -7.987  6.170   1.00 17.98 ? 78  LEU A CD2 1 
ATOM   416  N N   . ALA A 1 59  ? -4.723  -6.793  4.788   1.00 15.97 ? 79  ALA A N   1 
ATOM   417  C CA  . ALA A 1 59  ? -5.934  -5.968  4.852   1.00 16.84 ? 79  ALA A CA  1 
ATOM   418  C C   . ALA A 1 59  ? -6.690  -6.182  6.170   1.00 18.56 ? 79  ALA A C   1 
ATOM   419  O O   . ALA A 1 59  ? -7.260  -5.231  6.716   1.00 25.20 ? 79  ALA A O   1 
ATOM   420  C CB  . ALA A 1 59  ? -6.833  -6.280  3.648   1.00 17.25 ? 79  ALA A CB  1 
ATOM   421  N N   . ILE A 1 60  ? -6.711  -7.426  6.690   1.00 19.42 ? 80  ILE A N   1 
ATOM   422  C CA  . ILE A 1 60  ? -7.389  -7.718  7.965   1.00 22.16 ? 80  ILE A CA  1 
ATOM   423  C C   . ILE A 1 60  ? -6.636  -7.119  9.147   1.00 22.80 ? 80  ILE A C   1 
ATOM   424  O O   . ILE A 1 60  ? -7.230  -6.455  10.012  1.00 23.04 ? 80  ILE A O   1 
ATOM   425  C CB  . ILE A 1 60  ? -7.576  -9.235  8.152   1.00 23.12 ? 80  ILE A CB  1 
ATOM   426  C CG1 . ILE A 1 60  ? -8.601  -9.781  7.160   1.00 24.04 ? 80  ILE A CG1 1 
ATOM   427  C CG2 . ILE A 1 60  ? -7.974  -9.536  9.604   1.00 30.43 ? 80  ILE A CG2 1 
ATOM   428  C CD1 . ILE A 1 60  ? -8.676  -11.306 7.102   1.00 28.48 ? 80  ILE A CD1 1 
ATOM   429  N N   . ILE A 1 61  ? -5.330  -7.392  9.251   1.00 21.98 ? 81  ILE A N   1 
ATOM   430  C CA  . ILE A 1 61  ? -4.624  -7.024  10.481  1.00 19.53 ? 81  ILE A CA  1 
ATOM   431  C C   . ILE A 1 61  ? -4.403  -5.525  10.612  1.00 22.27 ? 81  ILE A C   1 
ATOM   432  O O   . ILE A 1 61  ? -4.169  -5.034  11.722  1.00 25.42 ? 81  ILE A O   1 
ATOM   433  C CB  . ILE A 1 61  ? -3.330  -7.829  10.702  1.00 19.85 ? 81  ILE A CB  1 
ATOM   434  C CG1 . ILE A 1 61  ? -2.288  -7.481  9.638   1.00 20.89 ? 81  ILE A CG1 1 
ATOM   435  C CG2 . ILE A 1 61  ? -3.640  -9.308  10.735  1.00 27.79 ? 81  ILE A CG2 1 
ATOM   436  C CD1 . ILE A 1 61  ? -0.930  -8.101  9.918   1.00 20.96 ? 81  ILE A CD1 1 
ATOM   437  N N   . GLY A 1 62  ? -4.459  -4.783  9.520   1.00 22.64 ? 82  GLY A N   1 
ATOM   438  C CA  . GLY A 1 62  ? -4.420  -3.345  9.654   1.00 27.33 ? 82  GLY A CA  1 
ATOM   439  C C   . GLY A 1 62  ? -5.771  -2.677  9.795   1.00 34.29 ? 82  GLY A C   1 
ATOM   440  O O   . GLY A 1 62  ? -5.831  -1.443  9.803   1.00 26.71 ? 82  GLY A O   1 
ATOM   441  N N   . ASP A 1 63  ? -6.859  -3.444  9.921   1.00 27.07 ? 83  ASP A N   1 
ATOM   442  C CA  . ASP A 1 63  ? -8.195  -2.851  9.890   1.00 33.49 ? 83  ASP A CA  1 
ATOM   443  C C   . ASP A 1 63  ? -8.456  -1.948  11.093  1.00 30.49 ? 83  ASP A C   1 
ATOM   444  O O   . ASP A 1 63  ? -9.059  -0.881  10.943  1.00 31.24 ? 83  ASP A O   1 
ATOM   445  C CB  . ASP A 1 63  ? -9.272  -3.937  9.791   1.00 24.32 ? 83  ASP A CB  1 
ATOM   446  C CG  . ASP A 1 63  ? -10.660 -3.356  9.596   1.00 32.40 ? 83  ASP A CG  1 
ATOM   447  O OD1 . ASP A 1 63  ? -10.932 -2.797  8.509   1.00 30.76 ? 83  ASP A OD1 1 
ATOM   448  O OD2 . ASP A 1 63  ? -11.479 -3.450  10.538  1.00 48.32 ? 83  ASP A OD2 1 
ATOM   449  N N   . ASP A 1 64  ? -8.034  -2.361  12.295  1.00 30.57 ? 84  ASP A N   1 
ATOM   450  C CA  . ASP A 1 64  ? -8.315  -1.566  13.491  1.00 39.01 ? 84  ASP A CA  1 
ATOM   451  C C   . ASP A 1 64  ? -7.779  -0.148  13.346  1.00 39.23 ? 84  ASP A C   1 
ATOM   452  O O   . ASP A 1 64  ? -8.502  0.833   13.563  1.00 36.13 ? 84  ASP A O   1 
ATOM   453  C CB  . ASP A 1 64  ? -7.706  -2.230  14.726  1.00 40.03 ? 84  ASP A CB  1 
ATOM   454  C CG  . ASP A 1 64  ? -8.628  -3.259  15.354  1.00 55.26 ? 84  ASP A CG  1 
ATOM   455  O OD1 . ASP A 1 64  ? -9.681  -3.554  14.753  1.00 47.64 ? 84  ASP A OD1 1 
ATOM   456  O OD2 . ASP A 1 64  ? -8.300  -3.766  16.450  1.00 50.50 ? 84  ASP A OD2 1 
ATOM   457  N N   . ILE A 1 65  ? -6.510  -0.024  12.963  1.00 28.47 ? 85  ILE A N   1 
ATOM   458  C CA  . ILE A 1 65  ? -5.920  1.296   12.766  1.00 30.60 ? 85  ILE A CA  1 
ATOM   459  C C   . ILE A 1 65  ? -6.554  1.995   11.570  1.00 27.12 ? 85  ILE A C   1 
ATOM   460  O O   . ILE A 1 65  ? -6.946  3.167   11.647  1.00 31.59 ? 85  ILE A O   1 
ATOM   461  C CB  . ILE A 1 65  ? -4.386  1.184   12.639  1.00 28.50 ? 85  ILE A CB  1 
ATOM   462  C CG1 . ILE A 1 65  ? -3.780  0.911   14.011  1.00 30.42 ? 85  ILE A CG1 1 
ATOM   463  C CG2 . ILE A 1 65  ? -3.790  2.465   12.067  1.00 33.12 ? 85  ILE A CG2 1 
ATOM   464  C CD1 . ILE A 1 65  ? -3.981  2.063   14.982  1.00 34.73 ? 85  ILE A CD1 1 
ATOM   465  N N   . ASN A 1 66  ? -6.700  1.284   10.452  1.00 26.20 ? 86  ASN A N   1 
ATOM   466  C CA  . ASN A 1 66  ? -7.175  1.940   9.240   1.00 25.12 ? 86  ASN A CA  1 
ATOM   467  C C   . ASN A 1 66  ? -8.606  2.455   9.397   1.00 37.17 ? 86  ASN A C   1 
ATOM   468  O O   . ASN A 1 66  ? -8.906  3.582   8.991   1.00 30.34 ? 86  ASN A O   1 
ATOM   469  C CB  . ASN A 1 66  ? -7.010  1.029   8.025   1.00 33.33 ? 86  ASN A CB  1 
ATOM   470  C CG  . ASN A 1 66  ? -5.560  0.916   7.585   1.00 28.11 ? 86  ASN A CG  1 
ATOM   471  O OD1 . ASN A 1 66  ? -5.188  -0.013  6.864   1.00 40.81 ? 86  ASN A OD1 1 
ATOM   472  N ND2 . ASN A 1 66  ? -4.734  1.854   8.019   1.00 36.95 ? 86  ASN A ND2 1 
ATOM   473  N N   . ARG A 1 67  ? -9.496  1.667   10.009  1.00 31.31 ? 87  ARG A N   1 
ATOM   474  C CA  . ARG A 1 67  ? -10.874 2.132   10.165  1.00 30.78 ? 87  ARG A CA  1 
ATOM   475  C C   . ARG A 1 67  ? -10.937 3.404   10.998  1.00 30.02 ? 87  ARG A C   1 
ATOM   476  O O   . ARG A 1 67  ? -11.802 4.259   10.767  1.00 31.05 ? 87  ARG A O   1 
ATOM   477  C CB  . ARG A 1 67  ? -11.753 1.038   10.786  1.00 34.89 ? 87  ARG A CB  1 
ATOM   478  N N   . ARG A 1 68  ? -10.016 3.550   11.952  1.00 21.33 ? 88  ARG A N   1 
ATOM   479  C CA  . ARG A 1 68  ? -9.964  4.742   12.797  1.00 26.01 ? 88  ARG A CA  1 
ATOM   480  C C   . ARG A 1 68  ? -9.598  5.975   11.989  1.00 26.14 ? 88  ARG A C   1 
ATOM   481  O O   . ARG A 1 68  ? -10.147 7.063   12.209  1.00 23.52 ? 88  ARG A O   1 
ATOM   482  C CB  . ARG A 1 68  ? -8.898  4.535   13.872  1.00 25.39 ? 88  ARG A CB  1 
ATOM   483  C CG  . ARG A 1 68  ? -8.734  5.698   14.841  1.00 38.08 ? 88  ARG A CG  1 
ATOM   484  C CD  . ARG A 1 68  ? -9.411  5.368   16.152  1.00 37.84 ? 88  ARG A CD  1 
ATOM   485  N NE  . ARG A 1 68  ? -9.091  6.299   17.227  1.00 38.30 ? 88  ARG A NE  1 
ATOM   486  C CZ  . ARG A 1 68  ? -9.482  6.124   18.484  1.00 25.85 ? 88  ARG A CZ  1 
ATOM   487  N NH1 . ARG A 1 68  ? -10.206 5.064   18.805  1.00 36.22 ? 88  ARG A NH1 1 
ATOM   488  N NH2 . ARG A 1 68  ? -9.173  7.027   19.414  1.00 32.55 ? 88  ARG A NH2 1 
ATOM   489  N N   . TYR A 1 69  ? -8.639  5.821   11.107  1.00 22.30 ? 89  TYR A N   1 
ATOM   490  C CA  . TYR A 1 69  ? -8.048  6.940   10.387  1.00 21.40 ? 89  TYR A CA  1 
ATOM   491  C C   . TYR A 1 69  ? -8.364  7.139   8.903   1.00 21.00 ? 89  TYR A C   1 
ATOM   492  O O   . TYR A 1 69  ? -7.841  7.991   8.287   1.00 19.81 ? 89  TYR A O   1 
ATOM   493  C CB  . TYR A 1 69  ? -6.516  6.850   10.597  1.00 18.35 ? 89  TYR A CB  1 
ATOM   494  C CG  . TYR A 1 69  ? -6.116  6.940   12.020  1.00 19.98 ? 89  TYR A CG  1 
ATOM   495  C CD1 . TYR A 1 69  ? -6.399  8.056   12.738  1.00 23.98 ? 89  TYR A CD1 1 
ATOM   496  C CD2 . TYR A 1 69  ? -5.458  5.931   12.649  1.00 20.74 ? 89  TYR A CD2 1 
ATOM   497  C CE1 . TYR A 1 69  ? -6.062  8.182   14.069  1.00 23.81 ? 89  TYR A CE1 1 
ATOM   498  C CE2 . TYR A 1 69  ? -5.094  6.050   13.982  1.00 21.65 ? 89  TYR A CE2 1 
ATOM   499  C CZ  . TYR A 1 69  ? -5.403  7.203   14.678  1.00 28.47 ? 89  TYR A CZ  1 
ATOM   500  O OH  . TYR A 1 69  ? -5.116  7.420   15.964  1.00 28.42 ? 89  TYR A OH  1 
ATOM   501  N N   . ASP A 1 70  ? -9.278  6.344   8.394   1.00 28.42 ? 90  ASP A N   1 
ATOM   502  C CA  . ASP A 1 70  ? -9.579  6.400   6.998   1.00 29.74 ? 90  ASP A CA  1 
ATOM   503  C C   . ASP A 1 70  ? -10.114 7.747   6.603   1.00 25.94 ? 90  ASP A C   1 
ATOM   504  O O   . ASP A 1 70  ? -9.780  8.245   5.566   1.00 27.72 ? 90  ASP A O   1 
ATOM   505  C CB  . ASP A 1 70  ? -10.590 5.325   6.624   1.00 30.90 ? 90  ASP A CB  1 
ATOM   506  C CG  . ASP A 1 70  ? -9.948  3.969   6.322   1.00 45.39 ? 90  ASP A CG  1 
ATOM   507  O OD1 . ASP A 1 70  ? -8.799  3.886   5.862   1.00 36.33 ? 90  ASP A OD1 1 
ATOM   508  O OD2 . ASP A 1 70  ? -10.676 3.018   6.530   1.00 42.50 ? 90  ASP A OD2 1 
ATOM   509  N N   . SER A 1 71  ? -10.996 8.304   7.410   1.00 26.11 ? 91  SER A N   1 
ATOM   510  C CA  . SER A 1 71  ? -11.531 9.622   7.085   1.00 25.38 ? 91  SER A CA  1 
ATOM   511  C C   . SER A 1 71  ? -10.424 10.670  7.068   1.00 25.90 ? 91  SER A C   1 
ATOM   512  O O   . SER A 1 71  ? -10.395 11.539  6.190   1.00 24.28 ? 91  SER A O   1 
ATOM   513  C CB  . SER A 1 71  ? -12.612 9.994   8.101   1.00 30.72 ? 91  SER A CB  1 
ATOM   514  O OG  . SER A 1 71  ? -13.467 10.999  7.596   1.00 33.59 ? 91  SER A OG  1 
ATOM   515  N N   . GLU A 1 72  ? -9.498  10.594  8.027   1.00 25.30 ? 92  GLU A N   1 
ATOM   516  C CA  . GLU A 1 72  ? -8.410  11.566  8.125   1.00 27.06 ? 92  GLU A CA  1 
ATOM   517  C C   . GLU A 1 72  ? -7.493  11.480  6.915   1.00 21.86 ? 92  GLU A C   1 
ATOM   518  O O   . GLU A 1 72  ? -7.049  12.508  6.367   1.00 20.45 ? 92  GLU A O   1 
ATOM   519  C CB  . GLU A 1 72  ? -7.626  11.265  9.405   1.00 26.73 ? 92  GLU A CB  1 
ATOM   520  C CG  . GLU A 1 72  ? -6.389  12.110  9.687   1.00 26.27 ? 92  GLU A CG  1 
ATOM   521  C CD  . GLU A 1 72  ? -5.955  12.023  11.165  1.00 30.27 ? 92  GLU A CD  1 
ATOM   522  O OE1 . GLU A 1 72  ? -6.510  12.755  12.016  1.00 38.00 ? 92  GLU A OE1 1 
ATOM   523  O OE2 . GLU A 1 72  ? -5.045  11.234  11.483  1.00 34.01 ? 92  GLU A OE2 1 
ATOM   524  N N   . PHE A 1 73  ? -7.205  10.254  6.481   1.00 19.85 ? 93  PHE A N   1 
ATOM   525  C CA  . PHE A 1 73  ? -6.326  10.049  5.334   1.00 17.64 ? 93  PHE A CA  1 
ATOM   526  C C   . PHE A 1 73  ? -6.994  10.538  4.065   1.00 15.66 ? 93  PHE A C   1 
ATOM   527  O O   . PHE A 1 73  ? -6.377  11.257  3.267   1.00 19.96 ? 93  PHE A O   1 
ATOM   528  C CB  . PHE A 1 73  ? -6.025  8.562   5.256   1.00 22.76 ? 93  PHE A CB  1 
ATOM   529  C CG  . PHE A 1 73  ? -4.876  8.218   4.390   1.00 20.53 ? 93  PHE A CG  1 
ATOM   530  C CD1 . PHE A 1 73  ? -4.121  9.178   3.747   1.00 25.39 ? 93  PHE A CD1 1 
ATOM   531  C CD2 . PHE A 1 73  ? -4.556  6.881   4.192   1.00 20.40 ? 93  PHE A CD2 1 
ATOM   532  C CE1 . PHE A 1 73  ? -3.068  8.802   2.915   1.00 23.81 ? 93  PHE A CE1 1 
ATOM   533  C CE2 . PHE A 1 73  ? -3.511  6.524   3.381   1.00 17.23 ? 93  PHE A CE2 1 
ATOM   534  C CZ  . PHE A 1 73  ? -2.763  7.476   2.751   1.00 24.82 ? 93  PHE A CZ  1 
ATOM   535  N N   . GLN A 1 74  ? -8.274  10.202  3.894   1.00 19.06 ? 94  GLN A N   1 
ATOM   536  C CA  . GLN A 1 74  ? -9.027  10.720  2.763   1.00 21.11 ? 94  GLN A CA  1 
ATOM   537  C C   . GLN A 1 74  ? -9.003  12.240  2.740   1.00 20.31 ? 94  GLN A C   1 
ATOM   538  O O   . GLN A 1 74  ? -8.887  12.843  1.672   1.00 19.38 ? 94  GLN A O   1 
ATOM   539  C CB  . GLN A 1 74  ? -10.457 10.189  2.775   1.00 21.72 ? 94  GLN A CB  1 
ATOM   540  C CG  . GLN A 1 74  ? -10.540 8.732   2.334   1.00 31.08 ? 94  GLN A CG  1 
ATOM   541  C CD  . GLN A 1 74  ? -11.921 8.136   2.489   1.00 40.08 ? 94  GLN A CD  1 
ATOM   542  O OE1 . GLN A 1 74  ? -12.713 8.118   1.545   1.00 44.42 ? 94  GLN A OE1 1 
ATOM   543  N NE2 . GLN A 1 74  ? -12.217 7.640   3.689   1.00 38.91 ? 94  GLN A NE2 1 
ATOM   544  N N   . THR A 1 75  ? -9.110  12.877  3.912   1.00 20.39 ? 95  THR A N   1 
ATOM   545  C CA  . THR A 1 75  ? -9.111  14.336  3.969   1.00 19.61 ? 95  THR A CA  1 
ATOM   546  C C   . THR A 1 75  ? -7.782  14.926  3.516   1.00 16.61 ? 95  THR A C   1 
ATOM   547  O O   . THR A 1 75  ? -7.754  15.903  2.761   1.00 16.30 ? 95  THR A O   1 
ATOM   548  C CB  . THR A 1 75  ? -9.390  14.758  5.409   1.00 18.21 ? 95  THR A CB  1 
ATOM   549  O OG1 . THR A 1 75  ? -10.608 14.146  5.820   1.00 26.61 ? 95  THR A OG1 1 
ATOM   550  C CG2 . THR A 1 75  ? -9.510  16.272  5.477   1.00 18.47 ? 95  THR A CG2 1 
ATOM   551  N N   . MET A 1 76  ? -6.668  14.371  3.979   1.00 16.55 ? 96  MET A N   1 
ATOM   552  C CA  . MET A 1 76  ? -5.379  14.872  3.528   1.00 16.25 ? 96  MET A CA  1 
ATOM   553  C C   . MET A 1 76  ? -5.178  14.649  2.031   1.00 13.50 ? 96  MET A C   1 
ATOM   554  O O   . MET A 1 76  ? -4.574  15.496  1.369   1.00 16.43 ? 96  MET A O   1 
ATOM   555  C CB  . MET A 1 76  ? -4.250  14.251  4.342   1.00 20.77 ? 96  MET A CB  1 
ATOM   556  C CG  . MET A 1 76  ? -4.286  14.651  5.804   1.00 22.36 ? 96  MET A CG  1 
ATOM   557  S SD  . MET A 1 76  ? -2.934  13.873  6.701   1.00 23.92 ? 96  MET A SD  1 
ATOM   558  C CE  . MET A 1 76  ? -3.465  12.166  6.711   1.00 29.96 ? 96  MET A CE  1 
ATOM   559  N N   . LEU A 1 77  ? -5.702  13.541  1.491   1.00 17.65 ? 97  LEU A N   1 
ATOM   560  C CA  . LEU A 1 77  ? -5.607  13.331  0.043   1.00 17.39 ? 97  LEU A CA  1 
ATOM   561  C C   . LEU A 1 77  ? -6.415  14.369  -0.720  1.00 20.39 ? 97  LEU A C   1 
ATOM   562  O O   . LEU A 1 77  ? -5.987  14.831  -1.783  1.00 17.72 ? 97  LEU A O   1 
ATOM   563  C CB  . LEU A 1 77  ? -6.093  11.934  -0.329  1.00 17.20 ? 97  LEU A CB  1 
ATOM   564  C CG  . LEU A 1 77  ? -5.090  10.863  0.080   1.00 19.52 ? 97  LEU A CG  1 
ATOM   565  C CD1 . LEU A 1 77  ? -5.662  9.489   -0.198  1.00 22.86 ? 97  LEU A CD1 1 
ATOM   566  C CD2 . LEU A 1 77  ? -3.764  11.073  -0.645  1.00 19.61 ? 97  LEU A CD2 1 
ATOM   567  N N   . GLN A 1 78  ? -7.612  14.706  -0.222  1.00 17.03 ? 98  GLN A N   1 
ATOM   568  C CA  . GLN A 1 78  ? -8.398  15.781  -0.821  1.00 20.22 ? 98  GLN A CA  1 
ATOM   569  C C   . GLN A 1 78  ? -7.600  17.082  -0.873  1.00 19.02 ? 98  GLN A C   1 
ATOM   570  O O   . GLN A 1 78  ? -7.636  17.802  -1.880  1.00 22.25 ? 98  GLN A O   1 
ATOM   571  C CB  . GLN A 1 78  ? -9.699  15.971  -0.029  1.00 22.24 ? 98  GLN A CB  1 
ATOM   572  C CG  . GLN A 1 78  ? -10.655 17.019  -0.617  1.00 33.63 ? 98  GLN A CG  1 
ATOM   573  C CD  . GLN A 1 78  ? -11.241 16.588  -1.960  1.00 37.80 ? 98  GLN A CD  1 
ATOM   574  O OE1 . GLN A 1 78  ? -11.273 15.398  -2.285  1.00 45.72 ? 98  GLN A OE1 1 
ATOM   575  N NE2 . GLN A 1 78  ? -11.717 17.557  -2.740  1.00 45.33 ? 98  GLN A NE2 1 
ATOM   576  N N   . HIS A 1 79  ? -6.856  17.387  0.190   1.00 17.21 ? 99  HIS A N   1 
ATOM   577  C CA  . HIS A 1 79  ? -6.042  18.591  0.223   1.00 21.11 ? 99  HIS A CA  1 
ATOM   578  C C   . HIS A 1 79  ? -4.891  18.510  -0.769  1.00 19.71 ? 99  HIS A C   1 
ATOM   579  O O   . HIS A 1 79  ? -4.597  19.489  -1.463  1.00 20.86 ? 99  HIS A O   1 
ATOM   580  C CB  . HIS A 1 79  ? -5.517  18.809  1.643   1.00 21.45 ? 99  HIS A CB  1 
ATOM   581  C CG  . HIS A 1 79  ? -4.953  20.176  1.877   1.00 38.37 ? 99  HIS A CG  1 
ATOM   582  N ND1 . HIS A 1 79  ? -4.383  20.550  3.078   1.00 50.13 ? 99  HIS A ND1 1 
ATOM   583  C CD2 . HIS A 1 79  ? -4.881  21.264  1.072   1.00 41.96 ? 99  HIS A CD2 1 
ATOM   584  C CE1 . HIS A 1 79  ? -3.978  21.805  2.998   1.00 41.82 ? 99  HIS A CE1 1 
ATOM   585  N NE2 . HIS A 1 79  ? -4.270  22.261  1.792   1.00 40.36 ? 99  HIS A NE2 1 
ATOM   586  N N   . LEU A 1 80  ? -4.258  17.336  -0.882  1.00 17.72 ? 100 LEU A N   1 
ATOM   587  C CA  . LEU A 1 80  ? -3.114  17.167  -1.770  1.00 18.10 ? 100 LEU A CA  1 
ATOM   588  C C   . LEU A 1 80  ? -3.509  17.303  -3.241  1.00 16.38 ? 100 LEU A C   1 
ATOM   589  O O   . LEU A 1 80  ? -2.731  17.828  -4.055  1.00 19.05 ? 100 LEU A O   1 
ATOM   590  C CB  . LEU A 1 80  ? -2.489  15.790  -1.508  1.00 20.96 ? 100 LEU A CB  1 
ATOM   591  C CG  . LEU A 1 80  ? -1.273  15.371  -2.336  1.00 18.60 ? 100 LEU A CG  1 
ATOM   592  C CD1 . LEU A 1 80  ? -0.056  16.181  -1.938  1.00 20.77 ? 100 LEU A CD1 1 
ATOM   593  C CD2 . LEU A 1 80  ? -1.003  13.886  -2.147  1.00 19.50 ? 100 LEU A CD2 1 
ATOM   594  N N   . GLN A 1 81  ? -4.714  16.840  -3.592  1.00 17.88 ? 101 GLN A N   1 
ATOM   595  C CA  . GLN A 1 81  ? -5.248  16.918  -4.959  1.00 15.47 ? 101 GLN A CA  1 
ATOM   596  C C   . GLN A 1 81  ? -4.339  16.206  -5.958  1.00 16.60 ? 101 GLN A C   1 
ATOM   597  O O   . GLN A 1 81  ? -3.858  16.835  -6.917  1.00 18.24 ? 101 GLN A O   1 
ATOM   598  C CB  . GLN A 1 81  ? -5.445  18.383  -5.358  1.00 20.86 ? 101 GLN A CB  1 
ATOM   599  C CG  . GLN A 1 81  ? -6.401  19.145  -4.465  1.00 30.06 ? 101 GLN A CG  1 
ATOM   600  C CD  . GLN A 1 81  ? -7.854  18.972  -4.867  1.00 43.92 ? 101 GLN A CD  1 
ATOM   601  O OE1 . GLN A 1 81  ? -8.523  18.015  -4.460  1.00 46.31 ? 101 GLN A OE1 1 
ATOM   602  N NE2 . GLN A 1 81  ? -8.348  19.895  -5.687  1.00 46.23 ? 101 GLN A NE2 1 
ATOM   603  N N   . PRO A 1 82  ? -4.079  14.903  -5.777  1.00 15.13 ? 102 PRO A N   1 
ATOM   604  C CA  . PRO A 1 82  ? -3.238  14.182  -6.737  1.00 13.51 ? 102 PRO A CA  1 
ATOM   605  C C   . PRO A 1 82  ? -3.969  14.017  -8.060  1.00 13.60 ? 102 PRO A C   1 
ATOM   606  O O   . PRO A 1 82  ? -5.191  13.853  -8.096  1.00 17.95 ? 102 PRO A O   1 
ATOM   607  C CB  . PRO A 1 82  ? -3.018  12.817  -6.064  1.00 13.67 ? 102 PRO A CB  1 
ATOM   608  C CG  . PRO A 1 82  ? -4.191  12.643  -5.177  1.00 17.48 ? 102 PRO A CG  1 
ATOM   609  C CD  . PRO A 1 82  ? -4.520  14.041  -4.663  1.00 15.14 ? 102 PRO A CD  1 
ATOM   610  N N   . THR A 1 83  ? -3.206  14.084  -9.148  1.00 14.64 ? 103 THR A N   1 
ATOM   611  C CA  . THR A 1 83  ? -3.725  13.962  -10.508 1.00 14.30 ? 103 THR A CA  1 
ATOM   612  C C   . THR A 1 83  ? -2.819  13.024  -11.294 1.00 15.67 ? 103 THR A C   1 
ATOM   613  O O   . THR A 1 83  ? -1.759  12.613  -10.823 1.00 13.18 ? 103 THR A O   1 
ATOM   614  C CB  . THR A 1 83  ? -3.679  15.322  -11.213 1.00 16.12 ? 103 THR A CB  1 
ATOM   615  O OG1 . THR A 1 83  ? -2.318  15.724  -11.348 1.00 17.50 ? 103 THR A OG1 1 
ATOM   616  C CG2 . THR A 1 83  ? -4.488  16.380  -10.445 1.00 19.07 ? 103 THR A CG2 1 
ATOM   617  N N   . ALA A 1 84  ? -3.207  12.707  -12.541 1.00 13.16 ? 104 ALA A N   1 
ATOM   618  C CA  . ALA A 1 84  ? -2.312  11.875  -13.341 1.00 14.58 ? 104 ALA A CA  1 
ATOM   619  C C   . ALA A 1 84  ? -0.955  12.535  -13.530 1.00 13.67 ? 104 ALA A C   1 
ATOM   620  O O   . ALA A 1 84  ? 0.064   11.842  -13.596 1.00 15.97 ? 104 ALA A O   1 
ATOM   621  C CB  . ALA A 1 84  ? -2.930  11.539  -14.698 1.00 18.84 ? 104 ALA A CB  1 
ATOM   622  N N   . GLU A 1 85  ? -0.921  13.872  -13.573 1.00 13.98 ? 105 GLU A N   1 
ATOM   623  C CA  . GLU A 1 85  ? 0.314   14.591  -13.841 1.00 16.41 ? 105 GLU A CA  1 
ATOM   624  C C   . GLU A 1 85  ? 1.252   14.618  -12.639 1.00 16.07 ? 105 GLU A C   1 
ATOM   625  O O   . GLU A 1 85  ? 2.473   14.593  -12.825 1.00 23.99 ? 105 GLU A O   1 
ATOM   626  C CB  . GLU A 1 85  ? 0.008   16.025  -14.277 1.00 17.76 ? 105 GLU A CB  1 
ATOM   627  C CG  . GLU A 1 85  ? -0.578  16.125  -15.689 1.00 20.82 ? 105 GLU A CG  1 
ATOM   628  C CD  . GLU A 1 85  ? -2.070  15.863  -15.728 1.00 20.98 ? 105 GLU A CD  1 
ATOM   629  O OE1 . GLU A 1 85  ? -2.742  15.997  -14.684 1.00 22.91 ? 105 GLU A OE1 1 
ATOM   630  O OE2 . GLU A 1 85  ? -2.596  15.538  -16.811 1.00 21.09 ? 105 GLU A OE2 1 
ATOM   631  N N   . ASN A 1 86  ? 0.728   14.690  -11.415 1.00 14.52 ? 106 ASN A N   1 
ATOM   632  C CA  . ASN A 1 86  ? 1.609   14.800  -10.246 1.00 13.73 ? 106 ASN A CA  1 
ATOM   633  C C   . ASN A 1 86  ? 1.650   13.558  -9.369  1.00 14.61 ? 106 ASN A C   1 
ATOM   634  O O   . ASN A 1 86  ? 2.379   13.555  -8.366  1.00 15.10 ? 106 ASN A O   1 
ATOM   635  C CB  . ASN A 1 86  ? 1.257   16.024  -9.391  1.00 15.84 ? 106 ASN A CB  1 
ATOM   636  C CG  . ASN A 1 86  ? -0.140  15.970  -8.836  1.00 14.04 ? 106 ASN A CG  1 
ATOM   637  O OD1 . ASN A 1 86  ? -0.677  14.896  -8.561  1.00 15.01 ? 106 ASN A OD1 1 
ATOM   638  N ND2 . ASN A 1 86  ? -0.755  17.149  -8.664  1.00 19.10 ? 106 ASN A ND2 1 
ATOM   639  N N   . ALA A 1 87  ? 0.908   12.500  -9.698  1.00 12.46 ? 107 ALA A N   1 
ATOM   640  C CA  . ALA A 1 87  ? 0.792   11.403  -8.731  1.00 12.13 ? 107 ALA A CA  1 
ATOM   641  C C   . ALA A 1 87  ? 2.132   10.715  -8.485  1.00 14.16 ? 107 ALA A C   1 
ATOM   642  O O   . ALA A 1 87  ? 2.426   10.300  -7.350  1.00 13.78 ? 107 ALA A O   1 
ATOM   643  C CB  . ALA A 1 87  ? -0.249  10.379  -9.173  1.00 14.07 ? 107 ALA A CB  1 
ATOM   644  N N   . TYR A 1 88  ? 2.947   10.543  -9.526  1.00 14.19 ? 108 TYR A N   1 
ATOM   645  C CA  . TYR A 1 88  ? 4.222   9.869   -9.347  1.00 14.77 ? 108 TYR A CA  1 
ATOM   646  C C   . TYR A 1 88  ? 5.132   10.663  -8.423  1.00 15.65 ? 108 TYR A C   1 
ATOM   647  O O   . TYR A 1 88  ? 5.717   10.098  -7.486  1.00 15.83 ? 108 TYR A O   1 
ATOM   648  C CB  . TYR A 1 88  ? 4.901   9.650   -10.702 1.00 14.53 ? 108 TYR A CB  1 
ATOM   649  C CG  . TYR A 1 88  ? 6.257   9.054   -10.522 1.00 16.17 ? 108 TYR A CG  1 
ATOM   650  C CD1 . TYR A 1 88  ? 6.392   7.703   -10.262 1.00 18.68 ? 108 TYR A CD1 1 
ATOM   651  C CD2 . TYR A 1 88  ? 7.395   9.848   -10.553 1.00 17.91 ? 108 TYR A CD2 1 
ATOM   652  C CE1 . TYR A 1 88  ? 7.635   7.138   -10.052 1.00 21.17 ? 108 TYR A CE1 1 
ATOM   653  C CE2 . TYR A 1 88  ? 8.653   9.288   -10.348 1.00 20.04 ? 108 TYR A CE2 1 
ATOM   654  C CZ  . TYR A 1 88  ? 8.756   7.933   -10.101 1.00 21.19 ? 108 TYR A CZ  1 
ATOM   655  O OH  . TYR A 1 88  ? 9.990   7.348   -9.887  1.00 27.49 ? 108 TYR A OH  1 
ATOM   656  N N   . GLU A 1 89  ? 5.241   11.976  -8.670  1.00 17.73 ? 109 GLU A N   1 
ATOM   657  C CA  . GLU A 1 89  ? 6.076   12.852  -7.844  1.00 15.38 ? 109 GLU A CA  1 
ATOM   658  C C   . GLU A 1 89  ? 5.629   12.789  -6.391  1.00 15.47 ? 109 GLU A C   1 
ATOM   659  O O   . GLU A 1 89  ? 6.450   12.620  -5.479  1.00 16.17 ? 109 GLU A O   1 
ATOM   660  C CB  . GLU A 1 89  ? 5.972   14.301  -8.353  1.00 18.83 ? 109 GLU A CB  1 
ATOM   661  C CG  . GLU A 1 89  ? 6.707   15.344  -7.495  1.00 23.17 ? 109 GLU A CG  1 
ATOM   662  C CD  . GLU A 1 89  ? 6.141   16.758  -7.635  1.00 42.93 ? 109 GLU A CD  1 
ATOM   663  O OE1 . GLU A 1 89  ? 5.568   17.083  -8.699  1.00 37.05 ? 109 GLU A OE1 1 
ATOM   664  O OE2 . GLU A 1 89  ? 6.247   17.540  -6.663  1.00 38.87 ? 109 GLU A OE2 1 
ATOM   665  N N   . TYR A 1 90  ? 4.328   12.932  -6.163  1.00 13.83 ? 110 TYR A N   1 
ATOM   666  C CA  . TYR A 1 90  ? 3.818   12.927  -4.789  1.00 12.37 ? 110 TYR A CA  1 
ATOM   667  C C   . TYR A 1 90  ? 3.986   11.553  -4.142  1.00 14.61 ? 110 TYR A C   1 
ATOM   668  O O   . TYR A 1 90  ? 4.402   11.459  -2.975  1.00 14.99 ? 110 TYR A O   1 
ATOM   669  C CB  . TYR A 1 90  ? 2.348   13.322  -4.783  1.00 14.28 ? 110 TYR A CB  1 
ATOM   670  C CG  . TYR A 1 90  ? 2.037   14.770  -5.097  1.00 15.61 ? 110 TYR A CG  1 
ATOM   671  C CD1 . TYR A 1 90  ? 3.029   15.718  -5.220  1.00 19.68 ? 110 TYR A CD1 1 
ATOM   672  C CD2 . TYR A 1 90  ? 0.727   15.159  -5.264  1.00 15.80 ? 110 TYR A CD2 1 
ATOM   673  C CE1 . TYR A 1 90  ? 2.695   17.049  -5.510  1.00 21.67 ? 110 TYR A CE1 1 
ATOM   674  C CE2 . TYR A 1 90  ? 0.389   16.462  -5.528  1.00 15.86 ? 110 TYR A CE2 1 
ATOM   675  C CZ  . TYR A 1 90  ? 1.373   17.390  -5.665  1.00 19.20 ? 110 TYR A CZ  1 
ATOM   676  O OH  . TYR A 1 90  ? 0.997   18.702  -5.944  1.00 23.18 ? 110 TYR A OH  1 
ATOM   677  N N   . PHE A 1 91  ? 3.662   10.472  -4.869  1.00 13.06 ? 111 PHE A N   1 
ATOM   678  C CA  . PHE A 1 91  ? 3.878   9.134   -4.321  1.00 13.43 ? 111 PHE A CA  1 
ATOM   679  C C   . PHE A 1 91  ? 5.334   8.934   -3.910  1.00 14.87 ? 111 PHE A C   1 
ATOM   680  O O   . PHE A 1 91  ? 5.619   8.445   -2.805  1.00 14.22 ? 111 PHE A O   1 
ATOM   681  C CB  . PHE A 1 91  ? 3.483   8.070   -5.362  1.00 12.24 ? 111 PHE A CB  1 
ATOM   682  C CG  . PHE A 1 91  ? 3.735   6.665   -4.876  1.00 14.28 ? 111 PHE A CG  1 
ATOM   683  C CD1 . PHE A 1 91  ? 4.980   6.067   -5.014  1.00 15.86 ? 111 PHE A CD1 1 
ATOM   684  C CD2 . PHE A 1 91  ? 2.745   5.988   -4.218  1.00 13.59 ? 111 PHE A CD2 1 
ATOM   685  C CE1 . PHE A 1 91  ? 5.193   4.795   -4.499  1.00 15.75 ? 111 PHE A CE1 1 
ATOM   686  C CE2 . PHE A 1 91  ? 2.957   4.719   -3.711  1.00 16.82 ? 111 PHE A CE2 1 
ATOM   687  C CZ  . PHE A 1 91  ? 4.190   4.132   -3.858  1.00 16.62 ? 111 PHE A CZ  1 
ATOM   688  N N   . THR A 1 92  ? 6.268   9.281   -4.804  1.00 14.56 ? 112 THR A N   1 
ATOM   689  C CA  . THR A 1 92  ? 7.688   9.077   -4.541  1.00 14.36 ? 112 THR A CA  1 
ATOM   690  C C   . THR A 1 92  ? 8.147   9.876   -3.330  1.00 16.13 ? 112 THR A C   1 
ATOM   691  O O   . THR A 1 92  ? 8.866   9.351   -2.473  1.00 17.12 ? 112 THR A O   1 
ATOM   692  C CB  . THR A 1 92  ? 8.492   9.518   -5.763  1.00 23.38 ? 112 THR A CB  1 
ATOM   693  O OG1 . THR A 1 92  ? 8.093   8.737   -6.902  1.00 22.85 ? 112 THR A OG1 1 
ATOM   694  C CG2 . THR A 1 92  ? 9.991   9.320   -5.497  1.00 24.96 ? 112 THR A CG2 1 
ATOM   695  N N   . LYS A 1 93  ? 7.734   11.133  -3.231  1.00 15.29 ? 113 LYS A N   1 
ATOM   696  C CA  . LYS A 1 93  ? 8.193   11.950  -2.102  1.00 15.74 ? 113 LYS A CA  1 
ATOM   697  C C   . LYS A 1 93  ? 7.644   11.409  -0.793  1.00 15.84 ? 113 LYS A C   1 
ATOM   698  O O   . LYS A 1 93  ? 8.369   11.331  0.215   1.00 17.48 ? 113 LYS A O   1 
ATOM   699  C CB  . LYS A 1 93  ? 7.776   13.408  -2.298  1.00 17.47 ? 113 LYS A CB  1 
ATOM   700  C CG  . LYS A 1 93  ? 8.615   14.155  -3.297  1.00 24.75 ? 113 LYS A CG  1 
ATOM   701  C CD  . LYS A 1 93  ? 8.069   15.561  -3.516  1.00 26.97 ? 113 LYS A CD  1 
ATOM   702  C CE  . LYS A 1 93  ? 8.833   16.280  -4.610  1.00 33.74 ? 113 LYS A CE  1 
ATOM   703  N NZ  . LYS A 1 93  ? 8.129   17.533  -4.994  1.00 39.53 ? 113 LYS A NZ  1 
ATOM   704  N N   . ILE A 1 94  ? 6.361   11.057  -0.778  1.00 14.57 ? 114 ILE A N   1 
ATOM   705  C CA  . ILE A 1 94  ? 5.741   10.560  0.450   1.00 12.30 ? 114 ILE A CA  1 
ATOM   706  C C   . ILE A 1 94  ? 6.349   9.216   0.843   1.00 13.92 ? 114 ILE A C   1 
ATOM   707  O O   . ILE A 1 94  ? 6.724   9.005   2.001   1.00 14.99 ? 114 ILE A O   1 
ATOM   708  C CB  . ILE A 1 94  ? 4.215   10.490  0.278   1.00 12.79 ? 114 ILE A CB  1 
ATOM   709  C CG1 . ILE A 1 94  ? 3.624   11.908  0.222   1.00 15.98 ? 114 ILE A CG1 1 
ATOM   710  C CG2 . ILE A 1 94  ? 3.553   9.621   1.381   1.00 15.71 ? 114 ILE A CG2 1 
ATOM   711  C CD1 . ILE A 1 94  ? 2.160   11.938  -0.181  1.00 17.62 ? 114 ILE A CD1 1 
ATOM   712  N N   . ALA A 1 95  ? 6.482   8.288   -0.111  1.00 13.04 ? 115 ALA A N   1 
ATOM   713  C CA  . ALA A 1 95  ? 7.066   6.979   0.196   1.00 12.75 ? 115 ALA A CA  1 
ATOM   714  C C   . ALA A 1 95  ? 8.524   7.090   0.633   1.00 14.88 ? 115 ALA A C   1 
ATOM   715  O O   . ALA A 1 95  ? 8.954   6.383   1.558   1.00 15.12 ? 115 ALA A O   1 
ATOM   716  C CB  . ALA A 1 95  ? 6.961   6.083   -1.047  1.00 12.17 ? 115 ALA A CB  1 
ATOM   717  N N   . THR A 1 96  ? 9.311   7.957   -0.016  1.00 15.13 ? 116 THR A N   1 
ATOM   718  C CA  . THR A 1 96  ? 10.697  8.124   0.417   1.00 15.22 ? 116 THR A CA  1 
ATOM   719  C C   . THR A 1 96  ? 10.753  8.603   1.868   1.00 17.20 ? 116 THR A C   1 
ATOM   720  O O   . THR A 1 96  ? 11.516  8.056   2.679   1.00 19.66 ? 116 THR A O   1 
ATOM   721  C CB  . THR A 1 96  ? 11.421  9.114   -0.504  1.00 17.04 ? 116 THR A CB  1 
ATOM   722  O OG1 . THR A 1 96  ? 11.400  8.627   -1.859  1.00 19.34 ? 116 THR A OG1 1 
ATOM   723  C CG2 . THR A 1 96  ? 12.870  9.249   -0.088  1.00 19.51 ? 116 THR A CG2 1 
ATOM   724  N N   . SER A 1 97  ? 9.909   9.569   2.232   1.00 16.56 ? 117 SER A N   1 
ATOM   725  C CA  . SER A 1 97  ? 9.916   10.081  3.606   1.00 18.42 ? 117 SER A CA  1 
ATOM   726  C C   . SER A 1 97  ? 9.484   9.018   4.617   1.00 20.21 ? 117 SER A C   1 
ATOM   727  O O   . SER A 1 97  ? 10.040  8.931   5.725   1.00 21.02 ? 117 SER A O   1 
ATOM   728  C CB  . SER A 1 97  ? 9.020   11.315  3.712   1.00 23.38 ? 117 SER A CB  1 
ATOM   729  O OG  . SER A 1 97  ? 9.624   12.415  3.062   1.00 39.37 ? 117 SER A OG  1 
ATOM   730  N N   . LEU A 1 98  ? 8.491   8.208   4.253   1.00 17.09 ? 118 LEU A N   1 
ATOM   731  C CA  . LEU A 1 98  ? 7.995   7.147   5.119   1.00 16.65 ? 118 LEU A CA  1 
ATOM   732  C C   . LEU A 1 98  ? 9.107   6.204   5.570   1.00 18.91 ? 118 LEU A C   1 
ATOM   733  O O   . LEU A 1 98  ? 9.088   5.704   6.709   1.00 21.39 ? 118 LEU A O   1 
ATOM   734  C CB  . LEU A 1 98  ? 6.895   6.377   4.379   1.00 16.08 ? 118 LEU A CB  1 
ATOM   735  C CG  . LEU A 1 98  ? 6.429   5.049   4.957   1.00 18.76 ? 118 LEU A CG  1 
ATOM   736  C CD1 . LEU A 1 98  ? 5.993   5.196   6.409   1.00 19.57 ? 118 LEU A CD1 1 
ATOM   737  C CD2 . LEU A 1 98  ? 5.280   4.501   4.107   1.00 17.26 ? 118 LEU A CD2 1 
ATOM   738  N N   . PHE A 1 99  ? 10.073  5.925   4.699   1.00 15.75 ? 119 PHE A N   1 
ATOM   739  C CA  . PHE A 1 99  ? 11.108  4.950   5.009   1.00 16.08 ? 119 PHE A CA  1 
ATOM   740  C C   . PHE A 1 99  ? 12.431  5.594   5.351   1.00 16.33 ? 119 PHE A C   1 
ATOM   741  O O   . PHE A 1 99  ? 13.412  4.891   5.565   1.00 17.37 ? 119 PHE A O   1 
ATOM   742  C CB  . PHE A 1 99  ? 11.245  3.940   3.872   1.00 15.03 ? 119 PHE A CB  1 
ATOM   743  C CG  . PHE A 1 99  ? 10.035  3.073   3.720   1.00 13.88 ? 119 PHE A CG  1 
ATOM   744  C CD1 . PHE A 1 99  ? 9.774   2.073   4.621   1.00 13.17 ? 119 PHE A CD1 1 
ATOM   745  C CD2 . PHE A 1 99  ? 9.130   3.304   2.686   1.00 15.73 ? 119 PHE A CD2 1 
ATOM   746  C CE1 . PHE A 1 99  ? 8.663   1.261   4.494   1.00 12.85 ? 119 PHE A CE1 1 
ATOM   747  C CE2 . PHE A 1 99  ? 8.014   2.515   2.558   1.00 14.87 ? 119 PHE A CE2 1 
ATOM   748  C CZ  . PHE A 1 99  ? 7.773   1.494   3.428   1.00 14.12 ? 119 PHE A CZ  1 
ATOM   749  N N   . GLU A 1 100 ? 12.468  6.931   5.454   1.00 19.46 ? 120 GLU A N   1 
ATOM   750  C CA  . GLU A 1 100 ? 13.735  7.612   5.710   1.00 21.37 ? 120 GLU A CA  1 
ATOM   751  C C   . GLU A 1 100 ? 14.331  7.195   7.047   1.00 19.89 ? 120 GLU A C   1 
ATOM   752  O O   . GLU A 1 100 ? 15.550  7.046   7.165   1.00 29.00 ? 120 GLU A O   1 
ATOM   753  C CB  . GLU A 1 100 ? 13.538  9.125   5.674   1.00 24.80 ? 120 GLU A CB  1 
ATOM   754  C CG  . GLU A 1 100 ? 14.849  9.914   5.760   1.00 39.05 ? 120 GLU A CG  1 
ATOM   755  C CD  . GLU A 1 100 ? 15.875  9.458   4.726   1.00 47.21 ? 120 GLU A CD  1 
ATOM   756  O OE1 . GLU A 1 100 ? 16.868  8.798   5.111   1.00 55.14 ? 120 GLU A OE1 1 
ATOM   757  O OE2 . GLU A 1 100 ? 15.685  9.753   3.528   1.00 50.50 ? 120 GLU A OE2 1 
ATOM   758  N N   . SER A 1 101 ? 13.501  6.983   8.051   1.00 21.99 ? 121 SER A N   1 
ATOM   759  C CA  . SER A 1 101 ? 14.023  6.619   9.361   1.00 25.90 ? 121 SER A CA  1 
ATOM   760  C C   . SER A 1 101 ? 14.039  5.120   9.595   1.00 25.39 ? 121 SER A C   1 
ATOM   761  O O   . SER A 1 101 ? 14.404  4.683   10.686  1.00 28.71 ? 121 SER A O   1 
ATOM   762  C CB  . SER A 1 101 ? 13.250  7.330   10.477  1.00 28.91 ? 121 SER A CB  1 
ATOM   763  O OG  . SER A 1 101 ? 11.913  6.856   10.580  1.00 32.19 ? 121 SER A OG  1 
ATOM   764  N N   . GLY A 1 102 ? 13.644  4.322   8.605   1.00 20.17 ? 122 GLY A N   1 
ATOM   765  C CA  . GLY A 1 102 ? 13.760  2.891   8.739   1.00 19.16 ? 122 GLY A CA  1 
ATOM   766  C C   . GLY A 1 102 ? 12.610  2.141   8.103   1.00 14.88 ? 122 GLY A C   1 
ATOM   767  O O   . GLY A 1 102 ? 11.626  2.735   7.640   1.00 18.01 ? 122 GLY A O   1 
ATOM   768  N N   . ILE A 1 103 ? 12.736  0.821   8.097   1.00 14.75 ? 123 ILE A N   1 
ATOM   769  C CA  . ILE A 1 103 ? 11.732  -0.087  7.570   1.00 14.88 ? 123 ILE A CA  1 
ATOM   770  C C   . ILE A 1 103 ? 11.285  -1.023  8.684   1.00 15.73 ? 123 ILE A C   1 
ATOM   771  O O   . ILE A 1 103 ? 12.113  -1.534  9.450   1.00 18.53 ? 123 ILE A O   1 
ATOM   772  C CB  . ILE A 1 103 ? 12.320  -0.899  6.399   1.00 13.73 ? 123 ILE A CB  1 
ATOM   773  C CG1 . ILE A 1 103 ? 12.902  -0.008  5.286   1.00 15.89 ? 123 ILE A CG1 1 
ATOM   774  C CG2 . ILE A 1 103 ? 11.253  -1.815  5.793   1.00 16.07 ? 123 ILE A CG2 1 
ATOM   775  C CD1 . ILE A 1 103 ? 13.811  -0.762  4.288   1.00 15.89 ? 123 ILE A CD1 1 
ATOM   776  N N   . ASN A 1 104 ? 9.984   -1.251  8.772   1.00 13.69 ? 124 ASN A N   1 
ATOM   777  C CA  . ASN A 1 104 ? 9.421   -2.334  9.552   1.00 13.39 ? 124 ASN A CA  1 
ATOM   778  C C   . ASN A 1 104 ? 8.168   -2.811  8.825   1.00 14.05 ? 124 ASN A C   1 
ATOM   779  O O   . ASN A 1 104 ? 7.713   -2.170  7.877   1.00 12.77 ? 124 ASN A O   1 
ATOM   780  C CB  . ASN A 1 104 ? 9.184   -1.939  11.017  1.00 16.73 ? 124 ASN A CB  1 
ATOM   781  C CG  . ASN A 1 104 ? 8.208   -0.787  11.173  1.00 16.51 ? 124 ASN A CG  1 
ATOM   782  O OD1 . ASN A 1 104 ? 7.122   -0.808  10.638  1.00 16.17 ? 124 ASN A OD1 1 
ATOM   783  N ND2 . ASN A 1 104 ? 8.582   0.194   11.980  1.00 20.38 ? 124 ASN A ND2 1 
ATOM   784  N N   . TRP A 1 105 ? 7.608   -3.928  9.275   1.00 13.10 ? 125 TRP A N   1 
ATOM   785  C CA  . TRP A 1 105 ? 6.429   -4.486  8.617   1.00 12.83 ? 125 TRP A CA  1 
ATOM   786  C C   . TRP A 1 105 ? 5.242   -3.534  8.670   1.00 13.81 ? 125 TRP A C   1 
ATOM   787  O O   . TRP A 1 105 ? 4.454   -3.460  7.722   1.00 15.42 ? 125 TRP A O   1 
ATOM   788  C CB  . TRP A 1 105 ? 6.043   -5.837  9.209   1.00 16.20 ? 125 TRP A CB  1 
ATOM   789  C CG  . TRP A 1 105 ? 6.825   -6.991  8.645   1.00 15.66 ? 125 TRP A CG  1 
ATOM   790  C CD1 . TRP A 1 105 ? 7.677   -7.810  9.343   1.00 17.79 ? 125 TRP A CD1 1 
ATOM   791  C CD2 . TRP A 1 105 ? 6.837   -7.458  7.283   1.00 15.78 ? 125 TRP A CD2 1 
ATOM   792  N NE1 . TRP A 1 105 ? 8.212   -8.742  8.500   1.00 20.32 ? 125 TRP A NE1 1 
ATOM   793  C CE2 . TRP A 1 105 ? 7.724   -8.546  7.232   1.00 19.00 ? 125 TRP A CE2 1 
ATOM   794  C CE3 . TRP A 1 105 ? 6.190   -7.055  6.104   1.00 16.17 ? 125 TRP A CE3 1 
ATOM   795  C CZ2 . TRP A 1 105 ? 7.971   -9.247  6.057   1.00 17.32 ? 125 TRP A CZ2 1 
ATOM   796  C CZ3 . TRP A 1 105 ? 6.433   -7.765  4.929   1.00 16.84 ? 125 TRP A CZ3 1 
ATOM   797  C CH2 . TRP A 1 105 ? 7.319   -8.847  4.924   1.00 17.55 ? 125 TRP A CH2 1 
ATOM   798  N N   . GLY A 1 106 ? 5.093   -2.790  9.771   1.00 13.17 ? 126 GLY A N   1 
ATOM   799  C CA  . GLY A 1 106 ? 3.992   -1.841  9.842   1.00 15.26 ? 126 GLY A CA  1 
ATOM   800  C C   . GLY A 1 106 ? 4.083   -0.775  8.767   1.00 12.00 ? 126 GLY A C   1 
ATOM   801  O O   . GLY A 1 106 ? 3.075   -0.417  8.161   1.00 12.90 ? 126 GLY A O   1 
ATOM   802  N N   . ARG A 1 107 ? 5.284   -0.222  8.561   1.00 11.63 ? 127 ARG A N   1 
ATOM   803  C CA  . ARG A 1 107 ? 5.461   0.788   7.521   1.00 11.73 ? 127 ARG A CA  1 
ATOM   804  C C   . ARG A 1 107 ? 5.272   0.205   6.129   1.00 12.50 ? 127 ARG A C   1 
ATOM   805  O O   . ARG A 1 107 ? 4.731   0.905   5.259   1.00 12.67 ? 127 ARG A O   1 
ATOM   806  C CB  . ARG A 1 107 ? 6.833   1.445   7.637   1.00 13.49 ? 127 ARG A CB  1 
ATOM   807  C CG  . ARG A 1 107 ? 6.974   2.226   8.969   1.00 15.14 ? 127 ARG A CG  1 
ATOM   808  C CD  . ARG A 1 107 ? 8.335   2.860   9.046   1.00 18.62 ? 127 ARG A CD  1 
ATOM   809  N NE  . ARG A 1 107 ? 8.375   3.733   10.224  1.00 18.39 ? 127 ARG A NE  1 
ATOM   810  C CZ  . ARG A 1 107 ? 9.263   4.691   10.389  1.00 23.37 ? 127 ARG A CZ  1 
ATOM   811  N NH1 . ARG A 1 107 ? 10.219  4.886   9.487   1.00 24.47 ? 127 ARG A NH1 1 
ATOM   812  N NH2 . ARG A 1 107 ? 9.187   5.456   11.474  1.00 21.24 ? 127 ARG A NH2 1 
ATOM   813  N N   . VAL A 1 108 ? 5.666   -1.056  5.912   1.00 12.27 ? 128 VAL A N   1 
ATOM   814  C CA  . VAL A 1 108 ? 5.378   -1.706  4.626   1.00 12.54 ? 128 VAL A CA  1 
ATOM   815  C C   . VAL A 1 108 ? 3.882   -1.768  4.378   1.00 13.42 ? 128 VAL A C   1 
ATOM   816  O O   . VAL A 1 108 ? 3.403   -1.432  3.280   1.00 13.53 ? 128 VAL A O   1 
ATOM   817  C CB  . VAL A 1 108 ? 6.013   -3.100  4.598   1.00 11.67 ? 128 VAL A CB  1 
ATOM   818  C CG1 . VAL A 1 108 ? 5.437   -3.905  3.404   1.00 13.42 ? 128 VAL A CG1 1 
ATOM   819  C CG2 . VAL A 1 108 ? 7.517   -2.984  4.514   1.00 12.85 ? 128 VAL A CG2 1 
ATOM   820  N N   . VAL A 1 109 ? 3.109   -2.147  5.407   1.00 11.68 ? 129 VAL A N   1 
ATOM   821  C CA  . VAL A 1 109 ? 1.651   -2.154  5.272   1.00 11.49 ? 129 VAL A CA  1 
ATOM   822  C C   . VAL A 1 109 ? 1.098   -0.737  5.062   1.00 13.52 ? 129 VAL A C   1 
ATOM   823  O O   . VAL A 1 109 ? 0.151   -0.529  4.289   1.00 14.51 ? 129 VAL A O   1 
ATOM   824  C CB  . VAL A 1 109 ? 0.993   -2.889  6.454   1.00 13.02 ? 129 VAL A CB  1 
ATOM   825  C CG1 . VAL A 1 109 ? -0.521  -2.789  6.338   1.00 15.90 ? 129 VAL A CG1 1 
ATOM   826  C CG2 . VAL A 1 109 ? 1.460   -4.348  6.477   1.00 13.98 ? 129 VAL A CG2 1 
ATOM   827  N N   . ALA A 1 110 ? 1.673   0.260   5.745   1.00 11.31 ? 130 ALA A N   1 
ATOM   828  C CA  . ALA A 1 110 ? 1.240   1.631   5.522   1.00 12.59 ? 130 ALA A CA  1 
ATOM   829  C C   . ALA A 1 110 ? 1.453   2.039   4.072   1.00 11.38 ? 130 ALA A C   1 
ATOM   830  O O   . ALA A 1 110 ? 0.619   2.742   3.494   1.00 12.63 ? 130 ALA A O   1 
ATOM   831  C CB  . ALA A 1 110 ? 1.943   2.575   6.514   1.00 12.99 ? 130 ALA A CB  1 
ATOM   832  N N   . LEU A 1 111 ? 2.544   1.563   3.443   1.00 12.26 ? 131 LEU A N   1 
ATOM   833  C CA  . LEU A 1 111 ? 2.790   1.892   2.038   1.00 11.39 ? 131 LEU A CA  1 
ATOM   834  C C   . LEU A 1 111 ? 1.728   1.263   1.138   1.00 10.86 ? 131 LEU A C   1 
ATOM   835  O O   . LEU A 1 111 ? 1.212   1.925   0.220   1.00 12.90 ? 131 LEU A O   1 
ATOM   836  C CB  . LEU A 1 111 ? 4.209   1.449   1.620   1.00 10.46 ? 131 LEU A CB  1 
ATOM   837  C CG  . LEU A 1 111 ? 4.474   1.659   0.137   1.00 14.05 ? 131 LEU A CG  1 
ATOM   838  C CD1 . LEU A 1 111 ? 4.578   3.104   -0.187  1.00 15.25 ? 131 LEU A CD1 1 
ATOM   839  C CD2 . LEU A 1 111 ? 5.747   0.937   -0.263  1.00 16.26 ? 131 LEU A CD2 1 
ATOM   840  N N   . LEU A 1 112 ? 1.349   0.021   1.425   1.00 10.98 ? 132 LEU A N   1 
ATOM   841  C CA  . LEU A 1 112 ? 0.266   -0.603  0.667   1.00 8.64  ? 132 LEU A CA  1 
ATOM   842  C C   . LEU A 1 112 ? -1.020  0.182   0.835   1.00 10.28 ? 132 LEU A C   1 
ATOM   843  O O   . LEU A 1 112 ? -1.768  0.388   -0.134  1.00 12.18 ? 132 LEU A O   1 
ATOM   844  C CB  . LEU A 1 112 ? 0.047   -2.040  1.119   1.00 12.63 ? 132 LEU A CB  1 
ATOM   845  C CG  . LEU A 1 112 ? 1.218   -3.001  0.985   1.00 13.11 ? 132 LEU A CG  1 
ATOM   846  C CD1 . LEU A 1 112 ? 0.833   -4.383  1.519   1.00 15.12 ? 132 LEU A CD1 1 
ATOM   847  C CD2 . LEU A 1 112 ? 1.641   -3.101  -0.486  1.00 13.34 ? 132 LEU A CD2 1 
ATOM   848  N N   . GLY A 1 113 ? -1.309  0.575   2.081   1.00 12.55 ? 133 GLY A N   1 
ATOM   849  C CA  . GLY A 1 113 ? -2.500  1.369   2.337   1.00 13.44 ? 133 GLY A CA  1 
ATOM   850  C C   . GLY A 1 113 ? -2.491  2.703   1.610   1.00 12.65 ? 133 GLY A C   1 
ATOM   851  O O   . GLY A 1 113 ? -3.539  3.191   1.183   1.00 12.52 ? 133 GLY A O   1 
ATOM   852  N N   . PHE A 1 114 ? -1.315  3.342   1.526   1.00 11.52 ? 134 PHE A N   1 
ATOM   853  C CA  . PHE A 1 114 ? -1.187  4.576   0.761   1.00 12.00 ? 134 PHE A CA  1 
ATOM   854  C C   . PHE A 1 114 ? -1.493  4.329   -0.710  1.00 11.57 ? 134 PHE A C   1 
ATOM   855  O O   . PHE A 1 114 ? -2.254  5.081   -1.327  1.00 12.63 ? 134 PHE A O   1 
ATOM   856  C CB  . PHE A 1 114 ? 0.220   5.132   0.966   1.00 11.80 ? 134 PHE A CB  1 
ATOM   857  C CG  . PHE A 1 114 ? 0.565   6.320   0.106   1.00 13.82 ? 134 PHE A CG  1 
ATOM   858  C CD1 . PHE A 1 114 ? -0.362  7.303   -0.178  1.00 15.73 ? 134 PHE A CD1 1 
ATOM   859  C CD2 . PHE A 1 114 ? 1.865   6.475   -0.342  1.00 13.91 ? 134 PHE A CD2 1 
ATOM   860  C CE1 . PHE A 1 114 ? -0.004  8.437   -0.993  1.00 16.27 ? 134 PHE A CE1 1 
ATOM   861  C CE2 . PHE A 1 114 ? 2.235   7.558   -1.148  1.00 18.46 ? 134 PHE A CE2 1 
ATOM   862  C CZ  . PHE A 1 114 ? 1.303   8.547   -1.467  1.00 14.18 ? 134 PHE A CZ  1 
ATOM   863  N N   . GLY A 1 115 ? -0.931  3.256   -1.287  1.00 10.09 ? 135 GLY A N   1 
ATOM   864  C CA  . GLY A 1 115 ? -1.246  2.949   -2.676  1.00 11.33 ? 135 GLY A CA  1 
ATOM   865  C C   . GLY A 1 115 ? -2.730  2.691   -2.876  1.00 11.05 ? 135 GLY A C   1 
ATOM   866  O O   . GLY A 1 115 ? -3.330  3.189   -3.825  1.00 12.43 ? 135 GLY A O   1 
ATOM   867  N N   . TYR A 1 116 ? -3.356  1.946   -1.952  1.00 11.65 ? 136 TYR A N   1 
ATOM   868  C CA  . TYR A 1 116 ? -4.802  1.714   -2.041  1.00 11.14 ? 136 TYR A CA  1 
ATOM   869  C C   . TYR A 1 116 ? -5.593  3.022   -1.982  1.00 12.21 ? 136 TYR A C   1 
ATOM   870  O O   . TYR A 1 116 ? -6.464  3.277   -2.826  1.00 12.37 ? 136 TYR A O   1 
ATOM   871  C CB  . TYR A 1 116 ? -5.235  0.785   -0.906  1.00 14.74 ? 136 TYR A CB  1 
ATOM   872  C CG  . TYR A 1 116 ? -6.721  0.730   -0.737  1.00 12.38 ? 136 TYR A CG  1 
ATOM   873  C CD1 . TYR A 1 116 ? -7.519  0.092   -1.672  1.00 16.04 ? 136 TYR A CD1 1 
ATOM   874  C CD2 . TYR A 1 116 ? -7.331  1.339   0.338   1.00 14.50 ? 136 TYR A CD2 1 
ATOM   875  C CE1 . TYR A 1 116 ? -8.913  0.043   -1.529  1.00 17.37 ? 136 TYR A CE1 1 
ATOM   876  C CE2 . TYR A 1 116 ? -8.722  1.289   0.493   1.00 16.33 ? 136 TYR A CE2 1 
ATOM   877  C CZ  . TYR A 1 116 ? -9.496  0.650   -0.452  1.00 17.04 ? 136 TYR A CZ  1 
ATOM   878  O OH  . TYR A 1 116 ? -10.888 0.603   -0.327  1.00 22.00 ? 136 TYR A OH  1 
ATOM   879  N N   . ARG A 1 117 ? -5.299  3.864   -0.992  1.00 12.64 ? 137 ARG A N   1 
ATOM   880  C CA  . ARG A 1 117 ? -6.066  5.096   -0.833  1.00 12.91 ? 137 ARG A CA  1 
ATOM   881  C C   . ARG A 1 117 ? -5.810  6.066   -1.972  1.00 12.54 ? 137 ARG A C   1 
ATOM   882  O O   . ARG A 1 117 ? -6.714  6.797   -2.374  1.00 13.69 ? 137 ARG A O   1 
ATOM   883  C CB  . ARG A 1 117 ? -5.774  5.733   0.527   1.00 13.57 ? 137 ARG A CB  1 
ATOM   884  C CG  . ARG A 1 117 ? -6.340  4.946   1.709   1.00 19.72 ? 137 ARG A CG  1 
ATOM   885  C CD  . ARG A 1 117 ? -7.405  5.771   2.461   1.00 25.28 ? 137 ARG A CD  1 
ATOM   886  N NE  . ARG A 1 117 ? -8.660  5.739   1.728   1.00 26.12 ? 137 ARG A NE  1 
ATOM   887  C CZ  . ARG A 1 117 ? -9.677  4.947   2.046   1.00 25.60 ? 137 ARG A CZ  1 
ATOM   888  N NH1 . ARG A 1 117 ? -9.594  4.156   3.106   1.00 32.51 ? 137 ARG A NH1 1 
ATOM   889  N NH2 . ARG A 1 117 ? -10.776 4.953   1.314   1.00 34.25 ? 137 ARG A NH2 1 
ATOM   890  N N   . LEU A 1 118 ? -4.585  6.099   -2.496  1.00 12.16 ? 138 LEU A N   1 
ATOM   891  C CA  . LEU A 1 118 ? -4.302  6.952   -3.644  1.00 11.37 ? 138 LEU A CA  1 
ATOM   892  C C   . LEU A 1 118 ? -5.077  6.483   -4.859  1.00 12.15 ? 138 LEU A C   1 
ATOM   893  O O   . LEU A 1 118 ? -5.667  7.300   -5.589  1.00 12.56 ? 138 LEU A O   1 
ATOM   894  C CB  . LEU A 1 118 ? -2.805  6.945   -3.931  1.00 11.23 ? 138 LEU A CB  1 
ATOM   895  C CG  . LEU A 1 118 ? -2.352  7.726   -5.177  1.00 10.53 ? 138 LEU A CG  1 
ATOM   896  C CD1 . LEU A 1 118 ? -2.712  9.208   -5.128  1.00 13.69 ? 138 LEU A CD1 1 
ATOM   897  C CD2 . LEU A 1 118 ? -0.847  7.559   -5.374  1.00 14.28 ? 138 LEU A CD2 1 
ATOM   898  N N   . ALA A 1 119 ? -5.049  5.173   -5.117  1.00 11.39 ? 139 ALA A N   1 
ATOM   899  C CA  . ALA A 1 119 ? -5.762  4.652   -6.276  1.00 12.92 ? 139 ALA A CA  1 
ATOM   900  C C   . ALA A 1 119 ? -7.252  4.929   -6.145  1.00 12.27 ? 139 ALA A C   1 
ATOM   901  O O   . ALA A 1 119 ? -7.907  5.356   -7.103  1.00 13.70 ? 139 ALA A O   1 
ATOM   902  C CB  . ALA A 1 119 ? -5.488  3.144   -6.397  1.00 12.23 ? 139 ALA A CB  1 
ATOM   903  N N   . LEU A 1 120 ? -7.809  4.664   -4.972  1.00 12.81 ? 140 LEU A N   1 
ATOM   904  C CA  . LEU A 1 120 ? -9.245  4.893   -4.783  1.00 12.55 ? 140 LEU A CA  1 
ATOM   905  C C   . LEU A 1 120 ? -9.590  6.369   -4.944  1.00 13.06 ? 140 LEU A C   1 
ATOM   906  O O   . LEU A 1 120 ? -10.590 6.717   -5.593  1.00 15.18 ? 140 LEU A O   1 
ATOM   907  C CB  . LEU A 1 120 ? -9.665  4.375   -3.411  1.00 14.54 ? 140 LEU A CB  1 
ATOM   908  C CG  . LEU A 1 120 ? -11.150 4.460   -3.086  1.00 18.09 ? 140 LEU A CG  1 
ATOM   909  C CD1 . LEU A 1 120 ? -11.999 3.701   -4.096  1.00 19.74 ? 140 LEU A CD1 1 
ATOM   910  C CD2 . LEU A 1 120 ? -11.362 3.929   -1.698  1.00 22.37 ? 140 LEU A CD2 1 
ATOM   911  N N   . HIS A 1 121 ? -8.759  7.254   -4.387  1.00 13.11 ? 141 HIS A N   1 
ATOM   912  C CA  . HIS A 1 121 ? -9.057  8.679   -4.438  1.00 13.49 ? 141 HIS A CA  1 
ATOM   913  C C   . HIS A 1 121 ? -9.082  9.173   -5.876  1.00 13.00 ? 141 HIS A C   1 
ATOM   914  O O   . HIS A 1 121 ? -10.032 9.845   -6.294  1.00 15.11 ? 141 HIS A O   1 
ATOM   915  C CB  . HIS A 1 121 ? -8.034  9.467   -3.610  1.00 14.18 ? 141 HIS A CB  1 
ATOM   916  C CG  . HIS A 1 121 ? -8.103  10.941  -3.836  1.00 18.65 ? 141 HIS A CG  1 
ATOM   917  N ND1 . HIS A 1 121 ? -8.785  11.787  -2.995  1.00 28.51 ? 141 HIS A ND1 1 
ATOM   918  C CD2 . HIS A 1 121 ? -7.615  11.711  -4.836  1.00 21.91 ? 141 HIS A CD2 1 
ATOM   919  C CE1 . HIS A 1 121 ? -8.698  13.018  -3.458  1.00 17.78 ? 141 HIS A CE1 1 
ATOM   920  N NE2 . HIS A 1 121 ? -7.995  13.003  -4.573  1.00 30.95 ? 141 HIS A NE2 1 
ATOM   921  N N   . VAL A 1 122 ? -8.072  8.805   -6.685  1.00 11.42 ? 142 VAL A N   1 
ATOM   922  C CA  . VAL A 1 122 ? -8.063  9.333   -8.041  1.00 10.80 ? 142 VAL A CA  1 
ATOM   923  C C   . VAL A 1 122 ? -9.238  8.787   -8.841  1.00 13.00 ? 142 VAL A C   1 
ATOM   924  O O   . VAL A 1 122 ? -9.843  9.524   -9.638  1.00 14.49 ? 142 VAL A O   1 
ATOM   925  C CB  . VAL A 1 122 ? -6.713  9.180   -8.781  1.00 13.59 ? 142 VAL A CB  1 
ATOM   926  C CG1 . VAL A 1 122 ? -5.576  9.847   -8.009  1.00 14.58 ? 142 VAL A CG1 1 
ATOM   927  C CG2 . VAL A 1 122 ? -6.375  7.714   -9.103  1.00 13.62 ? 142 VAL A CG2 1 
ATOM   928  N N   . TYR A 1 123 ? -9.588  7.513   -8.634  1.00 14.10 ? 143 TYR A N   1 
ATOM   929  C CA  . TYR A 1 123 ? -10.760 6.951   -9.312  1.00 14.02 ? 143 TYR A CA  1 
ATOM   930  C C   . TYR A 1 123 ? -12.032 7.701   -8.922  1.00 16.30 ? 143 TYR A C   1 
ATOM   931  O O   . TYR A 1 123 ? -12.853 8.050   -9.784  1.00 17.26 ? 143 TYR A O   1 
ATOM   932  C CB  . TYR A 1 123 ? -10.913 5.454   -9.022  1.00 14.16 ? 143 TYR A CB  1 
ATOM   933  C CG  . TYR A 1 123 ? -12.282 4.972   -9.461  1.00 17.32 ? 143 TYR A CG  1 
ATOM   934  C CD1 . TYR A 1 123 ? -12.537 4.657   -10.798 1.00 22.29 ? 143 TYR A CD1 1 
ATOM   935  C CD2 . TYR A 1 123 ? -13.315 4.883   -8.548  1.00 17.94 ? 143 TYR A CD2 1 
ATOM   936  C CE1 . TYR A 1 123 ? -13.817 4.269   -11.200 1.00 22.40 ? 143 TYR A CE1 1 
ATOM   937  C CE2 . TYR A 1 123 ? -14.589 4.490   -8.938  1.00 24.04 ? 143 TYR A CE2 1 
ATOM   938  C CZ  . TYR A 1 123 ? -14.823 4.186   -10.252 1.00 20.44 ? 143 TYR A CZ  1 
ATOM   939  O OH  . TYR A 1 123 ? -16.113 3.803   -10.585 1.00 26.49 ? 143 TYR A OH  1 
ATOM   940  N N   . GLN A 1 124 ? -12.213 7.961   -7.625  1.00 14.82 ? 144 GLN A N   1 
ATOM   941  C CA  . GLN A 1 124 ? -13.403 8.692   -7.184  1.00 16.86 ? 144 GLN A CA  1 
ATOM   942  C C   . GLN A 1 124 ? -13.483 10.082  -7.797  1.00 20.91 ? 144 GLN A C   1 
ATOM   943  O O   . GLN A 1 124 ? -14.583 10.642  -7.931  1.00 25.15 ? 144 GLN A O   1 
ATOM   944  C CB  . GLN A 1 124 ? -13.442 8.762   -5.654  1.00 19.44 ? 144 GLN A CB  1 
ATOM   945  C CG  . GLN A 1 124 ? -13.779 7.431   -5.061  1.00 20.00 ? 144 GLN A CG  1 
ATOM   946  C CD  . GLN A 1 124 ? -13.584 7.354   -3.566  1.00 23.44 ? 144 GLN A CD  1 
ATOM   947  O OE1 . GLN A 1 124 ? -12.936 8.203   -2.965  1.00 26.44 ? 144 GLN A OE1 1 
ATOM   948  N NE2 . GLN A 1 124 ? -14.124 6.297   -2.958  1.00 33.61 ? 144 GLN A NE2 1 
ATOM   949  N N   . HIS A 1 125 ? -12.345 10.668  -8.153  1.00 19.70 ? 145 HIS A N   1 
ATOM   950  C CA  . HIS A 1 125 ? -12.303 11.985  -8.763  1.00 21.27 ? 145 HIS A CA  1 
ATOM   951  C C   . HIS A 1 125 ? -12.240 11.949  -10.282 1.00 19.13 ? 145 HIS A C   1 
ATOM   952  O O   . HIS A 1 125 ? -11.947 12.979  -10.902 1.00 24.61 ? 145 HIS A O   1 
ATOM   953  C CB  . HIS A 1 125 ? -11.164 12.804  -8.167  1.00 21.02 ? 145 HIS A CB  1 
ATOM   954  C CG  . HIS A 1 125 ? -11.424 13.215  -6.754  1.00 25.80 ? 145 HIS A CG  1 
ATOM   955  N ND1 . HIS A 1 125 ? -11.808 14.493  -6.409  1.00 36.38 ? 145 HIS A ND1 1 
ATOM   956  C CD2 . HIS A 1 125 ? -11.408 12.502  -5.603  1.00 23.29 ? 145 HIS A CD2 1 
ATOM   957  C CE1 . HIS A 1 125 ? -11.988 14.556  -5.101  1.00 33.55 ? 145 HIS A CE1 1 
ATOM   958  N NE2 . HIS A 1 125 ? -11.764 13.359  -4.590  1.00 38.07 ? 145 HIS A NE2 1 
ATOM   959  N N   . GLY A 1 126 ? -12.530 10.800  -10.899 1.00 16.69 ? 146 GLY A N   1 
ATOM   960  C CA  . GLY A 1 126 ? -12.701 10.708  -12.339 1.00 18.79 ? 146 GLY A CA  1 
ATOM   961  C C   . GLY A 1 126 ? -11.574 10.044  -13.102 1.00 21.90 ? 146 GLY A C   1 
ATOM   962  O O   . GLY A 1 126 ? -11.719 9.823   -14.312 1.00 23.01 ? 146 GLY A O   1 
ATOM   963  N N   . LEU A 1 127 ? -10.465 9.710   -12.451 1.00 15.93 ? 147 LEU A N   1 
ATOM   964  C CA  . LEU A 1 127 ? -9.282  9.197   -13.158 1.00 16.03 ? 147 LEU A CA  1 
ATOM   965  C C   . LEU A 1 127 ? -9.369  7.678   -13.179 1.00 15.80 ? 147 LEU A C   1 
ATOM   966  O O   . LEU A 1 127 ? -8.941  7.000   -12.241 1.00 15.56 ? 147 LEU A O   1 
ATOM   967  C CB  . LEU A 1 127 ? -7.999  9.672   -12.483 1.00 15.02 ? 147 LEU A CB  1 
ATOM   968  C CG  . LEU A 1 127 ? -6.674  9.195   -13.123 1.00 14.79 ? 147 LEU A CG  1 
ATOM   969  C CD1 . LEU A 1 127 ? -6.631  9.540   -14.592 1.00 19.42 ? 147 LEU A CD1 1 
ATOM   970  C CD2 . LEU A 1 127 ? -5.453  9.767   -12.411 1.00 15.68 ? 147 LEU A CD2 1 
ATOM   971  N N   . THR A 1 128 ? -9.968  7.141   -14.247 1.00 16.18 ? 148 THR A N   1 
ATOM   972  C CA  . THR A 1 128 ? -10.054 5.709   -14.484 1.00 16.81 ? 148 THR A CA  1 
ATOM   973  C C   . THR A 1 128 ? -8.745  5.197   -15.062 1.00 15.14 ? 148 THR A C   1 
ATOM   974  O O   . THR A 1 128 ? -7.917  5.971   -15.556 1.00 14.89 ? 148 THR A O   1 
ATOM   975  C CB  . THR A 1 128 ? -11.110 5.398   -15.546 1.00 23.93 ? 148 THR A CB  1 
ATOM   976  O OG1 . THR A 1 128 ? -10.806 6.131   -16.743 1.00 24.16 ? 148 THR A OG1 1 
ATOM   977  C CG2 . THR A 1 128 ? -12.502 5.739   -15.064 1.00 23.92 ? 148 THR A CG2 1 
ATOM   978  N N   . GLY A 1 129 ? -8.578  3.873   -15.021 1.00 13.81 ? 149 GLY A N   1 
ATOM   979  C CA  . GLY A 1 129 ? -7.426  3.226   -15.635 1.00 11.88 ? 149 GLY A CA  1 
ATOM   980  C C   . GLY A 1 129 ? -6.096  3.456   -14.942 1.00 13.57 ? 149 GLY A C   1 
ATOM   981  O O   . GLY A 1 129 ? -5.048  3.197   -15.536 1.00 18.35 ? 149 GLY A O   1 
ATOM   982  N N   . PHE A 1 130 ? -6.108  3.901   -13.685 1.00 13.87 ? 150 PHE A N   1 
ATOM   983  C CA  . PHE A 1 130 ? -4.876  4.267   -12.984 1.00 12.22 ? 150 PHE A CA  1 
ATOM   984  C C   . PHE A 1 130 ? -4.406  3.223   -11.977 1.00 11.92 ? 150 PHE A C   1 
ATOM   985  O O   . PHE A 1 130 ? -3.318  3.378   -11.412 1.00 12.82 ? 150 PHE A O   1 
ATOM   986  C CB  . PHE A 1 130 ? -5.026  5.649   -12.285 1.00 11.72 ? 150 PHE A CB  1 
ATOM   987  C CG  . PHE A 1 130 ? -3.770  6.485   -12.294 1.00 11.19 ? 150 PHE A CG  1 
ATOM   988  C CD1 . PHE A 1 130 ? -3.316  7.044   -13.480 1.00 13.61 ? 150 PHE A CD1 1 
ATOM   989  C CD2 . PHE A 1 130 ? -3.065  6.730   -11.134 1.00 14.19 ? 150 PHE A CD2 1 
ATOM   990  C CE1 . PHE A 1 130 ? -2.158  7.830   -13.521 1.00 14.06 ? 150 PHE A CE1 1 
ATOM   991  C CE2 . PHE A 1 130 ? -1.886  7.503   -11.177 1.00 14.62 ? 150 PHE A CE2 1 
ATOM   992  C CZ  . PHE A 1 130 ? -1.458  8.061   -12.352 1.00 13.02 ? 150 PHE A CZ  1 
ATOM   993  N N   . LEU A 1 131 ? -5.169  2.147   -11.745 1.00 10.94 ? 151 LEU A N   1 
ATOM   994  C CA  . LEU A 1 131 ? -4.762  1.179   -10.728 1.00 11.62 ? 151 LEU A CA  1 
ATOM   995  C C   . LEU A 1 131 ? -3.451  0.501   -11.094 1.00 11.71 ? 151 LEU A C   1 
ATOM   996  O O   . LEU A 1 131 ? -2.615  0.261   -10.226 1.00 12.81 ? 151 LEU A O   1 
ATOM   997  C CB  . LEU A 1 131 ? -5.847  0.119   -10.485 1.00 12.76 ? 151 LEU A CB  1 
ATOM   998  C CG  . LEU A 1 131 ? -5.533  -0.923  -9.395  1.00 13.66 ? 151 LEU A CG  1 
ATOM   999  C CD1 . LEU A 1 131 ? -5.245  -0.234  -8.057  1.00 13.86 ? 151 LEU A CD1 1 
ATOM   1000 C CD2 . LEU A 1 131 ? -6.711  -1.880  -9.270  1.00 16.30 ? 151 LEU A CD2 1 
ATOM   1001 N N   . GLY A 1 132 ? -3.262  0.159   -12.364 1.00 13.71 ? 152 GLY A N   1 
ATOM   1002 C CA  . GLY A 1 132 ? -2.008  -0.456  -12.772 1.00 12.78 ? 152 GLY A CA  1 
ATOM   1003 C C   . GLY A 1 132 ? -0.840  0.500   -12.644 1.00 11.91 ? 152 GLY A C   1 
ATOM   1004 O O   . GLY A 1 132 ? 0.298   0.069   -12.417 1.00 12.25 ? 152 GLY A O   1 
ATOM   1005 N N   . GLN A 1 133 ? -1.099  1.805   -12.805 1.00 11.39 ? 153 GLN A N   1 
ATOM   1006 C CA  . GLN A 1 133 ? -0.049  2.792   -12.608 1.00 9.11  ? 153 GLN A CA  1 
ATOM   1007 C C   . GLN A 1 133 ? 0.384   2.819   -11.153 1.00 11.11 ? 153 GLN A C   1 
ATOM   1008 O O   . GLN A 1 133 ? 1.584   2.809   -10.851 1.00 11.55 ? 153 GLN A O   1 
ATOM   1009 C CB  . GLN A 1 133 ? -0.514  4.194   -13.030 1.00 11.96 ? 153 GLN A CB  1 
ATOM   1010 C CG  . GLN A 1 133 ? -1.094  4.289   -14.468 1.00 11.86 ? 153 GLN A CG  1 
ATOM   1011 C CD  . GLN A 1 133 ? -0.021  4.274   -15.545 1.00 14.36 ? 153 GLN A CD  1 
ATOM   1012 O OE1 . GLN A 1 133 ? 1.187   4.268   -15.261 1.00 13.90 ? 153 GLN A OE1 1 
ATOM   1013 N NE2 . GLN A 1 133 ? -0.466  4.254   -16.799 1.00 13.36 ? 153 GLN A NE2 1 
ATOM   1014 N N   . VAL A 1 134 ? -0.585  2.845   -10.226 1.00 11.35 ? 154 VAL A N   1 
ATOM   1015 C CA  . VAL A 1 134 ? -0.207  2.877   -8.817  1.00 10.80 ? 154 VAL A CA  1 
ATOM   1016 C C   . VAL A 1 134 ? 0.482   1.583   -8.421  1.00 10.11 ? 154 VAL A C   1 
ATOM   1017 O O   . VAL A 1 134 ? 1.423   1.595   -7.613  1.00 11.07 ? 154 VAL A O   1 
ATOM   1018 C CB  . VAL A 1 134 ? -1.432  3.145   -7.939  1.00 10.50 ? 154 VAL A CB  1 
ATOM   1019 C CG1 . VAL A 1 134 ? -1.036  3.069   -6.449  1.00 11.28 ? 154 VAL A CG1 1 
ATOM   1020 C CG2 . VAL A 1 134 ? -1.992  4.513   -8.261  1.00 10.80 ? 154 VAL A CG2 1 
ATOM   1021 N N   . THR A 1 135 ? 0.043   0.443   -8.996  1.00 10.08 ? 155 THR A N   1 
ATOM   1022 C CA  . THR A 1 135 ? 0.707   -0.832  -8.725  1.00 10.70 ? 155 THR A CA  1 
ATOM   1023 C C   . THR A 1 135 ? 2.181   -0.753  -9.121  1.00 11.61 ? 155 THR A C   1 
ATOM   1024 O O   . THR A 1 135 ? 3.076   -1.189  -8.366  1.00 11.88 ? 155 THR A O   1 
ATOM   1025 C CB  . THR A 1 135 ? 0.014   -1.955  -9.502  1.00 12.20 ? 155 THR A CB  1 
ATOM   1026 O OG1 . THR A 1 135 ? -1.363  -2.038  -9.123  1.00 12.67 ? 155 THR A OG1 1 
ATOM   1027 C CG2 . THR A 1 135 ? 0.715   -3.333  -9.224  1.00 13.45 ? 155 THR A CG2 1 
ATOM   1028 N N   . ARG A 1 136 ? 2.454   -0.200  -10.306 1.00 11.48 ? 156 ARG A N   1 
ATOM   1029 C CA  . ARG A 1 136 ? 3.843   -0.021  -10.722 1.00 12.43 ? 156 ARG A CA  1 
ATOM   1030 C C   . ARG A 1 136 ? 4.591   0.898   -9.773  1.00 12.26 ? 156 ARG A C   1 
ATOM   1031 O O   . ARG A 1 136 ? 5.750   0.617   -9.425  1.00 14.46 ? 156 ARG A O   1 
ATOM   1032 C CB  . ARG A 1 136 ? 3.945   0.525   -12.146 1.00 16.68 ? 156 ARG A CB  1 
ATOM   1033 C CG  . ARG A 1 136 ? 5.409   0.457   -12.636 1.00 24.41 ? 156 ARG A CG  1 
ATOM   1034 C CD  . ARG A 1 136 ? 5.573   0.937   -14.059 1.00 25.86 ? 156 ARG A CD  1 
ATOM   1035 N NE  . ARG A 1 136 ? 5.362   2.372   -14.157 1.00 24.71 ? 156 ARG A NE  1 
ATOM   1036 C CZ  . ARG A 1 136 ? 4.251   2.914   -14.625 1.00 24.38 ? 156 ARG A CZ  1 
ATOM   1037 N NH1 . ARG A 1 136 ? 3.256   2.113   -15.040 1.00 23.26 ? 156 ARG A NH1 1 
ATOM   1038 N NH2 . ARG A 1 136 ? 4.134   4.243   -14.697 1.00 23.16 ? 156 ARG A NH2 1 
ATOM   1039 N N   . PHE A 1 137 ? 3.964   2.005   -9.347  1.00 11.20 ? 157 PHE A N   1 
ATOM   1040 C CA  . PHE A 1 137 ? 4.641   2.904   -8.406  1.00 12.54 ? 157 PHE A CA  1 
ATOM   1041 C C   . PHE A 1 137 ? 5.094   2.132   -7.164  1.00 11.36 ? 157 PHE A C   1 
ATOM   1042 O O   . PHE A 1 137 ? 6.234   2.288   -6.695  1.00 13.08 ? 157 PHE A O   1 
ATOM   1043 C CB  . PHE A 1 137 ? 3.718   4.039   -7.928  1.00 12.40 ? 157 PHE A CB  1 
ATOM   1044 C CG  . PHE A 1 137 ? 3.266   4.999   -8.994  1.00 15.87 ? 157 PHE A CG  1 
ATOM   1045 C CD1 . PHE A 1 137 ? 3.752   4.947   -10.280 1.00 17.53 ? 157 PHE A CD1 1 
ATOM   1046 C CD2 . PHE A 1 137 ? 2.311   5.941   -8.657  1.00 14.49 ? 157 PHE A CD2 1 
ATOM   1047 C CE1 . PHE A 1 137 ? 3.269   5.858   -11.244 1.00 17.54 ? 157 PHE A CE1 1 
ATOM   1048 C CE2 . PHE A 1 137 ? 1.848   6.862   -9.603  1.00 18.16 ? 157 PHE A CE2 1 
ATOM   1049 C CZ  . PHE A 1 137 ? 2.330   6.806   -10.882 1.00 17.32 ? 157 PHE A CZ  1 
ATOM   1050 N N   . VAL A 1 138 ? 4.184   1.332   -6.587  1.00 11.46 ? 158 VAL A N   1 
ATOM   1051 C CA  . VAL A 1 138 ? 4.496   0.582   -5.369  1.00 9.22  ? 158 VAL A CA  1 
ATOM   1052 C C   . VAL A 1 138 ? 5.619   -0.412  -5.621  1.00 11.96 ? 158 VAL A C   1 
ATOM   1053 O O   . VAL A 1 138 ? 6.590   -0.484  -4.858  1.00 11.88 ? 158 VAL A O   1 
ATOM   1054 C CB  . VAL A 1 138 ? 3.241   -0.134  -4.852  1.00 10.02 ? 158 VAL A CB  1 
ATOM   1055 C CG1 . VAL A 1 138 ? 3.600   -1.057  -3.668  1.00 11.31 ? 158 VAL A CG1 1 
ATOM   1056 C CG2 . VAL A 1 138 ? 2.161   0.873   -4.413  1.00 12.95 ? 158 VAL A CG2 1 
ATOM   1057 N N   . VAL A 1 139 ? 5.470   -1.237  -6.669  1.00 10.68 ? 159 VAL A N   1 
ATOM   1058 C CA  . VAL A 1 139 ? 6.471   -2.272  -6.945  1.00 10.60 ? 159 VAL A CA  1 
ATOM   1059 C C   . VAL A 1 139 ? 7.827   -1.630  -7.217  1.00 11.86 ? 159 VAL A C   1 
ATOM   1060 O O   . VAL A 1 139 ? 8.856   -2.055  -6.673  1.00 13.35 ? 159 VAL A O   1 
ATOM   1061 C CB  . VAL A 1 139 ? 6.037   -3.145  -8.140  1.00 10.63 ? 159 VAL A CB  1 
ATOM   1062 C CG1 . VAL A 1 139 ? 7.189   -4.121  -8.480  1.00 15.92 ? 159 VAL A CG1 1 
ATOM   1063 C CG2 . VAL A 1 139 ? 4.783   -3.939  -7.826  1.00 15.74 ? 159 VAL A CG2 1 
ATOM   1064 N N   . ASP A 1 140 ? 7.854   -0.621  -8.085  1.00 11.91 ? 160 ASP A N   1 
ATOM   1065 C CA  . ASP A 1 140 ? 9.112   -0.003  -8.472  1.00 17.83 ? 160 ASP A CA  1 
ATOM   1066 C C   . ASP A 1 140 ? 9.763   0.711   -7.296  1.00 12.97 ? 160 ASP A C   1 
ATOM   1067 O O   . ASP A 1 140 ? 10.986  0.624   -7.123  1.00 13.93 ? 160 ASP A O   1 
ATOM   1068 C CB  . ASP A 1 140 ? 8.885   0.961   -9.633  1.00 17.09 ? 160 ASP A CB  1 
ATOM   1069 C CG  . ASP A 1 140 ? 10.160  1.342   -10.327 1.00 32.77 ? 160 ASP A CG  1 
ATOM   1070 O OD1 . ASP A 1 140 ? 10.754  0.438   -10.930 1.00 30.76 ? 160 ASP A OD1 1 
ATOM   1071 O OD2 . ASP A 1 140 ? 10.559  2.523   -10.264 1.00 37.82 ? 160 ASP A OD2 1 
ATOM   1072 N N   . PHE A 1 141 ? 8.965   1.380   -6.462  1.00 11.80 ? 161 PHE A N   1 
ATOM   1073 C CA  . PHE A 1 141 ? 9.539   2.031   -5.285  1.00 12.77 ? 161 PHE A CA  1 
ATOM   1074 C C   . PHE A 1 141 ? 10.198  0.997   -4.393  1.00 15.07 ? 161 PHE A C   1 
ATOM   1075 O O   . PHE A 1 141 ? 11.330  1.184   -3.930  1.00 13.98 ? 161 PHE A O   1 
ATOM   1076 C CB  . PHE A 1 141 ? 8.489   2.821   -4.497  1.00 13.32 ? 161 PHE A CB  1 
ATOM   1077 C CG  . PHE A 1 141 ? 9.050   3.458   -3.248  1.00 12.51 ? 161 PHE A CG  1 
ATOM   1078 C CD1 . PHE A 1 141 ? 9.649   4.704   -3.291  1.00 16.95 ? 161 PHE A CD1 1 
ATOM   1079 C CD2 . PHE A 1 141 ? 9.057   2.760   -2.056  1.00 14.46 ? 161 PHE A CD2 1 
ATOM   1080 C CE1 . PHE A 1 141 ? 10.203  5.251   -2.146  1.00 16.49 ? 161 PHE A CE1 1 
ATOM   1081 C CE2 . PHE A 1 141 ? 9.607   3.306   -0.913  1.00 15.60 ? 161 PHE A CE2 1 
ATOM   1082 C CZ  . PHE A 1 141 ? 10.179  4.537   -0.961  1.00 16.04 ? 161 PHE A CZ  1 
ATOM   1083 N N   . MET A 1 142 ? 9.506   -0.113  -4.148  1.00 13.70 ? 162 MET A N   1 
ATOM   1084 C CA  . MET A 1 142 ? 10.058  -1.089  -3.219  1.00 14.57 ? 162 MET A CA  1 
ATOM   1085 C C   . MET A 1 142 ? 11.328  -1.694  -3.791  1.00 15.76 ? 162 MET A C   1 
ATOM   1086 O O   . MET A 1 142 ? 12.297  -1.937  -3.055  1.00 17.39 ? 162 MET A O   1 
ATOM   1087 C CB  . MET A 1 142 ? 9.003   -2.144  -2.884  1.00 15.71 ? 162 MET A CB  1 
ATOM   1088 C CG  . MET A 1 142 ? 7.891   -1.601  -2.041  1.00 16.01 ? 162 MET A CG  1 
ATOM   1089 S SD  . MET A 1 142 ? 6.842   -2.937  -1.431  1.00 28.15 ? 162 MET A SD  1 
ATOM   1090 C CE  . MET A 1 142 ? 8.075   -4.166  -1.225  1.00 32.10 ? 162 MET A CE  1 
ATOM   1091 N N   . LEU A 1 143 ? 11.360  -1.908  -5.106  1.00 14.34 ? 163 LEU A N   1 
ATOM   1092 C CA  . LEU A 1 143 ? 12.540  -2.484  -5.740  1.00 18.48 ? 163 LEU A CA  1 
ATOM   1093 C C   . LEU A 1 143 ? 13.740  -1.551  -5.650  1.00 18.17 ? 163 LEU A C   1 
ATOM   1094 O O   . LEU A 1 143 ? 14.854  -2.000  -5.346  1.00 30.86 ? 163 LEU A O   1 
ATOM   1095 C CB  . LEU A 1 143 ? 12.221  -2.810  -7.200  1.00 23.06 ? 163 LEU A CB  1 
ATOM   1096 C CG  . LEU A 1 143 ? 13.181  -3.637  -8.042  1.00 35.71 ? 163 LEU A CG  1 
ATOM   1097 C CD1 . LEU A 1 143 ? 13.581  -4.911  -7.305  1.00 27.31 ? 163 LEU A CD1 1 
ATOM   1098 C CD2 . LEU A 1 143 ? 12.496  -3.971  -9.346  1.00 33.41 ? 163 LEU A CD2 1 
ATOM   1099 N N   . HIS A 1 144 ? 13.542  -0.258  -5.886  1.00 15.95 ? 164 HIS A N   1 
ATOM   1100 C CA  . HIS A 1 144 ? 14.662  0.661   -6.013  1.00 17.54 ? 164 HIS A CA  1 
ATOM   1101 C C   . HIS A 1 144 ? 15.028  1.352   -4.713  1.00 20.39 ? 164 HIS A C   1 
ATOM   1102 O O   . HIS A 1 144 ? 16.088  1.992   -4.653  1.00 23.55 ? 164 HIS A O   1 
ATOM   1103 C CB  . HIS A 1 144 ? 14.374  1.685   -7.113  1.00 23.26 ? 164 HIS A CB  1 
ATOM   1104 C CG  . HIS A 1 144 ? 14.394  1.090   -8.485  1.00 21.57 ? 164 HIS A CG  1 
ATOM   1105 N ND1 . HIS A 1 144 ? 13.288  1.068   -9.306  1.00 34.49 ? 164 HIS A ND1 1 
ATOM   1106 C CD2 . HIS A 1 144 ? 15.389  0.477   -9.172  1.00 31.71 ? 164 HIS A CD2 1 
ATOM   1107 C CE1 . HIS A 1 144 ? 13.602  0.474   -10.442 1.00 30.46 ? 164 HIS A CE1 1 
ATOM   1108 N NE2 . HIS A 1 144 ? 14.870  0.109   -10.390 1.00 35.70 ? 164 HIS A NE2 1 
ATOM   1109 N N   . HIS A 1 145 ? 14.185  1.244   -3.683  1.00 14.67 ? 165 HIS A N   1 
ATOM   1110 C CA  . HIS A 1 145 ? 14.424  1.896   -2.403  1.00 14.63 ? 165 HIS A CA  1 
ATOM   1111 C C   . HIS A 1 145 ? 14.650  0.906   -1.273  1.00 16.20 ? 165 HIS A C   1 
ATOM   1112 O O   . HIS A 1 145 ? 14.400  1.227   -0.106  1.00 17.73 ? 165 HIS A O   1 
ATOM   1113 C CB  . HIS A 1 145 ? 13.295  2.870   -2.056  1.00 18.32 ? 165 HIS A CB  1 
ATOM   1114 C CG  . HIS A 1 145 ? 13.208  4.032   -2.990  1.00 22.05 ? 165 HIS A CG  1 
ATOM   1115 N ND1 . HIS A 1 145 ? 13.553  5.309   -2.611  1.00 28.43 ? 165 HIS A ND1 1 
ATOM   1116 C CD2 . HIS A 1 145 ? 12.827  4.108   -4.289  1.00 22.63 ? 165 HIS A CD2 1 
ATOM   1117 C CE1 . HIS A 1 145 ? 13.376  6.129   -3.634  1.00 30.38 ? 165 HIS A CE1 1 
ATOM   1118 N NE2 . HIS A 1 145 ? 12.937  5.425   -4.663  1.00 28.92 ? 165 HIS A NE2 1 
ATOM   1119 N N   . CYS A 1 146 ? 15.092  -0.292  -1.605  1.00 14.64 ? 166 CYS A N   1 
ATOM   1120 C CA  . CYS A 1 146 ? 15.622  -1.275  -0.665  1.00 12.84 ? 166 CYS A CA  1 
ATOM   1121 C C   . CYS A 1 146 ? 14.554  -1.962  0.176   1.00 13.02 ? 166 CYS A C   1 
ATOM   1122 O O   . CYS A 1 146 ? 14.900  -2.715  1.092   1.00 15.44 ? 166 CYS A O   1 
ATOM   1123 C CB  . CYS A 1 146 ? 16.699  -0.682  0.256   1.00 15.27 ? 166 CYS A CB  1 
ATOM   1124 S SG  . CYS A 1 146 ? 18.078  0.101   -0.657  1.00 20.89 ? 166 CYS A SG  1 
ATOM   1125 N N   . ILE A 1 147 ? 13.274  -1.751  -0.128  1.00 13.00 ? 167 ILE A N   1 
ATOM   1126 C CA  . ILE A 1 147 ? 12.225  -2.437  0.609   1.00 12.94 ? 167 ILE A CA  1 
ATOM   1127 C C   . ILE A 1 147 ? 12.136  -3.892  0.184   1.00 12.08 ? 167 ILE A C   1 
ATOM   1128 O O   . ILE A 1 147 ? 11.928  -4.784  1.022   1.00 14.25 ? 167 ILE A O   1 
ATOM   1129 C CB  . ILE A 1 147 ? 10.873  -1.735  0.425   1.00 12.72 ? 167 ILE A CB  1 
ATOM   1130 C CG1 . ILE A 1 147 ? 11.008  -0.201  0.446   1.00 18.44 ? 167 ILE A CG1 1 
ATOM   1131 C CG2 . ILE A 1 147 ? 9.862   -2.326  1.437   1.00 17.60 ? 167 ILE A CG2 1 
ATOM   1132 C CD1 . ILE A 1 147 ? 11.598  0.378   1.718   1.00 18.25 ? 167 ILE A CD1 1 
ATOM   1133 N N   . ALA A 1 148 ? 12.238  -4.157  -1.126  1.00 13.24 ? 168 ALA A N   1 
ATOM   1134 C CA  . ALA A 1 148 ? 12.204  -5.539  -1.589  1.00 11.29 ? 168 ALA A CA  1 
ATOM   1135 C C   . ALA A 1 148 ? 13.368  -6.320  -1.001  1.00 11.57 ? 168 ALA A C   1 
ATOM   1136 O O   . ALA A 1 148 ? 13.218  -7.483  -0.626  1.00 13.88 ? 168 ALA A O   1 
ATOM   1137 C CB  . ALA A 1 148 ? 12.265  -5.583  -3.112  1.00 13.74 ? 168 ALA A CB  1 
ATOM   1138 N N   . ARG A 1 149 ? 14.538  -5.678  -0.921  1.00 14.08 ? 169 ARG A N   1 
ATOM   1139 C CA  . ARG A 1 149 ? 15.680  -6.308  -0.269  1.00 14.36 ? 169 ARG A CA  1 
ATOM   1140 C C   . ARG A 1 149 ? 15.393  -6.621  1.203   1.00 14.10 ? 169 ARG A C   1 
ATOM   1141 O O   . ARG A 1 149 ? 15.681  -7.727  1.676   1.00 13.97 ? 169 ARG A O   1 
ATOM   1142 C CB  . ARG A 1 149 ? 16.917  -5.423  -0.415  1.00 15.76 ? 169 ARG A CB  1 
ATOM   1143 C CG  . ARG A 1 149 ? 18.087  -6.051  0.300   1.00 19.26 ? 169 ARG A CG  1 
ATOM   1144 C CD  . ARG A 1 149 ? 19.385  -5.252  0.247   1.00 25.88 ? 169 ARG A CD  1 
ATOM   1145 N NE  . ARG A 1 149 ? 20.297  -5.896  1.191   1.00 27.87 ? 169 ARG A NE  1 
ATOM   1146 C CZ  . ARG A 1 149 ? 21.124  -6.900  0.894   1.00 24.65 ? 169 ARG A CZ  1 
ATOM   1147 N NH1 . ARG A 1 149 ? 21.233  -7.357  -0.344  1.00 31.18 ? 169 ARG A NH1 1 
ATOM   1148 N NH2 . ARG A 1 149 ? 21.868  -7.435  1.856   1.00 22.77 ? 169 ARG A NH2 1 
ATOM   1149 N N   . TRP A 1 150 ? 14.813  -5.662  1.947   1.00 12.79 ? 170 TRP A N   1 
ATOM   1150 C CA  . TRP A 1 150 ? 14.473  -5.906  3.344   1.00 12.73 ? 170 TRP A CA  1 
ATOM   1151 C C   . TRP A 1 150 ? 13.522  -7.086  3.478   1.00 12.81 ? 170 TRP A C   1 
ATOM   1152 O O   . TRP A 1 150 ? 13.694  -7.948  4.348   1.00 13.53 ? 170 TRP A O   1 
ATOM   1153 C CB  . TRP A 1 150 ? 13.831  -4.637  3.906   1.00 13.63 ? 170 TRP A CB  1 
ATOM   1154 C CG  . TRP A 1 150 ? 13.554  -4.640  5.387   1.00 14.61 ? 170 TRP A CG  1 
ATOM   1155 C CD1 . TRP A 1 150 ? 14.387  -4.185  6.374   1.00 17.99 ? 170 TRP A CD1 1 
ATOM   1156 C CD2 . TRP A 1 150 ? 12.358  -5.067  6.041   1.00 13.29 ? 170 TRP A CD2 1 
ATOM   1157 N NE1 . TRP A 1 150 ? 13.792  -4.324  7.592   1.00 18.28 ? 170 TRP A NE1 1 
ATOM   1158 C CE2 . TRP A 1 150 ? 12.543  -4.866  7.423   1.00 16.57 ? 170 TRP A CE2 1 
ATOM   1159 C CE3 . TRP A 1 150 ? 11.154  -5.599  5.595   1.00 16.13 ? 170 TRP A CE3 1 
ATOM   1160 C CZ2 . TRP A 1 150 ? 11.553  -5.165  8.360   1.00 17.96 ? 170 TRP A CZ2 1 
ATOM   1161 C CZ3 . TRP A 1 150 ? 10.178  -5.908  6.515   1.00 16.74 ? 170 TRP A CZ3 1 
ATOM   1162 C CH2 . TRP A 1 150 ? 10.384  -5.697  7.894   1.00 16.97 ? 170 TRP A CH2 1 
ATOM   1163 N N   . ILE A 1 151 ? 12.507  -7.137  2.623   1.00 11.02 ? 171 ILE A N   1 
ATOM   1164 C CA  . ILE A 1 151 ? 11.565  -8.251  2.675   1.00 12.31 ? 171 ILE A CA  1 
ATOM   1165 C C   . ILE A 1 151 ? 12.260  -9.566  2.337   1.00 12.77 ? 171 ILE A C   1 
ATOM   1166 O O   . ILE A 1 151 ? 12.042  -10.582 3.007   1.00 15.06 ? 171 ILE A O   1 
ATOM   1167 C CB  . ILE A 1 151 ? 10.366  -7.963  1.753   1.00 12.70 ? 171 ILE A CB  1 
ATOM   1168 C CG1 . ILE A 1 151 ? 9.508   -6.837  2.344   1.00 12.32 ? 171 ILE A CG1 1 
ATOM   1169 C CG2 . ILE A 1 151 ? 9.529   -9.233  1.549   1.00 12.70 ? 171 ILE A CG2 1 
ATOM   1170 C CD1 . ILE A 1 151 ? 8.436   -6.338  1.365   1.00 13.80 ? 171 ILE A CD1 1 
ATOM   1171 N N   . ALA A 1 152 ? 13.082  -9.574  1.281   1.00 14.04 ? 172 ALA A N   1 
ATOM   1172 C CA  . ALA A 1 152 ? 13.845  -10.777 0.934   1.00 15.19 ? 172 ALA A CA  1 
ATOM   1173 C C   . ALA A 1 152 ? 14.699  -11.267 2.102   1.00 17.51 ? 172 ALA A C   1 
ATOM   1174 O O   . ALA A 1 152 ? 14.768  -12.476 2.368   1.00 22.22 ? 172 ALA A O   1 
ATOM   1175 C CB  . ALA A 1 152 ? 14.703  -10.498 -0.296  1.00 17.00 ? 172 ALA A CB  1 
ATOM   1176 N N   . GLN A 1 153 ? 15.343  -10.349 2.829   1.00 17.56 ? 173 GLN A N   1 
ATOM   1177 C CA  . GLN A 1 153 ? 16.175  -10.767 3.945   1.00 21.64 ? 173 GLN A CA  1 
ATOM   1178 C C   . GLN A 1 153 ? 15.364  -11.388 5.079   1.00 22.89 ? 173 GLN A C   1 
ATOM   1179 O O   . GLN A 1 153 ? 15.938  -12.069 5.936   1.00 29.69 ? 173 GLN A O   1 
ATOM   1180 C CB  . GLN A 1 153 ? 17.009  -9.578  4.447   1.00 20.66 ? 173 GLN A CB  1 
ATOM   1181 C CG  . GLN A 1 153 ? 17.973  -8.989  3.415   1.00 25.06 ? 173 GLN A CG  1 
ATOM   1182 C CD  . GLN A 1 153 ? 19.079  -9.948  3.013   1.00 23.60 ? 173 GLN A CD  1 
ATOM   1183 O OE1 . GLN A 1 153 ? 19.418  -10.095 1.823   1.00 35.00 ? 173 GLN A OE1 1 
ATOM   1184 N NE2 . GLN A 1 153 ? 19.651  -10.600 3.992   1.00 23.16 ? 173 GLN A NE2 1 
ATOM   1185 N N   . ARG A 1 154 ? 14.053  -11.165 5.124   1.00 19.72 ? 174 ARG A N   1 
ATOM   1186 C CA  . ARG A 1 154 ? 13.191  -11.763 6.130   1.00 21.32 ? 174 ARG A CA  1 
ATOM   1187 C C   . ARG A 1 154 ? 12.489  -13.003 5.620   1.00 16.75 ? 174 ARG A C   1 
ATOM   1188 O O   . ARG A 1 154 ? 11.611  -13.525 6.306   1.00 25.26 ? 174 ARG A O   1 
ATOM   1189 C CB  . ARG A 1 154 ? 12.191  -10.747 6.659   1.00 24.40 ? 174 ARG A CB  1 
ATOM   1190 C CG  . ARG A 1 154 ? 12.776  -9.937  7.779   1.00 35.74 ? 174 ARG A CG  1 
ATOM   1191 C CD  . ARG A 1 154 ? 12.594  -8.467  7.575   1.00 29.84 ? 174 ARG A CD  1 
ATOM   1192 N NE  . ARG A 1 154 ? 13.507  -7.744  8.455   1.00 24.12 ? 174 ARG A NE  1 
ATOM   1193 C CZ  . ARG A 1 154 ? 14.690  -7.261  8.093   1.00 21.48 ? 174 ARG A CZ  1 
ATOM   1194 N NH1 . ARG A 1 154 ? 15.112  -7.366  6.849   1.00 21.99 ? 174 ARG A NH1 1 
ATOM   1195 N NH2 . ARG A 1 154 ? 15.442  -6.627  8.986   1.00 28.87 ? 174 ARG A NH2 1 
ATOM   1196 N N   . GLY A 1 155 ? 12.855  -13.477 4.444   1.00 20.70 ? 175 GLY A N   1 
ATOM   1197 C CA  . GLY A 1 155 ? 12.291  -14.685 3.901   1.00 24.16 ? 175 GLY A CA  1 
ATOM   1198 C C   . GLY A 1 155 ? 11.199  -14.484 2.888   1.00 25.76 ? 175 GLY A C   1 
ATOM   1199 O O   . GLY A 1 155 ? 10.564  -15.462 2.491   1.00 23.97 ? 175 GLY A O   1 
ATOM   1200 N N   . GLY A 1 156 ? 10.971  -13.258 2.435   1.00 18.10 ? 176 GLY A N   1 
ATOM   1201 C CA  . GLY A 1 156 ? 9.948   -13.006 1.443   1.00 16.86 ? 176 GLY A CA  1 
ATOM   1202 C C   . GLY A 1 156 ? 8.643   -12.574 2.089   1.00 13.26 ? 176 GLY A C   1 
ATOM   1203 O O   . GLY A 1 156 ? 8.487   -12.529 3.308   1.00 15.12 ? 176 GLY A O   1 
ATOM   1204 N N   . TRP A 1 157 ? 7.683   -12.285 1.219   1.00 13.83 ? 177 TRP A N   1 
ATOM   1205 C CA  . TRP A 1 157 ? 6.377   -11.861 1.695   1.00 12.64 ? 177 TRP A CA  1 
ATOM   1206 C C   . TRP A 1 157 ? 5.668   -12.926 2.540   1.00 14.69 ? 177 TRP A C   1 
ATOM   1207 O O   . TRP A 1 157 ? 4.819   -12.572 3.358   1.00 14.29 ? 177 TRP A O   1 
ATOM   1208 C CB  . TRP A 1 157 ? 5.526   -11.512 0.478   1.00 13.80 ? 177 TRP A CB  1 
ATOM   1209 C CG  . TRP A 1 157 ? 5.668   -10.135 -0.040  1.00 11.92 ? 177 TRP A CG  1 
ATOM   1210 C CD1 . TRP A 1 157 ? 6.273   -9.754  -1.203  1.00 13.57 ? 177 TRP A CD1 1 
ATOM   1211 C CD2 . TRP A 1 157 ? 5.156   -8.938  0.548   1.00 12.33 ? 177 TRP A CD2 1 
ATOM   1212 N NE1 . TRP A 1 157 ? 6.195   -8.406  -1.358  1.00 13.74 ? 177 TRP A NE1 1 
ATOM   1213 C CE2 . TRP A 1 157 ? 5.490   -7.877  -0.321  1.00 13.32 ? 177 TRP A CE2 1 
ATOM   1214 C CE3 . TRP A 1 157 ? 4.416   -8.664  1.703   1.00 13.60 ? 177 TRP A CE3 1 
ATOM   1215 C CZ2 . TRP A 1 157 ? 5.142   -6.548  -0.053  1.00 15.02 ? 177 TRP A CZ2 1 
ATOM   1216 C CZ3 . TRP A 1 157 ? 4.073   -7.329  1.963   1.00 13.60 ? 177 TRP A CZ3 1 
ATOM   1217 C CH2 . TRP A 1 157 ? 4.425   -6.307  1.067   1.00 13.27 ? 177 TRP A CH2 1 
ATOM   1218 N N   . VAL A 1 158 ? 6.000   -14.218 2.393   1.00 13.35 ? 178 VAL A N   1 
ATOM   1219 C CA  . VAL A 1 158 ? 5.341   -15.210 3.255   1.00 15.74 ? 178 VAL A CA  1 
ATOM   1220 C C   . VAL A 1 158 ? 5.619   -14.963 4.722   1.00 14.05 ? 178 VAL A C   1 
ATOM   1221 O O   . VAL A 1 158 ? 4.851   -15.404 5.580   1.00 17.58 ? 178 VAL A O   1 
ATOM   1222 C CB  . VAL A 1 158 ? 5.674   -16.662 2.864   1.00 17.21 ? 178 VAL A CB  1 
ATOM   1223 C CG1 . VAL A 1 158 ? 5.280   -16.903 1.445   1.00 25.63 ? 178 VAL A CG1 1 
ATOM   1224 C CG2 . VAL A 1 158 ? 7.136   -16.978 3.133   1.00 18.38 ? 178 VAL A CG2 1 
ATOM   1225 N N   . ALA A 1 159 ? 6.699   -14.244 5.046   1.00 13.71 ? 179 ALA A N   1 
ATOM   1226 C CA  . ALA A 1 159 ? 6.939   -13.895 6.434   1.00 14.95 ? 179 ALA A CA  1 
ATOM   1227 C C   . ALA A 1 159 ? 5.816   -13.039 7.015   1.00 15.87 ? 179 ALA A C   1 
ATOM   1228 O O   . ALA A 1 159 ? 5.603   -13.066 8.230   1.00 18.98 ? 179 ALA A O   1 
ATOM   1229 C CB  . ALA A 1 159 ? 8.267   -13.149 6.541   1.00 16.95 ? 179 ALA A CB  1 
ATOM   1230 N N   . ALA A 1 160 ? 5.057   -12.342 6.170   1.00 14.48 ? 180 ALA A N   1 
ATOM   1231 C CA  . ALA A 1 160 ? 3.951   -11.522 6.635   1.00 18.42 ? 180 ALA A CA  1 
ATOM   1232 C C   . ALA A 1 160 ? 2.782   -12.341 7.161   1.00 22.31 ? 180 ALA A C   1 
ATOM   1233 O O   . ALA A 1 160 ? 1.900   -11.774 7.822   1.00 21.09 ? 180 ALA A O   1 
ATOM   1234 C CB  . ALA A 1 160 ? 3.481   -10.563 5.529   1.00 18.46 ? 180 ALA A CB  1 
ATOM   1235 N N   . LEU A 1 161 ? 2.745   -13.643 6.894   1.00 19.45 ? 181 LEU A N   1 
ATOM   1236 C CA  . LEU A 1 161 ? 1.662   -14.465 7.404   1.00 21.18 ? 181 LEU A CA  1 
ATOM   1237 C C   . LEU A 1 161 ? 1.796   -14.721 8.895   1.00 23.78 ? 181 LEU A C   1 
ATOM   1238 O O   . LEU A 1 161 ? 0.820   -15.131 9.532   1.00 31.59 ? 181 LEU A O   1 
ATOM   1239 C CB  . LEU A 1 161 ? 1.642   -15.797 6.658   1.00 21.25 ? 181 LEU A CB  1 
ATOM   1240 C CG  . LEU A 1 161 ? 1.296   -15.669 5.178   1.00 22.74 ? 181 LEU A CG  1 
ATOM   1241 C CD1 . LEU A 1 161 ? 1.468   -17.013 4.512   1.00 25.10 ? 181 LEU A CD1 1 
ATOM   1242 C CD2 . LEU A 1 161 ? -0.116  -15.143 5.010   1.00 23.34 ? 181 LEU A CD2 1 
ATOM   1243 N N   . ASN A 1 162 ? 2.978   -14.503 9.459   1.00 22.00 ? 182 ASN A N   1 
ATOM   1244 C CA  . ASN A 1 162 ? 3.184   -14.640 10.892  1.00 31.32 ? 182 ASN A CA  1 
ATOM   1245 C C   . ASN A 1 162 ? 2.729   -13.414 11.682  1.00 38.15 ? 182 ASN A C   1 
ATOM   1246 O O   . ASN A 1 162 ? 2.817   -13.435 12.910  1.00 35.62 ? 182 ASN A O   1 
ATOM   1247 C CB  . ASN A 1 162 ? 4.663   -14.939 11.172  1.00 40.54 ? 182 ASN A CB  1 
ATOM   1248 C CG  . ASN A 1 162 ? 4.858   -16.028 12.224  1.00 47.12 ? 182 ASN A CG  1 
ATOM   1249 O OD1 . ASN A 1 162 ? 4.031   -16.205 13.115  1.00 50.80 ? 182 ASN A OD1 1 
ATOM   1250 N ND2 . ASN A 1 162 ? 5.954   -16.771 12.110  1.00 49.93 ? 182 ASN A ND2 1 
ATOM   1251 N N   . LEU A 1 163 ? 2.224   -12.363 11.029  1.00 30.42 ? 183 LEU A N   1 
ATOM   1252 C CA  . LEU A 1 163 ? 1.894   -11.121 11.738  1.00 34.28 ? 183 LEU A CA  1 
ATOM   1253 C C   . LEU A 1 163 ? 0.446   -11.079 12.237  1.00 34.52 ? 183 LEU A C   1 
ATOM   1254 O O   . LEU A 1 163 ? -0.491  -11.337 11.474  1.00 29.53 ? 183 LEU A O   1 
ATOM   1255 C CB  . LEU A 1 163 ? 2.157   -9.907  10.847  1.00 25.07 ? 183 LEU A CB  1 
ATOM   1256 C CG  . LEU A 1 163 ? 3.539   -9.767  10.203  1.00 22.48 ? 183 LEU A CG  1 
ATOM   1257 C CD1 . LEU A 1 163 ? 3.443   -8.669  9.165   1.00 21.45 ? 183 LEU A CD1 1 
ATOM   1258 C CD2 . LEU A 1 163 ? 4.571   -9.422  11.262  1.00 34.62 ? 183 LEU A CD2 1 
ATOM   1259 N N   . GLU B 2 1   ? 4.923   21.751  0.182   1.00 42.71 ? 80  GLU B N   1 
ATOM   1260 C CA  . GLU B 2 1   ? 5.255   20.376  0.541   1.00 44.03 ? 80  GLU B CA  1 
ATOM   1261 C C   . GLU B 2 1   ? 4.793   20.077  1.959   1.00 43.08 ? 80  GLU B C   1 
ATOM   1262 O O   . GLU B 2 1   ? 5.151   19.045  2.540   1.00 31.12 ? 80  GLU B O   1 
ATOM   1263 C CB  . GLU B 2 1   ? 6.756   20.138  0.409   1.00 50.30 ? 80  GLU B CB  1 
ATOM   1264 C CG  . GLU B 2 1   ? 7.268   20.316  -1.003  1.00 52.69 ? 80  GLU B CG  1 
ATOM   1265 C CD  . GLU B 2 1   ? 7.863   19.041  -1.553  1.00 49.86 ? 80  GLU B CD  1 
ATOM   1266 O OE1 . GLU B 2 1   ? 8.388   18.242  -0.749  1.00 54.60 ? 80  GLU B OE1 1 
ATOM   1267 O OE2 . GLU B 2 1   ? 7.801   18.837  -2.785  1.00 53.61 ? 80  GLU B OE2 1 
ATOM   1268 N N   . ASP B 2 2   ? 4.003   21.006  2.504   1.00 46.25 ? 81  ASP B N   1 
ATOM   1269 C CA  . ASP B 2 2   ? 3.433   20.830  3.836   1.00 49.43 ? 81  ASP B CA  1 
ATOM   1270 C C   . ASP B 2 2   ? 2.526   19.611  3.874   1.00 36.07 ? 81  ASP B C   1 
ATOM   1271 O O   . ASP B 2 2   ? 2.581   18.804  4.812   1.00 26.54 ? 81  ASP B O   1 
ATOM   1272 C CB  . ASP B 2 2   ? 2.630   22.076  4.211   1.00 49.58 ? 81  ASP B CB  1 
ATOM   1273 C CG  . ASP B 2 2   ? 3.453   23.103  4.954   1.00 63.68 ? 81  ASP B CG  1 
ATOM   1274 O OD1 . ASP B 2 2   ? 4.559   22.757  5.421   1.00 67.59 ? 81  ASP B OD1 1 
ATOM   1275 O OD2 . ASP B 2 2   ? 2.984   24.257  5.075   1.00 70.57 ? 81  ASP B OD2 1 
ATOM   1276 N N   . ILE B 2 3   ? 1.667   19.473  2.865   1.00 30.88 ? 82  ILE B N   1 
ATOM   1277 C CA  . ILE B 2 3   ? 0.748   18.343  2.821   1.00 30.15 ? 82  ILE B CA  1 
ATOM   1278 C C   . ILE B 2 3   ? 1.514   17.031  2.652   1.00 26.08 ? 82  ILE B C   1 
ATOM   1279 O O   . ILE B 2 3   ? 1.197   16.028  3.304   1.00 22.74 ? 82  ILE B O   1 
ATOM   1280 C CB  . ILE B 2 3   ? -0.327  18.575  1.738   1.00 26.91 ? 82  ILE B CB  1 
ATOM   1281 C CG1 . ILE B 2 3   ? -1.327  17.410  1.688   1.00 25.14 ? 82  ILE B CG1 1 
ATOM   1282 C CG2 . ILE B 2 3   ? 0.318   18.889  0.374   1.00 41.02 ? 82  ILE B CG2 1 
ATOM   1283 C CD1 . ILE B 2 3   ? -2.221  17.313  2.919   1.00 34.61 ? 82  ILE B CD1 1 
ATOM   1284 N N   . ILE B 2 4   ? 2.540   17.022  1.790   1.00 22.84 ? 83  ILE B N   1 
ATOM   1285 C CA  . ILE B 2 4   ? 3.377   15.834  1.614   1.00 21.53 ? 83  ILE B CA  1 
ATOM   1286 C C   . ILE B 2 4   ? 3.992   15.413  2.943   1.00 22.68 ? 83  ILE B C   1 
ATOM   1287 O O   . ILE B 2 4   ? 3.968   14.234  3.317   1.00 22.64 ? 83  ILE B O   1 
ATOM   1288 C CB  . ILE B 2 4   ? 4.460   16.102  0.549   1.00 25.47 ? 83  ILE B CB  1 
ATOM   1289 C CG1 . ILE B 2 4   ? 3.829   16.181  -0.839  1.00 30.19 ? 83  ILE B CG1 1 
ATOM   1290 C CG2 . ILE B 2 4   ? 5.546   15.048  0.567   1.00 25.20 ? 83  ILE B CG2 1 
ATOM   1291 C CD1 . ILE B 2 4   ? 4.841   16.504  -1.940  1.00 33.91 ? 83  ILE B CD1 1 
ATOM   1292 N N   . ARG B 2 5   ? 4.557   16.379  3.676   1.00 24.21 ? 84  ARG B N   1 
ATOM   1293 C CA  . ARG B 2 5   ? 5.225   16.067  4.941   1.00 28.47 ? 84  ARG B CA  1 
ATOM   1294 C C   . ARG B 2 5   ? 4.235   15.478  5.950   1.00 22.51 ? 84  ARG B C   1 
ATOM   1295 O O   . ARG B 2 5   ? 4.530   14.487  6.632   1.00 22.86 ? 84  ARG B O   1 
ATOM   1296 C CB  . ARG B 2 5   ? 5.889   17.336  5.494   1.00 22.61 ? 84  ARG B CB  1 
ATOM   1297 C CG  . ARG B 2 5   ? 6.277   17.245  6.964   1.00 40.20 ? 84  ARG B CG  1 
ATOM   1298 C CD  . ARG B 2 5   ? 6.974   18.514  7.447   1.00 46.62 ? 84  ARG B CD  1 
ATOM   1299 N NE  . ARG B 2 5   ? 6.078   19.675  7.462   1.00 58.12 ? 84  ARG B NE  1 
ATOM   1300 C CZ  . ARG B 2 5   ? 4.983   19.805  8.210   1.00 55.98 ? 84  ARG B CZ  1 
ATOM   1301 N NH1 . ARG B 2 5   ? 4.618   18.855  9.046   1.00 51.88 ? 84  ARG B NH1 1 
ATOM   1302 N NH2 . ARG B 2 5   ? 4.249   20.910  8.130   1.00 61.80 ? 84  ARG B NH2 1 
ATOM   1303 N N   . ASN B 2 6   ? 3.029   16.032  5.993   1.00 20.55 ? 85  ASN B N   1 
ATOM   1304 C CA  . ASN B 2 6   ? 2.004   15.582  6.927   1.00 22.57 ? 85  ASN B CA  1 
ATOM   1305 C C   . ASN B 2 6   ? 1.509   14.188  6.598   1.00 24.16 ? 85  ASN B C   1 
ATOM   1306 O O   . ASN B 2 6   ? 1.324   13.375  7.503   1.00 20.91 ? 85  ASN B O   1 
ATOM   1307 C CB  . ASN B 2 6   ? 0.859   16.599  6.975   1.00 27.76 ? 85  ASN B CB  1 
ATOM   1308 C CG  . ASN B 2 6   ? 1.279   17.889  7.641   1.00 33.39 ? 85  ASN B CG  1 
ATOM   1309 O OD1 . ASN B 2 6   ? 2.308   17.941  8.325   1.00 43.01 ? 85  ASN B OD1 1 
ATOM   1310 N ND2 . ASN B 2 6   ? 0.497   18.935  7.445   1.00 41.92 ? 85  ASN B ND2 1 
ATOM   1311 N N   . ILE B 2 7   ? 1.279   13.882  5.317   1.00 17.14 ? 86  ILE B N   1 
ATOM   1312 C CA  . ILE B 2 7   ? 0.835   12.535  4.970   1.00 15.18 ? 86  ILE B CA  1 
ATOM   1313 C C   . ILE B 2 7   ? 1.911   11.525  5.328   1.00 16.34 ? 86  ILE B C   1 
ATOM   1314 O O   . ILE B 2 7   ? 1.628   10.481  5.922   1.00 17.64 ? 86  ILE B O   1 
ATOM   1315 C CB  . ILE B 2 7   ? 0.433   12.461  3.484   1.00 15.94 ? 86  ILE B CB  1 
ATOM   1316 C CG1 . ILE B 2 7   ? -0.878  13.212  3.254   1.00 16.15 ? 86  ILE B CG1 1 
ATOM   1317 C CG2 . ILE B 2 7   ? 0.266   10.985  3.010   1.00 18.62 ? 86  ILE B CG2 1 
ATOM   1318 C CD1 . ILE B 2 7   ? -1.135  13.480  1.754   1.00 20.16 ? 86  ILE B CD1 1 
ATOM   1319 N N   . ALA B 2 8   ? 3.166   11.840  4.987   1.00 16.07 ? 87  ALA B N   1 
ATOM   1320 C CA  . ALA B 2 8   ? 4.277   10.940  5.287   1.00 20.94 ? 87  ALA B CA  1 
ATOM   1321 C C   . ALA B 2 8   ? 4.425   10.730  6.787   1.00 21.05 ? 87  ALA B C   1 
ATOM   1322 O O   . ALA B 2 8   ? 4.701   9.616   7.246   1.00 18.51 ? 87  ALA B O   1 
ATOM   1323 C CB  . ALA B 2 8   ? 5.570   11.528  4.721   1.00 20.22 ? 87  ALA B CB  1 
ATOM   1324 N N   . ARG B 2 9   ? 4.267   11.793  7.569   1.00 21.51 ? 88  ARG B N   1 
ATOM   1325 C CA  . ARG B 2 9   ? 4.365   11.622  9.019   1.00 20.08 ? 88  ARG B CA  1 
ATOM   1326 C C   . ARG B 2 9   ? 3.238   10.752  9.558   1.00 19.04 ? 88  ARG B C   1 
ATOM   1327 O O   . ARG B 2 9   ? 3.473   9.889   10.420  1.00 17.47 ? 88  ARG B O   1 
ATOM   1328 C CB  . ARG B 2 9   ? 4.390   12.980  9.725   1.00 21.73 ? 88  ARG B CB  1 
ATOM   1329 C CG  . ARG B 2 9   ? 4.832   12.857  11.195  1.00 27.26 ? 88  ARG B CG  1 
ATOM   1330 C CD  . ARG B 2 9   ? 4.894   14.201  11.902  1.00 32.61 ? 88  ARG B CD  1 
ATOM   1331 N NE  . ARG B 2 9   ? 3.642   14.913  11.701  1.00 32.07 ? 88  ARG B NE  1 
ATOM   1332 C CZ  . ARG B 2 9   ? 3.520   15.999  10.955  1.00 26.65 ? 88  ARG B CZ  1 
ATOM   1333 N NH1 . ARG B 2 9   ? 4.578   16.495  10.349  1.00 33.36 ? 88  ARG B NH1 1 
ATOM   1334 N NH2 . ARG B 2 9   ? 2.341   16.574  10.796  1.00 36.24 ? 88  ARG B NH2 1 
ATOM   1335 N N   . HIS B 2 10  ? 2.010   10.968  9.072   1.00 17.98 ? 89  HIS B N   1 
ATOM   1336 C CA  . HIS B 2 10  ? 0.886   10.116  9.455   1.00 18.96 ? 89  HIS B CA  1 
ATOM   1337 C C   . HIS B 2 10  ? 1.156   8.659   9.093   1.00 17.41 ? 89  HIS B C   1 
ATOM   1338 O O   . HIS B 2 10  ? 0.906   7.753   9.890   1.00 15.99 ? 89  HIS B O   1 
ATOM   1339 C CB  . HIS B 2 10  ? -0.405  10.587  8.772   1.00 18.65 ? 89  HIS B CB  1 
ATOM   1340 C CG  . HIS B 2 10  ? -1.156  11.623  9.540   1.00 24.81 ? 89  HIS B CG  1 
ATOM   1341 N ND1 . HIS B 2 10  ? -0.843  12.966  9.480   1.00 27.94 ? 89  HIS B ND1 1 
ATOM   1342 C CD2 . HIS B 2 10  ? -2.218  11.518  10.367  1.00 26.86 ? 89  HIS B CD2 1 
ATOM   1343 C CE1 . HIS B 2 10  ? -1.679  13.641  10.251  1.00 30.89 ? 89  HIS B CE1 1 
ATOM   1344 N NE2 . HIS B 2 10  ? -2.521  12.786  10.804  1.00 33.56 ? 89  HIS B NE2 1 
ATOM   1345 N N   . LEU B 2 11  ? 1.659   8.413   7.870   1.00 16.28 ? 90  LEU B N   1 
ATOM   1346 C CA  . LEU B 2 11  ? 1.906   7.042   7.442   1.00 14.30 ? 90  LEU B CA  1 
ATOM   1347 C C   . LEU B 2 11  ? 2.952   6.365   8.311   1.00 13.30 ? 90  LEU B C   1 
ATOM   1348 O O   . LEU B 2 11  ? 2.794   5.200   8.662   1.00 15.03 ? 90  LEU B O   1 
ATOM   1349 C CB  . LEU B 2 11  ? 2.327   7.002   5.971   1.00 15.90 ? 90  LEU B CB  1 
ATOM   1350 C CG  . LEU B 2 11  ? 1.211   7.249   4.956   1.00 15.64 ? 90  LEU B CG  1 
ATOM   1351 C CD1 . LEU B 2 11  ? 1.829   7.438   3.575   1.00 16.84 ? 90  LEU B CD1 1 
ATOM   1352 C CD2 . LEU B 2 11  ? 0.202   6.106   4.946   1.00 18.00 ? 90  LEU B CD2 1 
ATOM   1353 N N   . ALA B 2 12  ? 4.010   7.083   8.685   1.00 15.67 ? 91  ALA B N   1 
ATOM   1354 C CA  . ALA B 2 12  ? 5.012   6.499   9.579   1.00 17.24 ? 91  ALA B CA  1 
ATOM   1355 C C   . ALA B 2 12  ? 4.442   6.218   10.966  1.00 18.72 ? 91  ALA B C   1 
ATOM   1356 O O   . ALA B 2 12  ? 4.727   5.165   11.556  1.00 18.14 ? 91  ALA B O   1 
ATOM   1357 C CB  . ALA B 2 12  ? 6.237   7.407   9.671   1.00 19.40 ? 91  ALA B CB  1 
ATOM   1358 N N   . GLN B 2 13  ? 3.636   7.147   11.500  1.00 17.81 ? 92  GLN B N   1 
ATOM   1359 C CA  . GLN B 2 13  ? 2.979   6.917   12.784  1.00 19.64 ? 92  GLN B CA  1 
ATOM   1360 C C   . GLN B 2 13  ? 2.030   5.726   12.726  1.00 20.83 ? 92  GLN B C   1 
ATOM   1361 O O   . GLN B 2 13  ? 2.072   4.852   13.597  1.00 18.52 ? 92  GLN B O   1 
ATOM   1362 C CB  . GLN B 2 13  ? 2.231   8.171   13.236  1.00 22.83 ? 92  GLN B CB  1 
ATOM   1363 C CG  . GLN B 2 13  ? 1.527   7.969   14.609  1.00 31.84 ? 92  GLN B CG  1 
ATOM   1364 C CD  . GLN B 2 13  ? 0.271   8.828   14.799  1.00 44.49 ? 92  GLN B CD  1 
ATOM   1365 O OE1 . GLN B 2 13  ? 0.344   10.060  14.787  1.00 41.98 ? 92  GLN B OE1 1 
ATOM   1366 N NE2 . GLN B 2 13  ? -0.882  8.175   14.997  1.00 35.35 ? 92  GLN B NE2 1 
ATOM   1367 N N   . TRP B 2 14  ? 1.142   5.684   11.716  1.00 16.22 ? 93  TRP B N   1 
ATOM   1368 C CA  . TRP B 2 14  ? 0.216   4.564   11.624  1.00 16.94 ? 93  TRP B CA  1 
ATOM   1369 C C   . TRP B 2 14  ? 0.984   3.263   11.439  1.00 15.06 ? 93  TRP B C   1 
ATOM   1370 O O   . TRP B 2 14  ? 0.661   2.257   12.071  1.00 16.24 ? 93  TRP B O   1 
ATOM   1371 C CB  . TRP B 2 14  ? -0.792  4.767   10.478  1.00 21.32 ? 93  TRP B CB  1 
ATOM   1372 C CG  . TRP B 2 14  ? -1.687  5.985   10.633  1.00 20.15 ? 93  TRP B CG  1 
ATOM   1373 C CD1 . TRP B 2 14  ? -2.077  6.591   11.798  1.00 21.75 ? 93  TRP B CD1 1 
ATOM   1374 C CD2 . TRP B 2 14  ? -2.268  6.761   9.564   1.00 19.01 ? 93  TRP B CD2 1 
ATOM   1375 N NE1 . TRP B 2 14  ? -2.852  7.682   11.515  1.00 21.25 ? 93  TRP B NE1 1 
ATOM   1376 C CE2 . TRP B 2 14  ? -2.986  7.813   10.156  1.00 22.07 ? 93  TRP B CE2 1 
ATOM   1377 C CE3 . TRP B 2 14  ? -2.250  6.650   8.166   1.00 27.07 ? 93  TRP B CE3 1 
ATOM   1378 C CZ2 . TRP B 2 14  ? -3.696  8.752   9.401   1.00 27.71 ? 93  TRP B CZ2 1 
ATOM   1379 C CZ3 . TRP B 2 14  ? -2.938  7.588   7.414   1.00 20.41 ? 93  TRP B CZ3 1 
ATOM   1380 C CH2 . TRP B 2 14  ? -3.660  8.622   8.032   1.00 25.58 ? 93  TRP B CH2 1 
ATOM   1381 N N   . GLY B 2 15  ? 2.014   3.279   10.581  1.00 15.36 ? 94  GLY B N   1 
ATOM   1382 C CA  . GLY B 2 15  ? 2.851   2.102   10.397  1.00 16.06 ? 94  GLY B CA  1 
ATOM   1383 C C   . GLY B 2 15  ? 3.517   1.639   11.678  1.00 17.18 ? 94  GLY B C   1 
ATOM   1384 O O   . GLY B 2 15  ? 3.513   0.447   11.983  1.00 15.74 ? 94  GLY B O   1 
ATOM   1385 N N   . ASP B 2 16  ? 4.067   2.585   12.459  1.00 17.08 ? 95  ASP B N   1 
ATOM   1386 C CA  . ASP B 2 16  ? 4.718   2.213   13.713  1.00 16.16 ? 95  ASP B CA  1 
ATOM   1387 C C   . ASP B 2 16  ? 3.704   1.706   14.731  1.00 16.41 ? 95  ASP B C   1 
ATOM   1388 O O   . ASP B 2 16  ? 3.975   0.732   15.452  1.00 16.01 ? 95  ASP B O   1 
ATOM   1389 C CB  . ASP B 2 16  ? 5.529   3.372   14.267  1.00 17.29 ? 95  ASP B CB  1 
ATOM   1390 C CG  . ASP B 2 16  ? 6.792   3.629   13.483  1.00 18.10 ? 95  ASP B CG  1 
ATOM   1391 O OD1 . ASP B 2 16  ? 7.168   2.773   12.640  1.00 19.74 ? 95  ASP B OD1 1 
ATOM   1392 O OD2 . ASP B 2 16  ? 7.415   4.702   13.668  1.00 22.90 ? 95  ASP B OD2 1 
ATOM   1393 N N   . SER B 2 17  ? 2.509   2.305   14.764  1.00 17.50 ? 96  SER B N   1 
ATOM   1394 C CA  . SER B 2 17  ? 1.465   1.802   15.652  1.00 17.49 ? 96  SER B CA  1 
ATOM   1395 C C   . SER B 2 17  ? 1.082   0.375   15.302  1.00 19.01 ? 96  SER B C   1 
ATOM   1396 O O   . SER B 2 17  ? 0.940   -0.476  16.190  1.00 20.30 ? 96  SER B O   1 
ATOM   1397 C CB  . SER B 2 17  ? 0.233   2.705   15.603  1.00 18.74 ? 96  SER B CB  1 
ATOM   1398 O OG  . SER B 2 17  ? 0.535   4.002   16.121  1.00 27.12 ? 96  SER B OG  1 
ATOM   1399 N N   . MET B 2 18  ? 0.920   0.080   14.002  1.00 18.67 ? 97  MET B N   1 
ATOM   1400 C CA  . MET B 2 18  ? 0.607   -1.291  13.611  1.00 17.10 ? 97  MET B CA  1 
ATOM   1401 C C   . MET B 2 18  ? 1.739   -2.232  13.994  1.00 16.97 ? 97  MET B C   1 
ATOM   1402 O O   . MET B 2 18  ? 1.494   -3.323  14.510  1.00 20.88 ? 97  MET B O   1 
ATOM   1403 C CB  . MET B 2 18  ? 0.354   -1.340  12.099  1.00 17.23 ? 97  MET B CB  1 
ATOM   1404 C CG  . MET B 2 18  ? -0.953  -0.655  11.674  1.00 18.75 ? 97  MET B CG  1 
ATOM   1405 S SD  . MET B 2 18  ? -1.336  -0.892  9.913   1.00 23.16 ? 97  MET B SD  1 
ATOM   1406 C CE  . MET B 2 18  ? -0.248  0.295   9.104   1.00 21.15 ? 97  MET B CE  1 
ATOM   1407 N N   . ASP B 2 19  ? 2.985   -1.823  13.729  1.00 17.92 ? 98  ASP B N   1 
ATOM   1408 C CA  . ASP B 2 19  ? 4.136   -2.681  14.005  1.00 17.51 ? 98  ASP B CA  1 
ATOM   1409 C C   . ASP B 2 19  ? 4.210   -3.023  15.484  1.00 19.59 ? 98  ASP B C   1 
ATOM   1410 O O   . ASP B 2 19  ? 4.494   -4.170  15.845  1.00 22.05 ? 98  ASP B O   1 
ATOM   1411 C CB  . ASP B 2 19  ? 5.412   -1.980  13.565  1.00 17.43 ? 98  ASP B CB  1 
ATOM   1412 C CG  . ASP B 2 19  ? 6.574   -2.935  13.375  1.00 24.47 ? 98  ASP B CG  1 
ATOM   1413 O OD1 . ASP B 2 19  ? 6.507   -3.794  12.471  1.00 23.36 ? 98  ASP B OD1 1 
ATOM   1414 O OD2 . ASP B 2 19  ? 7.567   -2.798  14.126  1.00 25.32 ? 98  ASP B OD2 1 
ATOM   1415 N N   . ARG B 2 20  ? 3.946   -2.041  16.347  1.00 18.38 ? 99  ARG B N   1 
ATOM   1416 C CA  . ARG B 2 20  ? 3.961   -2.289  17.790  1.00 23.49 ? 99  ARG B CA  1 
ATOM   1417 C C   . ARG B 2 20  ? 2.829   -3.223  18.207  1.00 23.12 ? 99  ARG B C   1 
ATOM   1418 O O   . ARG B 2 20  ? 3.009   -4.069  19.094  1.00 31.22 ? 99  ARG B O   1 
ATOM   1419 C CB  . ARG B 2 20  ? 3.866   -0.962  18.542  1.00 21.45 ? 99  ARG B CB  1 
ATOM   1420 C CG  . ARG B 2 20  ? 5.146   -0.154  18.589  1.00 27.10 ? 99  ARG B CG  1 
ATOM   1421 C CD  . ARG B 2 20  ? 5.091   0.968   19.628  1.00 47.86 ? 99  ARG B CD  1 
ATOM   1422 N NE  . ARG B 2 20  ? 3.933   1.835   19.437  1.00 40.58 ? 99  ARG B NE  1 
ATOM   1423 C CZ  . ARG B 2 20  ? 3.912   2.898   18.636  1.00 31.99 ? 99  ARG B CZ  1 
ATOM   1424 N NH1 . ARG B 2 20  ? 4.991   3.245   17.947  1.00 34.18 ? 99  ARG B NH1 1 
ATOM   1425 N NH2 . ARG B 2 20  ? 2.804   3.610   18.531  1.00 28.76 ? 99  ARG B NH2 1 
ATOM   1426 N N   . SER B 2 21  ? 1.654   -3.084  17.595  1.00 20.50 ? 100 SER B N   1 
ATOM   1427 C CA  . SER B 2 21  ? 0.537   -3.971  17.911  1.00 25.76 ? 100 SER B CA  1 
ATOM   1428 C C   . SER B 2 21  ? 0.816   -5.419  17.512  1.00 29.73 ? 100 SER B C   1 
ATOM   1429 O O   . SER B 2 21  ? 0.256   -6.342  18.113  1.00 40.16 ? 100 SER B O   1 
ATOM   1430 C CB  . SER B 2 21  ? -0.738  -3.480  17.228  1.00 30.67 ? 100 SER B CB  1 
ATOM   1431 O OG  . SER B 2 21  ? -0.747  -3.862  15.856  1.00 39.54 ? 100 SER B OG  1 
ATOM   1432 N N   . TRP B 2 22  ? 1.657   -5.641  16.507  1.00 23.93 ? 101 TRP B N   1 
ATOM   1433 C CA  . TRP B 2 22  ? 1.936   -6.988  16.038  1.00 29.00 ? 101 TRP B CA  1 
ATOM   1434 C C   . TRP B 2 22  ? 3.089   -7.562  16.840  1.00 32.70 ? 101 TRP B C   1 
ATOM   1435 O O   . TRP B 2 22  ? 3.388   -8.747  16.734  1.00 42.42 ? 101 TRP B O   1 
ATOM   1436 C CB  . TRP B 2 22  ? 2.227   -6.993  14.522  1.00 26.81 ? 101 TRP B CB  1 
ATOM   1437 C CG  . TRP B 2 22  ? 1.066   -6.406  13.713  1.00 26.15 ? 101 TRP B CG  1 
ATOM   1438 C CD1 . TRP B 2 22  ? -0.253  -6.401  14.075  1.00 26.00 ? 101 TRP B CD1 1 
ATOM   1439 C CD2 . TRP B 2 22  ? 1.127   -5.755  12.429  1.00 22.51 ? 101 TRP B CD2 1 
ATOM   1440 N NE1 . TRP B 2 22  ? -1.017  -5.776  13.112  1.00 23.69 ? 101 TRP B NE1 1 
ATOM   1441 C CE2 . TRP B 2 22  ? -0.194  -5.374  12.089  1.00 21.09 ? 101 TRP B CE2 1 
ATOM   1442 C CE3 . TRP B 2 22  ? 2.167   -5.443  11.539  1.00 24.17 ? 101 TRP B CE3 1 
ATOM   1443 C CZ2 . TRP B 2 22  ? -0.497  -4.699  10.907  1.00 25.25 ? 101 TRP B CZ2 1 
ATOM   1444 C CZ3 . TRP B 2 22  ? 1.857   -4.775  10.367  1.00 22.39 ? 101 TRP B CZ3 1 
ATOM   1445 C CH2 . TRP B 2 22  ? 0.538   -4.414  10.055  1.00 22.54 ? 101 TRP B CH2 1 
HETATM 1446 O O   . HOH C 3 .   ? -3.634  10.165  12.924  1.00 27.28 ? 201 HOH A O   1 
HETATM 1447 O O   . HOH C 3 .   ? -0.919  -4.691  -12.373 1.00 34.86 ? 202 HOH A O   1 
HETATM 1448 O O   . HOH C 3 .   ? -10.358 7.315   21.364  1.00 36.60 ? 203 HOH A O   1 
HETATM 1449 O O   . HOH C 3 .   ? -6.510  4.539   5.804   1.00 32.98 ? 204 HOH A O   1 
HETATM 1450 O O   . HOH C 3 .   ? -9.617  11.360  -0.737  1.00 36.09 ? 205 HOH A O   1 
HETATM 1451 O O   . HOH C 3 .   ? -5.127  16.471  -14.328 1.00 29.78 ? 206 HOH A O   1 
HETATM 1452 O O   . HOH C 3 .   ? -12.213 6.327   19.453  1.00 31.99 ? 207 HOH A O   1 
HETATM 1453 O O   . HOH C 3 .   ? 8.393   -12.997 -1.604  1.00 19.84 ? 208 HOH A O   1 
HETATM 1454 O O   . HOH C 3 .   ? 15.073  -3.574  -2.824  1.00 15.63 ? 209 HOH A O   1 
HETATM 1455 O O   . HOH C 3 .   ? -18.137 4.060   -9.159  1.00 35.24 ? 210 HOH A O   1 
HETATM 1456 O O   . HOH C 3 .   ? 17.623  -5.523  8.466   1.00 39.53 ? 211 HOH A O   1 
HETATM 1457 O O   . HOH C 3 .   ? -2.969  1.853   -15.192 1.00 30.08 ? 212 HOH A O   1 
HETATM 1458 O O   . HOH C 3 .   ? -2.933  -17.990 5.154   1.00 37.99 ? 213 HOH A O   1 
HETATM 1459 O O   . HOH C 3 .   ? 6.469   -14.427 -10.160 1.00 23.40 ? 214 HOH A O   1 
HETATM 1460 O O   . HOH C 3 .   ? -3.382  -16.937 -1.979  1.00 27.27 ? 215 HOH A O   1 
HETATM 1461 O O   . HOH C 3 .   ? -3.384  3.932   -17.337 1.00 20.81 ? 216 HOH A O   1 
HETATM 1462 O O   . HOH C 3 .   ? 4.809   -13.545 -7.736  1.00 25.59 ? 217 HOH A O   1 
HETATM 1463 O O   . HOH C 3 .   ? 14.771  -6.936  -10.709 1.00 37.48 ? 218 HOH A O   1 
HETATM 1464 O O   . HOH C 3 .   ? -15.688 -4.648  6.650   1.00 38.26 ? 219 HOH A O   1 
HETATM 1465 O O   . HOH C 3 .   ? -8.598  -5.159  -9.105  1.00 24.47 ? 220 HOH A O   1 
HETATM 1466 O O   . HOH C 3 .   ? 1.721   -21.058 -3.098  1.00 31.96 ? 221 HOH A O   1 
HETATM 1467 O O   . HOH C 3 .   ? 13.348  -13.325 -2.876  1.00 29.97 ? 222 HOH A O   1 
HETATM 1468 O O   . HOH C 3 .   ? -8.024  14.871  11.994  1.00 22.61 ? 223 HOH A O   1 
HETATM 1469 O O   . HOH C 3 .   ? -9.030  2.030   -9.247  1.00 19.31 ? 224 HOH A O   1 
HETATM 1470 O O   . HOH C 3 .   ? 19.863  -10.160 6.559   1.00 30.53 ? 225 HOH A O   1 
HETATM 1471 O O   . HOH C 3 .   ? -8.165  4.458   -11.760 1.00 13.51 ? 226 HOH A O   1 
HETATM 1472 O O   . HOH C 3 .   ? 10.811  7.858   8.399   1.00 30.03 ? 227 HOH A O   1 
HETATM 1473 O O   . HOH C 3 .   ? 5.023   16.031  -11.061 1.00 28.62 ? 228 HOH A O   1 
HETATM 1474 O O   . HOH C 3 .   ? 14.440  5.895   -0.189  1.00 35.14 ? 229 HOH A O   1 
HETATM 1475 O O   . HOH C 3 .   ? 11.120  -13.312 8.901   1.00 36.27 ? 230 HOH A O   1 
HETATM 1476 O O   . HOH C 3 .   ? -6.730  -2.630  6.590   1.00 33.28 ? 231 HOH A O   1 
HETATM 1477 O O   . HOH C 3 .   ? 16.916  -1.088  -3.919  1.00 23.24 ? 232 HOH A O   1 
HETATM 1478 O O   . HOH C 3 .   ? 12.762  -3.022  11.582  1.00 33.14 ? 233 HOH A O   1 
HETATM 1479 O O   . HOH C 3 .   ? 1.577   -15.842 14.202  1.00 48.95 ? 234 HOH A O   1 
HETATM 1480 O O   . HOH C 3 .   ? 12.916  9.641   -3.862  1.00 38.44 ? 235 HOH A O   1 
HETATM 1481 O O   . HOH C 3 .   ? -2.501  -3.413  -11.232 1.00 30.75 ? 236 HOH A O   1 
HETATM 1482 O O   . HOH C 3 .   ? -9.200  -1.315  7.022   1.00 38.95 ? 237 HOH A O   1 
HETATM 1483 O O   . HOH C 3 .   ? -8.973  7.102   -0.609  1.00 23.56 ? 238 HOH A O   1 
HETATM 1484 O O   . HOH C 3 .   ? -10.338 0.887   -16.146 1.00 30.58 ? 239 HOH A O   1 
HETATM 1485 O O   . HOH C 3 .   ? -18.806 4.181   -6.687  1.00 44.65 ? 240 HOH A O   1 
HETATM 1486 O O   . HOH C 3 .   ? 11.824  6.390   -6.970  1.00 36.36 ? 241 HOH A O   1 
HETATM 1487 O O   . HOH C 3 .   ? -3.778  18.198  -13.422 1.00 37.55 ? 242 HOH A O   1 
HETATM 1488 O O   . HOH C 3 .   ? 0.426   19.595  -9.063  1.00 38.96 ? 243 HOH A O   1 
HETATM 1489 O O   . HOH C 3 .   ? 2.851   20.681  -5.505  1.00 41.97 ? 244 HOH A O   1 
HETATM 1490 O O   . HOH C 3 .   ? 8.912   6.126   -6.626  1.00 25.44 ? 245 HOH A O   1 
HETATM 1491 O O   . HOH C 3 .   ? -5.522  -15.318 -12.126 1.00 25.52 ? 246 HOH A O   1 
HETATM 1492 O O   . HOH C 3 .   ? -1.899  18.358  -12.061 1.00 32.28 ? 247 HOH A O   1 
HETATM 1493 O O   . HOH C 3 .   ? 13.697  6.391   2.362   1.00 23.96 ? 248 HOH A O   1 
HETATM 1494 O O   . HOH C 3 .   ? -7.010  -14.529 -2.250  1.00 33.95 ? 249 HOH A O   1 
HETATM 1495 O O   . HOH C 3 .   ? -6.962  -5.787  -7.267  1.00 24.94 ? 250 HOH A O   1 
HETATM 1496 O O   . HOH C 3 .   ? -12.557 13.621  3.911   1.00 43.90 ? 251 HOH A O   1 
HETATM 1497 O O   . HOH C 3 .   ? 2.901   -17.524 -3.960  1.00 22.10 ? 252 HOH A O   1 
HETATM 1498 O O   . HOH C 3 .   ? -12.834 -5.617  -4.063  1.00 19.84 ? 253 HOH A O   1 
HETATM 1499 O O   . HOH C 3 .   ? -7.286  15.049  -6.695  1.00 32.59 ? 254 HOH A O   1 
HETATM 1500 O O   . HOH C 3 .   ? 20.650  -6.706  4.258   1.00 26.82 ? 255 HOH A O   1 
HETATM 1501 O O   . HOH C 3 .   ? -7.410  -14.824 -7.629  1.00 30.24 ? 256 HOH A O   1 
HETATM 1502 O O   . HOH C 3 .   ? -10.670 -1.667  4.129   1.00 29.95 ? 257 HOH A O   1 
HETATM 1503 O O   . HOH C 3 .   ? -1.713  19.190  -6.495  1.00 30.83 ? 258 HOH A O   1 
HETATM 1504 O O   . HOH C 3 .   ? -5.612  13.627  -13.664 1.00 23.34 ? 259 HOH A O   1 
HETATM 1505 O O   . HOH C 3 .   ? 7.426   -12.682 10.333  1.00 35.03 ? 260 HOH A O   1 
HETATM 1506 O O   . HOH C 3 .   ? -4.146  -2.877  6.309   1.00 25.31 ? 261 HOH A O   1 
HETATM 1507 O O   . HOH C 3 .   ? 7.870   4.161   -8.041  1.00 23.94 ? 262 HOH A O   1 
HETATM 1508 O O   . HOH C 3 .   ? -15.451 7.826   -10.877 1.00 35.36 ? 263 HOH A O   1 
HETATM 1509 O O   . HOH C 3 .   ? -0.965  -9.905  -9.940  1.00 23.20 ? 264 HOH A O   1 
HETATM 1510 O O   . HOH C 3 .   ? 12.607  -7.616  11.140  1.00 36.90 ? 265 HOH A O   1 
HETATM 1511 O O   . HOH C 3 .   ? -7.051  3.911   -9.387  1.00 15.64 ? 266 HOH A O   1 
HETATM 1512 O O   . HOH C 3 .   ? -4.354  -18.307 -8.045  1.00 28.54 ? 267 HOH A O   1 
HETATM 1513 O O   . HOH C 3 .   ? 7.111   -17.363 9.582   1.00 36.01 ? 268 HOH A O   1 
HETATM 1514 O O   . HOH C 3 .   ? 16.910  -15.668 -1.330  1.00 45.00 ? 269 HOH A O   1 
HETATM 1515 O O   . HOH C 3 .   ? 2.572   11.314  -12.353 1.00 19.57 ? 270 HOH A O   1 
HETATM 1516 O O   . HOH C 3 .   ? -10.820 8.612   -1.100  1.00 33.62 ? 271 HOH A O   1 
HETATM 1517 O O   . HOH C 3 .   ? -14.104 9.445   -15.833 1.00 40.24 ? 272 HOH A O   1 
HETATM 1518 O O   . HOH C 3 .   ? -18.495 5.178   -3.847  1.00 43.73 ? 273 HOH A O   1 
HETATM 1519 O O   . HOH C 3 .   ? -7.341  1.129   -13.296 1.00 22.07 ? 274 HOH A O   1 
HETATM 1520 O O   . HOH C 3 .   ? -4.754  0.112   -14.807 1.00 29.52 ? 275 HOH A O   1 
HETATM 1521 O O   . HOH C 3 .   ? -8.875  -3.765  -12.825 1.00 33.28 ? 276 HOH A O   1 
HETATM 1522 O O   . HOH C 3 .   ? -2.473  0.336   5.598   1.00 27.08 ? 277 HOH A O   1 
HETATM 1523 O O   . HOH C 3 .   ? 11.722  -15.469 -0.142  1.00 38.18 ? 278 HOH A O   1 
HETATM 1524 O O   . HOH C 3 .   ? 10.803  12.882  0.130   1.00 29.41 ? 279 HOH A O   1 
HETATM 1525 O O   . HOH C 3 .   ? -12.212 6.999   9.902   1.00 34.72 ? 280 HOH A O   1 
HETATM 1526 O O   . HOH C 3 .   ? -10.384 9.490   10.573  1.00 26.29 ? 281 HOH A O   1 
HETATM 1527 O O   . HOH C 3 .   ? -4.703  -2.320  12.945  1.00 30.04 ? 282 HOH A O   1 
HETATM 1528 O O   . HOH C 3 .   ? 16.936  -2.767  3.200   1.00 30.00 ? 283 HOH A O   1 
HETATM 1529 O O   . HOH C 3 .   ? -3.944  10.109  16.042  1.00 36.32 ? 284 HOH A O   1 
HETATM 1530 O O   . HOH C 3 .   ? 4.657   13.159  -11.302 1.00 19.90 ? 285 HOH A O   1 
HETATM 1531 O O   . HOH C 3 .   ? -12.584 15.782  -10.245 1.00 44.21 ? 286 HOH A O   1 
HETATM 1532 O O   . HOH C 3 .   ? 18.707  0.694   -5.045  0.50 24.08 ? 287 HOH A O   1 
HETATM 1533 O O   . HOH C 3 .   ? 9.700   -10.996 9.692   1.00 27.64 ? 288 HOH A O   1 
HETATM 1534 O O   . HOH C 3 .   ? -13.825 5.819   0.048   1.00 38.53 ? 289 HOH A O   1 
HETATM 1535 O O   . HOH C 3 .   ? -7.218  -5.613  -13.722 1.00 40.02 ? 290 HOH A O   1 
HETATM 1536 O O   . HOH C 3 .   ? 15.419  -0.039  9.084   1.00 34.96 ? 291 HOH A O   1 
HETATM 1537 O O   . HOH C 3 .   ? -4.736  2.977   4.303   1.00 26.68 ? 292 HOH A O   1 
HETATM 1538 O O   . HOH C 3 .   ? -4.259  -6.306  14.445  1.00 37.89 ? 293 HOH A O   1 
HETATM 1539 O O   . HOH C 3 .   ? 17.812  -6.257  6.031   1.00 32.30 ? 294 HOH A O   1 
HETATM 1540 O O   . HOH C 3 .   ? -1.964  3.112   7.911   1.00 38.09 ? 295 HOH A O   1 
HETATM 1541 O O   . HOH C 3 .   ? 3.154   -16.205 -6.496  1.00 36.87 ? 296 HOH A O   1 
HETATM 1542 O O   . HOH C 3 .   ? 0.359   -13.937 14.658  1.00 44.98 ? 297 HOH A O   1 
HETATM 1543 O O   . HOH C 3 .   ? -4.238  -18.693 -5.338  1.00 35.80 ? 298 HOH A O   1 
HETATM 1544 O O   . HOH C 3 .   ? -9.251  -9.266  4.144   1.00 34.68 ? 299 HOH A O   1 
HETATM 1545 O O   . HOH C 3 .   ? -1.961  3.293   5.063   1.00 25.55 ? 300 HOH A O   1 
HETATM 1546 O O   . HOH C 3 .   ? -1.473  -8.023  -11.696 1.00 27.19 ? 301 HOH A O   1 
HETATM 1547 O O   . HOH C 3 .   ? 3.429   19.299  -8.572  1.00 39.65 ? 302 HOH A O   1 
HETATM 1548 O O   . HOH C 3 .   ? 15.655  -2.975  9.650   1.00 34.12 ? 303 HOH A O   1 
HETATM 1549 O O   . HOH C 3 .   ? -14.163 16.250  -7.376  1.00 42.92 ? 304 HOH A O   1 
HETATM 1550 O O   . HOH C 3 .   ? 7.805   3.756   -11.051 1.00 35.35 ? 305 HOH A O   1 
HETATM 1551 O O   . HOH C 3 .   ? -7.068  -5.249  12.975  1.00 39.06 ? 306 HOH A O   1 
HETATM 1552 O O   . HOH C 3 .   ? 5.400   -17.468 7.904   1.00 37.99 ? 307 HOH A O   1 
HETATM 1553 O O   . HOH C 3 .   ? 20.634  -4.875  -2.901  1.00 31.61 ? 308 HOH A O   1 
HETATM 1554 O O   . HOH C 3 .   ? 18.409  -8.479  7.770   1.00 33.98 ? 309 HOH A O   1 
HETATM 1555 O O   . HOH C 3 .   ? -15.096 -7.210  -3.570  1.00 32.71 ? 310 HOH A O   1 
HETATM 1556 O O   . HOH C 3 .   ? -16.387 -4.938  -12.599 1.00 37.09 ? 311 HOH A O   1 
HETATM 1557 O O   . HOH C 3 .   ? 8.603   -15.233 10.033  1.00 38.69 ? 312 HOH A O   1 
HETATM 1558 O O   . HOH C 3 .   ? 10.615  -14.110 -2.100  1.00 31.44 ? 313 HOH A O   1 
HETATM 1559 O O   . HOH C 3 .   ? -13.103 4.989   21.342  1.00 34.00 ? 314 HOH A O   1 
HETATM 1560 O O   . HOH C 3 .   ? 16.569  -1.652  7.622   1.00 39.59 ? 315 HOH A O   1 
HETATM 1561 O O   . HOH C 3 .   ? -6.455  -17.090 -9.102  1.00 30.29 ? 316 HOH A O   1 
HETATM 1562 O O   . HOH C 3 .   ? 10.387  -9.615  11.966  1.00 40.41 ? 317 HOH A O   1 
HETATM 1563 O O   . HOH C 3 .   ? 12.182  12.761  -1.883  1.00 41.10 ? 318 HOH A O   1 
HETATM 1564 O O   . HOH C 3 .   ? -5.776  -4.879  19.675  1.00 49.44 ? 319 HOH A O   1 
HETATM 1565 O O   . HOH C 3 .   ? 0.749   19.065  -12.282 1.00 41.09 ? 320 HOH A O   1 
HETATM 1566 O O   . HOH C 3 .   ? 18.335  -3.667  7.309   0.50 35.13 ? 321 HOH A O   1 
HETATM 1567 O O   . HOH C 3 .   ? -11.195 -11.759 4.500   1.00 39.18 ? 322 HOH A O   1 
HETATM 1568 O O   . HOH C 3 .   ? -18.128 -1.262  9.858   1.00 49.41 ? 323 HOH A O   1 
HETATM 1569 O O   . HOH C 3 .   ? -7.674  -1.464  -14.072 1.00 38.14 ? 324 HOH A O   1 
HETATM 1570 O O   . HOH D 3 .   ? 1.290   2.244   19.839  1.00 37.99 ? 201 HOH B O   1 
HETATM 1571 O O   . HOH D 3 .   ? -3.902  13.727  12.816  1.00 36.85 ? 202 HOH B O   1 
HETATM 1572 O O   . HOH D 3 .   ? -1.490  5.570   15.126  1.00 30.60 ? 203 HOH B O   1 
HETATM 1573 O O   . HOH D 3 .   ? 2.545   -10.736 15.060  1.00 40.49 ? 204 HOH B O   1 
HETATM 1574 O O   . HOH D 3 .   ? 7.972   -1.357  16.471  1.00 41.60 ? 205 HOH B O   1 
HETATM 1575 O O   . HOH D 3 .   ? 0.081   0.374   18.712  1.00 25.00 ? 206 HOH B O   1 
HETATM 1576 O O   . HOH D 3 .   ? 9.913   2.747   13.262  1.00 38.25 ? 207 HOH B O   1 
HETATM 1577 O O   . HOH D 3 .   ? 5.569   -4.405  20.294  1.00 40.69 ? 208 HOH B O   1 
HETATM 1578 O O   . HOH D 3 .   ? 6.582   7.460   13.622  1.00 36.23 ? 209 HOH B O   1 
HETATM 1579 O O   . HOH D 3 .   ? 1.283   -10.645 17.277  1.00 49.75 ? 210 HOH B O   1 
HETATM 1580 O O   . HOH D 3 .   ? 8.826   -5.273  11.542  1.00 24.86 ? 211 HOH B O   1 
HETATM 1581 O O   . HOH D 3 .   ? 3.278   5.575   16.223  1.00 31.11 ? 212 HOH B O   1 
HETATM 1582 O O   . HOH D 3 .   ? 5.821   9.905   12.269  1.00 39.96 ? 213 HOH B O   1 
HETATM 1583 O O   . HOH D 3 .   ? 6.866   0.709   16.231  1.00 40.81 ? 214 HOH B O   1 
HETATM 1584 O O   . HOH D 3 .   ? 7.742   10.215  7.638   1.00 39.04 ? 215 HOH B O   1 
HETATM 1585 O O   . HOH D 3 .   ? 0.253   -1.746  20.694  1.00 28.62 ? 216 HOH B O   1 
HETATM 1586 O O   . HOH D 3 .   ? 8.624   2.373   17.014  1.00 43.63 ? 217 HOH B O   1 
# 
